data_6ARJ
#
_entry.id   6ARJ
#
_cell.length_a   75.164
_cell.length_b   98.802
_cell.length_c   208.293
_cell.angle_alpha   90.000
_cell.angle_beta   90.000
_cell.angle_gamma   90.000
#
_symmetry.space_group_name_H-M   'P 21 21 2'
#
loop_
_entity.id
_entity.type
_entity.pdbx_description
1 polymer 'Histone-arginine methyltransferase CARM1'
2 non-polymer S-ADENOSYL-L-HOMOCYSTEINE
3 non-polymer 'methyl 2-[2-{2-chloro-5-[(2R)-2-hydroxy-3-(methylamino)propoxy]phenyl}-6-(3,5-dimethyl-1,2-oxazol-4-yl)-5-methylpyrimidin-4-yl]-2,7-diazaspiro[3.5]nonane-7-carboxylate'
4 non-polymer GLYCEROL
5 non-polymer 'SULFATE ION'
6 water water
#
_entity_poly.entity_id   1
_entity_poly.type   'polypeptide(L)'
_entity_poly.pdbx_seq_one_letter_code
;SIARSVFSERTEESSAVQYFQFYGYLSQQQNMMQDYVRTGTYQRAILQNHTDFKDKIVLDVGCGSGILSFFAAQAGARKI
YAVEASTMAQHAEVLVKSNNLTDRIVVIPGKVEEVSLPEQVDIIISEPMGYMLFNERMLESYLHAKKYLKPSGNMFPTIG
DVHLAPFTDEQLYMEQFTKANFWYQPSFHGVDLSALRGAAVDEYFRQPVVDTFDIRILMAKSVKYTVNFLEAKEGDLHRI
EIPFKFHMLHSGLVHGLAFWFDVAFIGSIMTVWLSTAPTEPLTHWYQVRCLFQSPLFAKAGDTLSGTCLLIANKRQSYDI
SIVAQVDQTGSKSSNLLDLKNPFFRYTGT
;
_entity_poly.pdbx_strand_id   A,B,C,D
#
# COMPACT_ATOMS: atom_id res chain seq x y z
N ARG A 4 -20.72 -17.40 40.69
CA ARG A 4 -20.13 -16.91 41.96
C ARG A 4 -20.43 -15.42 42.16
N SER A 5 -19.48 -14.56 41.80
CA SER A 5 -19.59 -13.12 42.06
C SER A 5 -20.00 -12.34 40.80
N VAL A 6 -20.27 -11.04 40.97
CA VAL A 6 -20.55 -10.18 39.82
C VAL A 6 -19.35 -10.23 38.86
N PHE A 7 -18.14 -10.23 39.43
CA PHE A 7 -16.94 -10.28 38.61
C PHE A 7 -16.82 -11.57 37.80
N SER A 8 -16.86 -12.72 38.46
CA SER A 8 -16.57 -13.96 37.74
C SER A 8 -17.67 -14.23 36.69
N GLU A 9 -18.89 -13.79 36.96
CA GLU A 9 -19.99 -13.93 36.00
C GLU A 9 -19.79 -13.17 34.69
N ARG A 10 -19.08 -12.04 34.74
N ARG A 10 -19.07 -12.04 34.72
CA ARG A 10 -18.83 -11.23 33.54
CA ARG A 10 -18.82 -11.25 33.49
C ARG A 10 -17.42 -11.42 32.97
C ARG A 10 -17.43 -11.48 32.92
N THR A 11 -16.62 -12.30 33.59
CA THR A 11 -15.19 -12.42 33.22
C THR A 11 -14.79 -13.85 32.93
N GLU A 12 -14.30 -14.10 31.72
CA GLU A 12 -13.67 -15.36 31.38
C GLU A 12 -12.49 -15.64 32.33
N GLU A 13 -12.41 -16.86 32.86
CA GLU A 13 -11.35 -17.15 33.81
C GLU A 13 -9.97 -16.95 33.22
N SER A 14 -9.79 -17.39 31.97
N SER A 14 -9.78 -17.39 31.98
CA SER A 14 -8.55 -17.22 31.24
CA SER A 14 -8.50 -17.19 31.30
C SER A 14 -8.11 -15.74 31.13
C SER A 14 -8.10 -15.71 31.20
N SER A 15 -9.08 -14.84 30.97
CA SER A 15 -8.82 -13.39 30.96
C SER A 15 -8.39 -12.87 32.33
N ALA A 16 -9.15 -13.24 33.37
CA ALA A 16 -8.86 -12.78 34.74
C ALA A 16 -7.46 -13.22 35.19
N VAL A 17 -7.11 -14.50 34.97
CA VAL A 17 -5.76 -14.99 35.34
C VAL A 17 -4.63 -14.13 34.74
N GLN A 18 -4.68 -13.91 33.43
CA GLN A 18 -3.68 -13.13 32.70
C GLN A 18 -3.63 -11.68 33.21
N TYR A 19 -4.80 -11.13 33.48
CA TYR A 19 -4.96 -9.77 33.90
C TYR A 19 -4.31 -9.53 35.27
N PHE A 20 -4.61 -10.40 36.24
CA PHE A 20 -4.01 -10.19 37.56
C PHE A 20 -2.54 -10.59 37.63
N GLN A 21 -2.14 -11.49 36.74
CA GLN A 21 -0.73 -11.82 36.57
C GLN A 21 0.05 -10.57 36.12
N PHE A 22 -0.47 -9.89 35.12
CA PHE A 22 0.11 -8.62 34.64
C PHE A 22 0.36 -7.61 35.75
N TYR A 23 -0.64 -7.42 36.60
CA TYR A 23 -0.53 -6.43 37.68
C TYR A 23 0.25 -6.91 38.88
N GLY A 24 0.50 -8.22 38.97
CA GLY A 24 1.28 -8.74 40.09
C GLY A 24 2.77 -8.48 39.92
N TYR A 25 3.20 -7.92 38.79
CA TYR A 25 4.62 -7.58 38.59
C TYR A 25 4.95 -6.20 39.14
N LEU A 26 6.01 -6.13 39.95
CA LEU A 26 6.53 -4.85 40.46
C LEU A 26 6.87 -3.92 39.33
N SER A 27 7.37 -4.49 38.23
CA SER A 27 7.77 -3.68 37.09
C SER A 27 6.58 -2.96 36.48
N GLN A 28 5.43 -3.63 36.47
CA GLN A 28 4.22 -2.96 36.00
C GLN A 28 3.70 -1.85 36.94
N GLN A 29 3.74 -2.08 38.25
CA GLN A 29 3.34 -1.04 39.20
C GLN A 29 4.26 0.19 39.03
N GLN A 30 5.55 -0.09 38.86
CA GLN A 30 6.55 0.96 38.62
C GLN A 30 6.22 1.78 37.37
N ASN A 31 5.85 1.10 36.29
CA ASN A 31 5.48 1.76 35.03
C ASN A 31 4.40 2.82 35.22
N MET A 32 3.36 2.45 35.95
CA MET A 32 2.29 3.39 36.29
C MET A 32 2.78 4.46 37.28
N MET A 33 3.52 4.04 38.32
CA MET A 33 3.94 4.97 39.39
C MET A 33 4.86 6.06 38.81
N GLN A 34 5.71 5.65 37.88
CA GLN A 34 6.71 6.53 37.25
C GLN A 34 6.13 7.53 36.29
N ASP A 35 4.88 7.33 35.86
CA ASP A 35 4.19 8.35 35.03
C ASP A 35 3.95 9.56 35.96
N TYR A 36 4.84 10.56 35.90
CA TYR A 36 4.74 11.66 36.86
C TYR A 36 3.48 12.52 36.68
N VAL A 37 3.03 12.71 35.45
CA VAL A 37 1.78 13.45 35.25
C VAL A 37 0.61 12.75 35.99
N ARG A 38 0.53 11.43 35.85
CA ARG A 38 -0.52 10.63 36.49
C ARG A 38 -0.39 10.69 38.00
N THR A 39 0.77 10.31 38.51
CA THR A 39 0.93 10.09 39.94
C THR A 39 0.94 11.44 40.67
N GLY A 40 1.62 12.42 40.07
CA GLY A 40 1.68 13.77 40.64
C GLY A 40 0.31 14.44 40.65
N THR A 41 -0.47 14.24 39.59
CA THR A 41 -1.83 14.81 39.54
C THR A 41 -2.76 14.16 40.59
N TYR A 42 -2.74 12.83 40.69
CA TYR A 42 -3.45 12.14 41.76
C TYR A 42 -3.08 12.70 43.13
N GLN A 43 -1.78 12.88 43.39
CA GLN A 43 -1.36 13.40 44.69
C GLN A 43 -1.88 14.81 44.94
N ARG A 44 -1.83 15.65 43.90
CA ARG A 44 -2.31 17.02 44.00
C ARG A 44 -3.84 17.08 44.23
N ALA A 45 -4.59 16.34 43.42
CA ALA A 45 -6.03 16.20 43.60
C ALA A 45 -6.39 15.84 45.05
N ILE A 46 -5.62 14.94 45.65
CA ILE A 46 -5.91 14.43 46.98
C ILE A 46 -5.47 15.43 48.05
N LEU A 47 -4.21 15.89 47.96
CA LEU A 47 -3.68 16.83 48.96
C LEU A 47 -4.33 18.21 48.92
N GLN A 48 -4.65 18.70 47.73
CA GLN A 48 -5.28 20.02 47.63
C GLN A 48 -6.74 19.99 48.06
N ASN A 49 -7.34 18.79 48.08
CA ASN A 49 -8.67 18.60 48.66
C ASN A 49 -8.62 17.87 50.01
N HIS A 50 -7.72 18.32 50.88
CA HIS A 50 -7.47 17.63 52.12
C HIS A 50 -8.72 17.48 52.99
N THR A 51 -9.59 18.50 53.01
CA THR A 51 -10.83 18.42 53.81
C THR A 51 -11.76 17.28 53.37
N ASP A 52 -11.59 16.80 52.13
CA ASP A 52 -12.30 15.59 51.68
C ASP A 52 -11.74 14.28 52.22
N PHE A 53 -10.60 14.34 52.89
CA PHE A 53 -9.96 13.15 53.40
C PHE A 53 -9.80 13.19 54.91
N LYS A 54 -9.58 14.39 55.45
CA LYS A 54 -9.25 14.57 56.87
C LYS A 54 -10.29 13.91 57.74
N ASP A 55 -9.85 12.95 58.55
CA ASP A 55 -10.67 12.19 59.49
C ASP A 55 -11.75 11.37 58.83
N LYS A 56 -11.62 11.13 57.51
CA LYS A 56 -12.58 10.33 56.76
C LYS A 56 -12.19 8.86 56.55
N ILE A 57 -13.19 8.05 56.15
CA ILE A 57 -12.98 6.63 55.80
C ILE A 57 -12.91 6.54 54.28
N VAL A 58 -11.91 5.83 53.77
CA VAL A 58 -11.59 5.82 52.34
C VAL A 58 -11.55 4.40 51.83
N LEU A 59 -12.03 4.19 50.61
CA LEU A 59 -11.81 2.94 49.89
C LEU A 59 -10.93 3.21 48.66
N ASP A 60 -9.82 2.47 48.56
CA ASP A 60 -8.94 2.48 47.38
C ASP A 60 -9.19 1.20 46.58
N VAL A 61 -9.76 1.36 45.39
CA VAL A 61 -10.16 0.21 44.58
C VAL A 61 -9.02 -0.16 43.65
N GLY A 62 -8.38 -1.31 43.91
CA GLY A 62 -7.22 -1.76 43.14
C GLY A 62 -5.99 -0.98 43.55
N CYS A 63 -5.57 -1.15 44.81
CA CYS A 63 -4.52 -0.27 45.37
C CYS A 63 -3.12 -0.47 44.78
N GLY A 64 -2.89 -1.59 44.11
CA GLY A 64 -1.56 -1.85 43.53
C GLY A 64 -0.50 -1.81 44.62
N SER A 65 0.53 -0.97 44.42
CA SER A 65 1.59 -0.74 45.40
C SER A 65 1.08 -0.15 46.71
N GLY A 66 -0.08 0.51 46.63
CA GLY A 66 -0.65 1.19 47.79
C GLY A 66 -0.55 2.68 47.61
N ILE A 67 0.10 3.13 46.54
CA ILE A 67 0.42 4.55 46.33
C ILE A 67 -0.73 5.53 46.62
N LEU A 68 -1.94 5.29 46.09
CA LEU A 68 -3.05 6.23 46.28
C LEU A 68 -3.53 6.26 47.74
N SER A 69 -3.50 5.11 48.40
CA SER A 69 -3.76 5.04 49.82
C SER A 69 -2.76 5.82 50.65
N PHE A 70 -1.47 5.79 50.27
CA PHE A 70 -0.53 6.65 50.97
C PHE A 70 -0.90 8.11 50.84
N PHE A 71 -1.37 8.54 49.68
CA PHE A 71 -1.74 9.92 49.50
C PHE A 71 -2.96 10.31 50.35
N ALA A 72 -3.95 9.42 50.43
CA ALA A 72 -5.09 9.65 51.35
C ALA A 72 -4.64 9.75 52.81
N ALA A 73 -3.65 8.95 53.22
CA ALA A 73 -3.12 8.98 54.59
C ALA A 73 -2.39 10.31 54.83
N GLN A 74 -1.62 10.74 53.84
CA GLN A 74 -0.98 12.05 53.86
C GLN A 74 -1.97 13.19 54.04
N ALA A 75 -3.12 13.09 53.38
CA ALA A 75 -4.20 14.08 53.52
C ALA A 75 -5.05 13.94 54.81
N GLY A 76 -4.68 13.00 55.68
CA GLY A 76 -5.27 12.91 57.01
C GLY A 76 -6.43 11.94 57.22
N ALA A 77 -6.65 11.04 56.26
CA ALA A 77 -7.72 10.03 56.40
C ALA A 77 -7.59 9.20 57.68
N ARG A 78 -8.74 8.86 58.28
CA ARG A 78 -8.75 8.09 59.52
C ARG A 78 -8.49 6.62 59.24
N LYS A 79 -9.11 6.12 58.18
CA LYS A 79 -9.00 4.72 57.83
C LYS A 79 -9.10 4.58 56.33
N ILE A 80 -8.24 3.75 55.77
CA ILE A 80 -8.26 3.52 54.33
C ILE A 80 -8.27 2.02 54.08
N TYR A 81 -9.31 1.52 53.42
CA TYR A 81 -9.36 0.11 53.02
C TYR A 81 -8.82 0.01 51.60
N ALA A 82 -7.71 -0.73 51.45
CA ALA A 82 -6.98 -0.79 50.19
C ALA A 82 -7.15 -2.19 49.62
N VAL A 83 -8.02 -2.30 48.63
CA VAL A 83 -8.45 -3.58 48.08
C VAL A 83 -7.66 -3.90 46.82
N GLU A 84 -7.11 -5.10 46.75
CA GLU A 84 -6.28 -5.47 45.59
C GLU A 84 -6.36 -6.97 45.36
N ALA A 85 -6.64 -7.37 44.13
CA ALA A 85 -6.95 -8.77 43.81
C ALA A 85 -5.73 -9.51 43.28
N SER A 86 -4.70 -8.77 42.84
CA SER A 86 -3.46 -9.45 42.44
C SER A 86 -2.57 -9.78 43.65
N THR A 87 -1.48 -10.52 43.39
CA THR A 87 -0.45 -10.81 44.40
C THR A 87 0.33 -9.56 44.86
N MET A 88 0.12 -8.43 44.17
CA MET A 88 0.64 -7.15 44.61
C MET A 88 0.15 -6.76 46.00
N ALA A 89 -0.97 -7.34 46.44
CA ALA A 89 -1.54 -6.99 47.74
C ALA A 89 -0.51 -7.25 48.85
N GLN A 90 0.24 -8.34 48.70
CA GLN A 90 1.24 -8.76 49.70
C GLN A 90 2.40 -7.74 49.74
N HIS A 91 2.78 -7.19 48.59
CA HIS A 91 3.77 -6.10 48.56
C HIS A 91 3.24 -4.79 49.15
N ALA A 92 1.96 -4.48 48.89
CA ALA A 92 1.38 -3.31 49.52
C ALA A 92 1.42 -3.41 51.05
N GLU A 93 1.11 -4.58 51.60
N GLU A 93 1.11 -4.60 51.57
CA GLU A 93 1.15 -4.75 53.06
CA GLU A 93 1.14 -4.88 53.02
C GLU A 93 2.55 -4.54 53.61
C GLU A 93 2.52 -4.58 53.59
N VAL A 94 3.56 -5.04 52.88
CA VAL A 94 4.97 -4.77 53.24
C VAL A 94 5.25 -3.28 53.35
N LEU A 95 4.79 -2.50 52.37
CA LEU A 95 5.02 -1.06 52.41
C LEU A 95 4.26 -0.35 53.50
N VAL A 96 3.05 -0.81 53.77
CA VAL A 96 2.29 -0.20 54.84
C VAL A 96 3.03 -0.37 56.18
N LYS A 97 3.55 -1.57 56.45
CA LYS A 97 4.32 -1.82 57.66
C LYS A 97 5.60 -0.98 57.68
N SER A 98 6.34 -0.97 56.58
CA SER A 98 7.61 -0.25 56.56
C SER A 98 7.42 1.26 56.63
N ASN A 99 6.25 1.76 56.19
CA ASN A 99 5.92 3.18 56.35
C ASN A 99 5.18 3.54 57.64
N ASN A 100 5.09 2.59 58.56
CA ASN A 100 4.48 2.83 59.89
C ASN A 100 3.07 3.38 59.81
N LEU A 101 2.27 2.79 58.91
CA LEU A 101 0.89 3.19 58.69
C LEU A 101 -0.12 2.03 58.90
N THR A 102 0.28 1.04 59.71
CA THR A 102 -0.54 -0.11 60.08
C THR A 102 -1.87 0.31 60.77
N ASP A 103 -1.85 1.44 61.44
CA ASP A 103 -3.04 1.92 62.13
C ASP A 103 -4.03 2.62 61.19
N ARG A 104 -3.63 2.89 59.96
CA ARG A 104 -4.50 3.66 59.06
C ARG A 104 -4.81 3.06 57.73
N ILE A 105 -3.88 2.28 57.18
CA ILE A 105 -4.14 1.65 55.90
C ILE A 105 -4.32 0.16 56.12
N VAL A 106 -5.51 -0.33 55.76
CA VAL A 106 -5.78 -1.76 55.88
C VAL A 106 -5.90 -2.41 54.52
N VAL A 107 -4.93 -3.25 54.17
CA VAL A 107 -4.95 -3.91 52.89
C VAL A 107 -5.94 -5.08 52.99
N ILE A 108 -6.79 -5.21 51.99
CA ILE A 108 -7.76 -6.29 51.91
C ILE A 108 -7.56 -7.03 50.58
N PRO A 109 -6.95 -8.23 50.63
CA PRO A 109 -6.66 -8.95 49.40
C PRO A 109 -7.97 -9.49 48.81
N GLY A 110 -8.11 -9.37 47.51
CA GLY A 110 -9.29 -9.91 46.83
C GLY A 110 -9.94 -8.93 45.85
N LYS A 111 -10.97 -9.40 45.15
CA LYS A 111 -11.69 -8.56 44.20
C LYS A 111 -12.65 -7.67 44.98
N VAL A 112 -12.80 -6.41 44.55
CA VAL A 112 -13.71 -5.50 45.25
C VAL A 112 -15.16 -6.02 45.22
N GLU A 113 -15.46 -6.85 44.24
CA GLU A 113 -16.78 -7.48 44.08
C GLU A 113 -17.00 -8.64 45.05
N GLU A 114 -15.92 -9.13 45.67
CA GLU A 114 -15.96 -10.34 46.52
C GLU A 114 -15.58 -10.16 47.99
N VAL A 115 -14.83 -9.11 48.31
CA VAL A 115 -14.39 -8.89 49.69
C VAL A 115 -15.51 -8.34 50.58
N SER A 116 -15.30 -8.34 51.90
CA SER A 116 -16.23 -7.70 52.82
C SER A 116 -15.54 -6.54 53.49
N LEU A 117 -16.09 -5.35 53.40
CA LEU A 117 -15.52 -4.21 54.10
C LEU A 117 -16.25 -4.04 55.42
N PRO A 118 -15.52 -3.65 56.48
CA PRO A 118 -16.04 -3.46 57.84
C PRO A 118 -17.08 -2.35 58.00
N GLU A 119 -17.15 -1.43 57.05
CA GLU A 119 -17.98 -0.25 57.24
C GLU A 119 -18.13 0.46 55.90
N GLN A 120 -19.05 1.41 55.83
CA GLN A 120 -19.24 2.25 54.67
C GLN A 120 -18.20 3.36 54.65
N VAL A 121 -17.95 3.91 53.47
CA VAL A 121 -16.86 4.87 53.32
C VAL A 121 -17.37 6.23 52.87
N ASP A 122 -16.58 7.27 53.17
CA ASP A 122 -16.91 8.63 52.78
C ASP A 122 -16.51 8.90 51.34
N ILE A 123 -15.45 8.23 50.88
CA ILE A 123 -14.91 8.51 49.56
C ILE A 123 -14.20 7.30 49.01
N ILE A 124 -14.34 7.10 47.70
CA ILE A 124 -13.69 6.02 47.00
C ILE A 124 -12.67 6.64 46.07
N ILE A 125 -11.41 6.17 46.14
CA ILE A 125 -10.37 6.60 45.20
C ILE A 125 -9.98 5.40 44.34
N SER A 126 -9.67 5.62 43.07
CA SER A 126 -9.15 4.54 42.26
C SER A 126 -8.43 5.10 41.06
N GLU A 127 -7.55 4.31 40.49
CA GLU A 127 -7.10 4.55 39.13
C GLU A 127 -7.53 3.38 38.28
N PRO A 128 -8.75 3.45 37.72
CA PRO A 128 -9.33 2.32 37.00
C PRO A 128 -9.34 2.50 35.50
N MET A 129 -8.66 3.53 34.98
CA MET A 129 -8.73 3.84 33.55
C MET A 129 -7.83 2.96 32.71
N GLY A 130 -8.39 2.34 31.68
CA GLY A 130 -7.56 1.59 30.74
C GLY A 130 -7.17 2.49 29.59
N TYR A 131 -6.37 1.97 28.65
CA TYR A 131 -6.18 2.71 27.42
C TYR A 131 -7.56 2.92 26.75
N MET A 132 -7.74 4.05 26.07
CA MET A 132 -9.04 4.45 25.50
C MET A 132 -10.13 4.52 26.58
N LEU A 133 -9.68 4.74 27.81
CA LEU A 133 -10.50 4.80 29.02
C LEU A 133 -11.14 3.47 29.43
N PHE A 134 -11.82 2.85 28.48
CA PHE A 134 -12.72 1.73 28.77
C PHE A 134 -12.06 0.36 28.79
N ASN A 135 -10.86 0.22 28.22
CA ASN A 135 -10.15 -1.07 28.33
C ASN A 135 -10.04 -1.49 29.79
N GLU A 136 -10.14 -2.81 30.02
CA GLU A 136 -10.01 -3.48 31.34
C GLU A 136 -11.35 -3.76 32.03
N ARG A 137 -12.38 -2.95 31.72
CA ARG A 137 -13.67 -2.97 32.43
C ARG A 137 -13.50 -2.74 33.92
N MET A 138 -12.39 -2.09 34.31
CA MET A 138 -12.22 -1.79 35.72
C MET A 138 -13.13 -0.64 36.16
N LEU A 139 -13.55 0.21 35.24
CA LEU A 139 -14.54 1.25 35.57
C LEU A 139 -15.75 0.65 36.25
N GLU A 140 -16.14 -0.55 35.83
CA GLU A 140 -17.30 -1.22 36.40
C GLU A 140 -17.04 -1.71 37.82
N SER A 141 -15.79 -2.11 38.11
CA SER A 141 -15.40 -2.47 39.50
C SER A 141 -15.48 -1.23 40.39
N TYR A 142 -15.00 -0.11 39.85
CA TYR A 142 -15.05 1.18 40.54
C TYR A 142 -16.51 1.57 40.81
N LEU A 143 -17.39 1.37 39.84
CA LEU A 143 -18.80 1.70 40.03
C LEU A 143 -19.44 0.69 40.99
N HIS A 144 -19.06 -0.57 40.89
CA HIS A 144 -19.59 -1.59 41.79
C HIS A 144 -19.34 -1.25 43.26
N ALA A 145 -18.18 -0.64 43.49
CA ALA A 145 -17.69 -0.31 44.82
C ALA A 145 -18.58 0.70 45.51
N LYS A 146 -19.42 1.39 44.75
CA LYS A 146 -20.36 2.33 45.38
C LYS A 146 -21.35 1.68 46.37
N LYS A 147 -21.45 0.35 46.37
CA LYS A 147 -22.22 -0.34 47.41
C LYS A 147 -21.73 0.02 48.82
N TYR A 148 -20.45 0.42 48.92
CA TYR A 148 -19.85 0.86 50.19
C TYR A 148 -19.82 2.36 50.45
N LEU A 149 -20.31 3.15 49.50
CA LEU A 149 -20.28 4.58 49.61
C LEU A 149 -21.45 5.11 50.44
N LYS A 150 -21.12 5.93 51.45
CA LYS A 150 -22.15 6.59 52.24
C LYS A 150 -23.02 7.51 51.37
N PRO A 151 -24.28 7.77 51.80
CA PRO A 151 -25.08 8.69 50.99
C PRO A 151 -24.30 10.00 50.86
N SER A 152 -24.28 10.57 49.67
CA SER A 152 -23.52 11.80 49.43
C SER A 152 -22.00 11.65 49.61
N GLY A 153 -21.49 10.43 49.56
CA GLY A 153 -20.02 10.27 49.51
C GLY A 153 -19.49 10.70 48.15
N ASN A 154 -18.17 10.80 48.00
CA ASN A 154 -17.58 11.31 46.78
C ASN A 154 -16.74 10.22 46.12
N MET A 155 -16.38 10.48 44.87
CA MET A 155 -15.59 9.57 44.05
CA MET A 155 -15.52 9.58 44.14
C MET A 155 -14.44 10.37 43.45
N PHE A 156 -13.21 9.85 43.55
CA PHE A 156 -12.02 10.48 43.01
C PHE A 156 -11.32 9.47 42.11
N PRO A 157 -11.45 9.59 40.77
CA PRO A 157 -12.06 10.65 39.97
C PRO A 157 -13.58 10.60 40.00
N THR A 158 -14.18 11.74 39.68
CA THR A 158 -15.62 11.97 39.78
C THR A 158 -16.29 11.79 38.45
N ILE A 159 -15.64 12.29 37.39
CA ILE A 159 -16.16 12.15 36.06
C ILE A 159 -15.03 11.75 35.10
N GLY A 160 -15.39 11.15 33.99
CA GLY A 160 -14.43 10.86 32.93
C GLY A 160 -15.03 11.31 31.60
N ASP A 161 -14.22 11.98 30.80
CA ASP A 161 -14.63 12.42 29.45
C ASP A 161 -13.79 11.68 28.43
N VAL A 162 -14.42 10.98 27.49
CA VAL A 162 -13.73 10.47 26.32
C VAL A 162 -13.94 11.42 25.15
N HIS A 163 -12.88 11.71 24.41
CA HIS A 163 -12.93 12.59 23.26
C HIS A 163 -12.62 11.76 22.03
N LEU A 164 -13.34 12.02 20.96
CA LEU A 164 -12.99 11.39 19.69
C LEU A 164 -12.97 12.43 18.58
N ALA A 165 -12.01 12.29 17.67
CA ALA A 165 -11.87 13.19 16.50
C ALA A 165 -11.35 12.41 15.30
N PRO A 166 -11.82 12.74 14.08
CA PRO A 166 -11.30 12.13 12.84
C PRO A 166 -9.85 12.55 12.61
N PHE A 167 -9.03 11.66 12.02
CA PHE A 167 -7.64 11.97 11.74
C PHE A 167 -7.25 11.52 10.33
N THR A 168 -6.17 12.12 9.82
CA THR A 168 -5.56 11.69 8.59
C THR A 168 -4.12 11.30 8.87
N ASP A 169 -3.71 10.10 8.45
CA ASP A 169 -2.36 9.60 8.69
C ASP A 169 -2.08 8.47 7.70
N GLU A 170 -1.69 8.88 6.51
CA GLU A 170 -1.36 7.97 5.43
C GLU A 170 -0.25 6.99 5.81
N GLN A 171 0.78 7.48 6.50
CA GLN A 171 1.90 6.63 6.92
C GLN A 171 1.40 5.48 7.81
N LEU A 172 0.60 5.78 8.84
CA LEU A 172 0.02 4.74 9.70
C LEU A 172 -0.84 3.76 8.90
N TYR A 173 -1.72 4.29 8.05
CA TYR A 173 -2.61 3.45 7.25
C TYR A 173 -1.78 2.47 6.42
N MET A 174 -0.73 2.98 5.77
CA MET A 174 0.09 2.15 4.88
C MET A 174 0.99 1.19 5.64
N GLU A 175 1.41 1.57 6.83
CA GLU A 175 2.16 0.67 7.70
C GLU A 175 1.34 -0.59 8.00
N GLN A 176 0.09 -0.41 8.39
CA GLN A 176 -0.79 -1.53 8.70
C GLN A 176 -1.18 -2.33 7.47
N PHE A 177 -1.49 -1.61 6.40
CA PHE A 177 -1.87 -2.21 5.12
C PHE A 177 -0.74 -3.09 4.60
N THR A 178 0.49 -2.60 4.69
CA THR A 178 1.66 -3.34 4.23
C THR A 178 1.87 -4.66 5.00
N LYS A 179 1.66 -4.65 6.31
CA LYS A 179 1.77 -5.89 7.08
C LYS A 179 0.74 -6.89 6.59
N ALA A 180 -0.48 -6.41 6.38
CA ALA A 180 -1.59 -7.25 5.90
C ALA A 180 -1.32 -7.85 4.53
N ASN A 181 -0.62 -7.12 3.68
CA ASN A 181 -0.43 -7.54 2.30
C ASN A 181 0.65 -8.62 2.11
N PHE A 182 1.25 -9.05 3.22
CA PHE A 182 2.04 -10.28 3.22
C PHE A 182 1.13 -11.40 2.72
N TRP A 183 -0.15 -11.30 3.06
CA TRP A 183 -1.12 -12.35 2.77
C TRP A 183 -1.77 -12.18 1.39
N TYR A 184 -1.20 -11.28 0.60
CA TYR A 184 -1.60 -11.04 -0.76
C TYR A 184 -0.70 -11.84 -1.74
N GLN A 185 0.47 -12.29 -1.26
CA GLN A 185 1.46 -13.04 -2.08
C GLN A 185 0.88 -14.30 -2.76
N PRO A 186 1.01 -14.41 -4.09
CA PRO A 186 0.51 -15.63 -4.76
C PRO A 186 1.53 -16.78 -4.79
N SER A 187 2.78 -16.53 -4.39
CA SER A 187 3.80 -17.59 -4.44
C SER A 187 4.81 -17.47 -3.29
N PHE A 188 4.32 -17.43 -2.04
CA PHE A 188 5.23 -17.38 -0.89
C PHE A 188 5.88 -18.76 -0.75
N HIS A 189 7.18 -18.86 -1.00
CA HIS A 189 7.86 -20.17 -1.13
C HIS A 189 7.04 -21.11 -2.05
N GLY A 190 6.51 -20.56 -3.15
CA GLY A 190 5.65 -21.32 -4.04
C GLY A 190 4.21 -21.56 -3.60
N VAL A 191 3.78 -20.95 -2.49
CA VAL A 191 2.41 -21.16 -1.98
C VAL A 191 1.55 -19.91 -2.18
N ASP A 192 0.33 -20.10 -2.65
CA ASP A 192 -0.58 -18.98 -2.84
C ASP A 192 -1.32 -18.63 -1.54
N LEU A 193 -0.95 -17.48 -0.96
CA LEU A 193 -1.59 -17.06 0.30
C LEU A 193 -2.77 -16.13 0.09
N SER A 194 -2.95 -15.69 -1.17
CA SER A 194 -3.84 -14.56 -1.51
C SER A 194 -5.30 -14.69 -1.08
N ALA A 195 -5.80 -15.93 -0.94
CA ALA A 195 -7.17 -16.12 -0.53
C ALA A 195 -7.36 -15.66 0.94
N LEU A 196 -6.25 -15.46 1.66
CA LEU A 196 -6.37 -14.97 3.03
C LEU A 196 -6.21 -13.45 3.16
N ARG A 197 -6.06 -12.73 2.04
CA ARG A 197 -5.85 -11.27 2.09
C ARG A 197 -6.95 -10.52 2.90
N GLY A 198 -8.22 -10.83 2.63
CA GLY A 198 -9.34 -10.17 3.28
C GLY A 198 -9.30 -10.39 4.80
N ALA A 199 -9.11 -11.65 5.21
CA ALA A 199 -8.97 -12.01 6.62
C ALA A 199 -7.82 -11.26 7.27
N ALA A 200 -6.70 -11.15 6.57
CA ALA A 200 -5.53 -10.50 7.07
C ALA A 200 -5.76 -8.98 7.25
N VAL A 201 -6.35 -8.35 6.26
CA VAL A 201 -6.73 -6.95 6.41
C VAL A 201 -7.69 -6.78 7.58
N ASP A 202 -8.71 -7.61 7.68
CA ASP A 202 -9.63 -7.55 8.83
C ASP A 202 -8.89 -7.65 10.17
N GLU A 203 -7.95 -8.59 10.26
CA GLU A 203 -7.19 -8.78 11.50
C GLU A 203 -6.36 -7.57 11.87
N TYR A 204 -5.60 -7.04 10.92
CA TYR A 204 -4.71 -5.95 11.24
C TYR A 204 -5.53 -4.70 11.57
N PHE A 205 -6.63 -4.49 10.86
CA PHE A 205 -7.40 -3.25 11.08
C PHE A 205 -8.31 -3.36 12.30
N ARG A 206 -8.41 -4.56 12.86
CA ARG A 206 -9.21 -4.80 14.06
C ARG A 206 -8.48 -4.31 15.31
N GLN A 207 -7.17 -4.06 15.18
CA GLN A 207 -6.32 -3.59 16.27
C GLN A 207 -6.27 -2.08 16.46
N PRO A 208 -6.81 -1.57 17.59
CA PRO A 208 -6.62 -0.15 17.85
C PRO A 208 -5.13 0.11 17.99
N VAL A 209 -4.70 1.32 17.63
CA VAL A 209 -3.28 1.64 17.62
C VAL A 209 -2.99 2.55 18.82
N VAL A 210 -2.15 2.06 19.73
CA VAL A 210 -1.82 2.79 20.94
C VAL A 210 -0.47 3.46 20.75
N ASP A 211 -0.50 4.78 20.60
N ASP A 211 -0.51 4.78 20.62
CA ASP A 211 0.70 5.61 20.48
CA ASP A 211 0.66 5.59 20.32
C ASP A 211 0.28 7.07 20.40
C ASP A 211 0.27 7.07 20.46
N THR A 212 1.26 7.96 20.42
CA THR A 212 0.96 9.38 20.36
C THR A 212 1.16 9.92 18.94
N PHE A 213 0.75 11.16 18.70
CA PHE A 213 0.77 11.77 17.38
C PHE A 213 0.81 13.29 17.49
N ASP A 214 1.18 13.93 16.39
CA ASP A 214 1.12 15.38 16.25
C ASP A 214 -0.35 15.79 16.05
N ILE A 215 -0.79 16.81 16.78
CA ILE A 215 -2.18 17.28 16.68
C ILE A 215 -2.59 17.73 15.27
N ARG A 216 -1.60 17.98 14.41
CA ARG A 216 -1.88 18.41 13.05
C ARG A 216 -2.64 17.35 12.25
N ILE A 217 -2.65 16.10 12.74
CA ILE A 217 -3.39 15.05 12.05
C ILE A 217 -4.89 15.14 12.25
N LEU A 218 -5.34 15.88 13.25
CA LEU A 218 -6.78 15.95 13.59
C LEU A 218 -7.51 16.85 12.60
N MET A 219 -8.67 16.40 12.15
CA MET A 219 -9.37 17.03 11.04
CA MET A 219 -9.36 17.06 11.05
C MET A 219 -10.63 17.81 11.46
N ALA A 220 -10.94 17.78 12.76
CA ALA A 220 -12.16 18.42 13.26
C ALA A 220 -12.13 18.42 14.76
N LYS A 221 -12.79 19.39 15.35
CA LYS A 221 -12.94 19.48 16.78
C LYS A 221 -13.54 18.18 17.36
N SER A 222 -13.01 17.74 18.50
CA SER A 222 -13.46 16.48 19.13
C SER A 222 -14.93 16.50 19.57
N VAL A 223 -15.57 15.33 19.57
CA VAL A 223 -16.83 15.08 20.25
C VAL A 223 -16.47 14.51 21.63
N LYS A 224 -17.27 14.86 22.65
CA LYS A 224 -17.00 14.44 24.02
C LYS A 224 -18.12 13.56 24.56
N TYR A 225 -17.78 12.45 25.18
CA TYR A 225 -18.78 11.66 25.89
C TYR A 225 -18.35 11.52 27.34
N THR A 226 -19.24 11.83 28.27
CA THR A 226 -18.91 11.93 29.69
C THR A 226 -19.53 10.78 30.46
N VAL A 227 -18.73 10.14 31.31
CA VAL A 227 -19.25 9.26 32.32
C VAL A 227 -19.13 9.94 33.67
N ASN A 228 -20.26 10.10 34.35
CA ASN A 228 -20.27 10.60 35.70
C ASN A 228 -20.23 9.44 36.68
N PHE A 229 -19.10 9.29 37.37
CA PHE A 229 -18.90 8.11 38.22
C PHE A 229 -19.76 8.15 39.47
N LEU A 230 -20.09 9.36 39.92
CA LEU A 230 -20.97 9.51 41.06
C LEU A 230 -22.40 8.98 40.74
N GLU A 231 -22.82 9.14 39.48
CA GLU A 231 -24.20 8.86 39.08
C GLU A 231 -24.39 7.53 38.32
N ALA A 232 -23.37 7.05 37.62
CA ALA A 232 -23.56 5.88 36.77
C ALA A 232 -23.64 4.56 37.54
N LYS A 233 -24.41 3.63 36.99
CA LYS A 233 -24.51 2.27 37.50
C LYS A 233 -23.65 1.34 36.65
N GLU A 234 -23.08 0.30 37.27
CA GLU A 234 -22.20 -0.58 36.49
C GLU A 234 -22.84 -1.03 35.16
N GLY A 235 -24.15 -1.27 35.18
CA GLY A 235 -24.88 -1.66 33.97
C GLY A 235 -24.84 -0.67 32.80
N ASP A 236 -24.64 0.62 33.09
CA ASP A 236 -24.52 1.68 32.07
C ASP A 236 -23.32 1.48 31.14
N LEU A 237 -22.38 0.64 31.59
CA LEU A 237 -21.13 0.46 30.88
C LEU A 237 -21.13 -0.79 30.01
N HIS A 238 -22.25 -1.52 29.99
CA HIS A 238 -22.32 -2.74 29.16
C HIS A 238 -22.45 -2.39 27.69
N ARG A 239 -23.17 -1.31 27.42
CA ARG A 239 -23.38 -0.84 26.04
C ARG A 239 -23.22 0.69 25.99
N ILE A 240 -22.14 1.14 25.38
CA ILE A 240 -21.84 2.57 25.37
C ILE A 240 -21.98 3.06 23.93
N GLU A 241 -22.93 3.95 23.72
CA GLU A 241 -23.21 4.45 22.38
C GLU A 241 -22.85 5.92 22.29
N ILE A 242 -21.91 6.23 21.40
CA ILE A 242 -21.42 7.60 21.24
C ILE A 242 -21.72 8.07 19.82
N PRO A 243 -22.83 8.79 19.62
CA PRO A 243 -23.05 9.34 18.30
C PRO A 243 -22.10 10.51 18.09
N PHE A 244 -21.79 10.80 16.84
CA PHE A 244 -20.92 11.92 16.50
C PHE A 244 -21.37 12.54 15.18
N LYS A 245 -21.12 13.85 15.08
CA LYS A 245 -21.35 14.60 13.85
C LYS A 245 -20.22 15.61 13.83
N PHE A 246 -19.21 15.36 12.99
CA PHE A 246 -18.04 16.24 12.94
C PHE A 246 -18.21 17.26 11.84
N HIS A 247 -17.81 18.50 12.12
N HIS A 247 -17.86 18.52 12.13
CA HIS A 247 -17.82 19.52 11.11
CA HIS A 247 -17.82 19.55 11.11
C HIS A 247 -16.39 19.66 10.62
C HIS A 247 -16.38 19.62 10.64
N MET A 248 -16.13 19.09 9.44
CA MET A 248 -14.77 18.93 8.94
C MET A 248 -14.06 20.27 8.76
N LEU A 249 -12.84 20.37 9.28
CA LEU A 249 -12.12 21.63 9.23
C LEU A 249 -11.09 21.62 8.11
N HIS A 250 -10.76 20.44 7.61
CA HIS A 250 -9.71 20.28 6.59
C HIS A 250 -10.17 19.26 5.58
N SER A 251 -9.74 19.41 4.33
CA SER A 251 -10.01 18.41 3.30
C SER A 251 -8.97 17.31 3.33
N GLY A 252 -9.38 16.08 2.99
CA GLY A 252 -8.44 14.97 2.94
C GLY A 252 -9.08 13.65 3.29
N LEU A 253 -8.26 12.60 3.35
CA LEU A 253 -8.75 11.28 3.68
C LEU A 253 -8.85 11.12 5.19
N VAL A 254 -10.02 10.70 5.65
CA VAL A 254 -10.17 10.36 7.06
C VAL A 254 -9.77 8.89 7.22
N HIS A 255 -8.65 8.65 7.91
CA HIS A 255 -8.14 7.29 8.06
C HIS A 255 -8.71 6.59 9.29
N GLY A 256 -9.32 7.36 10.20
CA GLY A 256 -10.04 6.73 11.31
C GLY A 256 -10.41 7.74 12.37
N LEU A 257 -10.75 7.26 13.58
CA LEU A 257 -10.97 8.15 14.72
C LEU A 257 -9.87 8.04 15.76
N ALA A 258 -9.49 9.19 16.34
CA ALA A 258 -8.52 9.23 17.43
C ALA A 258 -9.27 9.44 18.74
N PHE A 259 -8.79 8.78 19.79
CA PHE A 259 -9.45 8.81 21.10
C PHE A 259 -8.47 9.22 22.19
N TRP A 260 -8.97 10.00 23.15
CA TRP A 260 -8.20 10.25 24.36
C TRP A 260 -9.21 10.53 25.46
N PHE A 261 -8.74 10.77 26.67
CA PHE A 261 -9.68 10.96 27.78
C PHE A 261 -9.11 11.84 28.88
N ASP A 262 -9.99 12.51 29.60
CA ASP A 262 -9.59 13.26 30.77
C ASP A 262 -10.46 12.74 31.91
N VAL A 263 -9.96 12.86 33.13
CA VAL A 263 -10.79 12.64 34.30
C VAL A 263 -10.69 13.86 35.21
N ALA A 264 -11.78 14.16 35.92
CA ALA A 264 -11.76 15.25 36.87
C ALA A 264 -12.01 14.76 38.30
N PHE A 265 -11.19 15.25 39.21
CA PHE A 265 -11.37 15.04 40.66
C PHE A 265 -12.11 16.26 41.21
N ILE A 266 -13.43 16.12 41.44
CA ILE A 266 -14.22 17.29 41.83
C ILE A 266 -14.31 17.33 43.35
N GLY A 267 -13.40 18.02 44.00
CA GLY A 267 -13.40 18.02 45.46
C GLY A 267 -14.11 19.25 46.01
N SER A 268 -14.25 19.31 47.32
CA SER A 268 -14.88 20.44 48.01
CA SER A 268 -14.92 20.44 47.95
C SER A 268 -14.09 21.74 47.90
N ILE A 269 -12.76 21.63 47.75
CA ILE A 269 -11.90 22.82 47.66
C ILE A 269 -11.63 23.18 46.20
N MET A 270 -11.26 22.21 45.39
CA MET A 270 -11.04 22.49 43.98
C MET A 270 -11.19 21.27 43.06
N THR A 271 -11.41 21.55 41.78
CA THR A 271 -11.45 20.51 40.79
C THR A 271 -10.06 20.40 40.21
N VAL A 272 -9.58 19.16 40.08
CA VAL A 272 -8.27 18.92 39.47
C VAL A 272 -8.46 17.98 38.29
N TRP A 273 -7.87 18.34 37.14
CA TRP A 273 -8.04 17.58 35.93
C TRP A 273 -6.78 16.75 35.65
N LEU A 274 -6.97 15.48 35.28
CA LEU A 274 -5.89 14.72 34.65
C LEU A 274 -6.24 14.42 33.19
N SER A 275 -5.36 14.84 32.28
CA SER A 275 -5.65 14.76 30.85
C SER A 275 -4.66 13.87 30.11
N THR A 276 -5.18 13.06 29.19
CA THR A 276 -4.32 12.28 28.30
C THR A 276 -4.42 12.81 26.86
N ALA A 277 -4.87 14.07 26.73
CA ALA A 277 -5.05 14.69 25.40
C ALA A 277 -3.74 14.85 24.64
N PRO A 278 -3.78 14.81 23.29
CA PRO A 278 -2.52 14.99 22.54
C PRO A 278 -1.98 16.44 22.58
N THR A 279 -2.77 17.37 23.13
CA THR A 279 -2.33 18.75 23.34
C THR A 279 -1.66 18.89 24.71
N GLU A 280 -1.60 17.81 25.48
CA GLU A 280 -1.03 17.84 26.82
C GLU A 280 0.23 16.97 26.90
N PRO A 281 1.07 17.17 27.94
CA PRO A 281 2.26 16.33 28.09
C PRO A 281 1.89 14.83 28.02
N LEU A 282 2.75 14.03 27.39
CA LEU A 282 2.49 12.60 27.14
C LEU A 282 2.37 11.86 28.47
N THR A 283 1.46 10.89 28.53
CA THR A 283 1.32 9.98 29.68
C THR A 283 1.46 8.54 29.19
N HIS A 284 1.57 7.61 30.13
CA HIS A 284 1.71 6.20 29.79
C HIS A 284 0.47 5.66 29.10
N TRP A 285 -0.64 6.40 29.17
CA TRP A 285 -1.80 6.07 28.31
C TRP A 285 -1.67 6.39 26.82
N TYR A 286 -0.70 7.22 26.44
CA TYR A 286 -0.62 7.70 25.04
C TYR A 286 -1.96 8.20 24.55
N GLN A 287 -2.26 7.89 23.29
CA GLN A 287 -3.60 8.04 22.73
C GLN A 287 -3.96 6.76 21.96
N VAL A 288 -5.19 6.67 21.46
CA VAL A 288 -5.65 5.46 20.77
C VAL A 288 -6.33 5.82 19.46
N ARG A 289 -5.94 5.15 18.38
CA ARG A 289 -6.54 5.39 17.08
C ARG A 289 -7.16 4.13 16.55
N CYS A 290 -8.41 4.22 16.12
CA CYS A 290 -9.05 3.15 15.36
C CYS A 290 -9.05 3.49 13.87
N LEU A 291 -8.36 2.67 13.07
CA LEU A 291 -8.28 2.88 11.63
C LEU A 291 -9.48 2.33 10.91
N PHE A 292 -9.85 2.99 9.80
CA PHE A 292 -10.84 2.45 8.86
C PHE A 292 -10.03 1.71 7.79
N GLN A 293 -10.41 0.47 7.43
CA GLN A 293 -9.64 -0.18 6.36
C GLN A 293 -9.94 0.46 5.01
N SER A 294 -11.10 1.11 4.93
CA SER A 294 -11.53 1.83 3.75
C SER A 294 -11.72 3.31 4.12
N PRO A 295 -10.66 4.12 3.99
CA PRO A 295 -10.67 5.53 4.41
C PRO A 295 -11.69 6.37 3.64
N LEU A 296 -12.10 7.49 4.22
CA LEU A 296 -13.21 8.29 3.65
C LEU A 296 -12.67 9.63 3.20
N PHE A 297 -13.03 10.04 1.99
CA PHE A 297 -12.63 11.36 1.52
C PHE A 297 -13.62 12.44 1.95
N ALA A 298 -13.12 13.51 2.55
CA ALA A 298 -14.00 14.57 3.00
C ALA A 298 -13.42 15.92 2.63
N LYS A 299 -14.32 16.87 2.38
CA LYS A 299 -13.93 18.25 2.07
C LYS A 299 -14.17 19.10 3.28
N ALA A 300 -13.35 20.12 3.48
CA ALA A 300 -13.59 21.06 4.57
C ALA A 300 -15.03 21.53 4.47
N GLY A 301 -15.71 21.62 5.61
CA GLY A 301 -17.12 22.01 5.61
C GLY A 301 -18.10 20.85 5.51
N ASP A 302 -17.62 19.66 5.12
CA ASP A 302 -18.49 18.46 5.13
C ASP A 302 -18.82 18.08 6.57
N THR A 303 -19.84 17.25 6.74
CA THR A 303 -20.09 16.67 8.04
C THR A 303 -19.83 15.17 7.99
N LEU A 304 -19.09 14.67 8.99
CA LEU A 304 -18.83 13.23 9.12
C LEU A 304 -19.64 12.74 10.29
N SER A 305 -20.66 11.92 10.02
CA SER A 305 -21.55 11.56 11.10
C SER A 305 -21.55 10.04 11.29
N GLY A 306 -21.91 9.60 12.48
CA GLY A 306 -22.06 8.17 12.69
C GLY A 306 -22.11 7.83 14.15
N THR A 307 -21.71 6.61 14.46
CA THR A 307 -21.80 6.15 15.84
C THR A 307 -20.60 5.32 16.18
N CYS A 308 -20.05 5.54 17.36
CA CYS A 308 -19.13 4.61 17.96
C CYS A 308 -19.86 3.84 19.06
N LEU A 309 -19.96 2.52 18.90
CA LEU A 309 -20.67 1.68 19.86
C LEU A 309 -19.67 0.72 20.53
N LEU A 310 -19.66 0.69 21.85
CA LEU A 310 -18.80 -0.23 22.56
C LEU A 310 -19.63 -1.24 23.33
N ILE A 311 -19.40 -2.51 23.03
CA ILE A 311 -20.12 -3.57 23.71
C ILE A 311 -19.18 -4.37 24.58
N ALA A 312 -19.45 -4.36 25.87
CA ALA A 312 -18.64 -5.07 26.86
C ALA A 312 -18.60 -6.56 26.54
N ASN A 313 -17.42 -7.15 26.66
CA ASN A 313 -17.26 -8.57 26.43
C ASN A 313 -16.65 -9.22 27.68
N LYS A 314 -16.58 -10.55 27.68
CA LYS A 314 -16.07 -11.30 28.84
C LYS A 314 -14.55 -11.35 28.96
N ARG A 315 -13.85 -10.62 28.10
CA ARG A 315 -12.38 -10.60 28.11
C ARG A 315 -11.91 -9.24 28.67
N GLN A 316 -12.73 -8.67 29.54
CA GLN A 316 -12.41 -7.42 30.27
C GLN A 316 -12.17 -6.25 29.34
N SER A 317 -12.94 -6.21 28.28
CA SER A 317 -12.77 -5.18 27.26
C SER A 317 -14.06 -5.01 26.46
N TYR A 318 -13.95 -4.48 25.23
CA TYR A 318 -15.10 -4.08 24.46
C TYR A 318 -14.91 -4.43 23.01
N ASP A 319 -16.01 -4.84 22.39
CA ASP A 319 -16.11 -4.94 20.94
C ASP A 319 -16.52 -3.54 20.46
N ILE A 320 -15.71 -2.94 19.60
CA ILE A 320 -15.96 -1.59 19.14
C ILE A 320 -16.54 -1.67 17.75
N SER A 321 -17.66 -0.99 17.53
CA SER A 321 -18.06 -0.75 16.15
C SER A 321 -18.08 0.75 15.87
N ILE A 322 -17.46 1.12 14.77
CA ILE A 322 -17.53 2.51 14.32
C ILE A 322 -18.10 2.51 12.92
N VAL A 323 -19.26 3.14 12.78
CA VAL A 323 -19.87 3.38 11.48
C VAL A 323 -19.82 4.89 11.25
N ALA A 324 -19.26 5.28 10.11
CA ALA A 324 -19.09 6.68 9.79
C ALA A 324 -19.45 6.95 8.33
N GLN A 325 -20.00 8.12 8.08
CA GLN A 325 -20.31 8.51 6.70
C GLN A 325 -20.13 10.00 6.45
N VAL A 326 -19.64 10.34 5.25
CA VAL A 326 -19.56 11.73 4.80
C VAL A 326 -20.96 12.06 4.31
N ASP A 327 -21.65 12.97 5.00
CA ASP A 327 -23.07 13.18 4.69
C ASP A 327 -23.29 13.68 3.25
N GLN A 328 -22.34 14.48 2.76
CA GLN A 328 -22.48 15.14 1.45
C GLN A 328 -22.42 14.16 0.28
N THR A 329 -21.78 13.00 0.47
CA THR A 329 -21.58 12.04 -0.64
C THR A 329 -22.19 10.66 -0.39
N GLY A 330 -22.64 10.38 0.84
CA GLY A 330 -23.12 9.06 1.20
C GLY A 330 -22.04 7.98 1.27
N SER A 331 -20.77 8.40 1.26
CA SER A 331 -19.63 7.49 1.46
C SER A 331 -19.55 6.96 2.92
N LYS A 332 -19.65 5.65 3.07
CA LYS A 332 -19.78 4.97 4.37
C LYS A 332 -18.58 4.08 4.66
N SER A 333 -18.20 3.98 5.93
CA SER A 333 -17.17 3.06 6.39
C SER A 333 -17.68 2.42 7.67
N SER A 334 -17.67 1.08 7.70
CA SER A 334 -18.08 0.31 8.88
C SER A 334 -16.90 -0.51 9.37
N ASN A 335 -16.70 -0.54 10.68
CA ASN A 335 -15.47 -1.11 11.23
C ASN A 335 -15.75 -1.83 12.55
N LEU A 336 -15.03 -2.92 12.77
CA LEU A 336 -15.16 -3.64 14.04
C LEU A 336 -13.78 -3.82 14.61
N LEU A 337 -13.58 -3.34 15.84
CA LEU A 337 -12.25 -3.47 16.48
C LEU A 337 -12.30 -4.24 17.81
N ASP A 338 -11.25 -5.03 18.08
CA ASP A 338 -11.13 -5.78 19.32
C ASP A 338 -10.21 -4.99 20.26
N LEU A 339 -10.80 -4.25 21.19
CA LEU A 339 -10.03 -3.31 22.03
C LEU A 339 -8.94 -4.03 22.88
N LYS A 340 -9.25 -5.26 23.30
CA LYS A 340 -8.36 -6.09 24.12
C LYS A 340 -7.03 -6.41 23.46
N ASN A 341 -6.98 -6.32 22.12
CA ASN A 341 -5.81 -6.75 21.38
C ASN A 341 -5.27 -5.69 20.45
N PRO A 342 -4.65 -4.65 21.03
CA PRO A 342 -4.22 -3.53 20.21
C PRO A 342 -2.79 -3.69 19.67
N PHE A 343 -2.40 -2.76 18.81
CA PHE A 343 -1.03 -2.63 18.30
C PHE A 343 -0.38 -1.55 19.17
N PHE A 344 0.56 -2.01 20.00
CA PHE A 344 1.31 -1.13 20.89
C PHE A 344 2.41 -0.50 20.08
N ARG A 345 2.03 0.43 19.24
CA ARG A 345 2.95 1.05 18.27
C ARG A 345 4.06 1.87 18.93
N TYR A 346 3.81 2.44 20.10
CA TYR A 346 4.80 3.28 20.80
C TYR A 346 6.10 2.55 21.21
N THR A 347 6.11 1.22 21.16
CA THR A 347 7.29 0.39 21.49
C THR A 347 8.30 0.26 20.34
N ARG B 4 -11.05 -34.82 28.74
CA ARG B 4 -9.95 -35.54 29.45
C ARG B 4 -8.99 -36.14 28.43
N SER B 5 -7.83 -35.51 28.27
CA SER B 5 -6.79 -36.04 27.39
C SER B 5 -5.43 -35.89 28.04
N VAL B 6 -4.42 -36.48 27.43
CA VAL B 6 -3.03 -36.27 27.81
C VAL B 6 -2.72 -34.75 27.89
N PHE B 7 -3.16 -33.98 26.89
CA PHE B 7 -2.94 -32.53 26.85
C PHE B 7 -3.65 -31.84 28.01
N SER B 8 -4.95 -32.08 28.18
CA SER B 8 -5.70 -31.35 29.21
C SER B 8 -5.25 -31.66 30.64
N GLU B 9 -4.76 -32.87 30.89
CA GLU B 9 -4.31 -33.27 32.22
C GLU B 9 -2.94 -32.65 32.55
N ARG B 10 -2.24 -32.21 31.51
N ARG B 10 -2.22 -32.27 31.48
CA ARG B 10 -0.89 -31.73 31.57
CA ARG B 10 -0.86 -31.71 31.46
C ARG B 10 -0.89 -30.18 31.60
C ARG B 10 -0.90 -30.18 31.65
N THR B 11 -2.05 -29.57 31.36
CA THR B 11 -2.10 -28.13 31.03
C THR B 11 -3.26 -27.41 31.74
N GLU B 12 -2.96 -26.30 32.41
CA GLU B 12 -4.00 -25.50 33.03
C GLU B 12 -4.83 -24.86 31.93
N GLU B 13 -6.14 -24.94 32.04
CA GLU B 13 -6.96 -24.48 30.94
C GLU B 13 -6.70 -23.02 30.59
N SER B 14 -6.45 -22.19 31.61
CA SER B 14 -6.16 -20.78 31.35
C SER B 14 -4.92 -20.56 30.50
N SER B 15 -3.87 -21.37 30.70
CA SER B 15 -2.67 -21.27 29.88
C SER B 15 -2.97 -21.67 28.45
N ALA B 16 -3.75 -22.74 28.27
CA ALA B 16 -4.08 -23.27 26.94
C ALA B 16 -4.84 -22.25 26.13
N VAL B 17 -5.80 -21.59 26.78
CA VAL B 17 -6.63 -20.61 26.09
C VAL B 17 -5.73 -19.49 25.53
N GLN B 18 -4.87 -18.94 26.39
CA GLN B 18 -3.94 -17.90 25.97
C GLN B 18 -2.99 -18.37 24.87
N TYR B 19 -2.53 -19.62 25.01
CA TYR B 19 -1.58 -20.20 24.08
C TYR B 19 -2.21 -20.33 22.68
N PHE B 20 -3.41 -20.86 22.61
CA PHE B 20 -3.99 -21.04 21.28
C PHE B 20 -4.58 -19.73 20.71
N GLN B 21 -4.97 -18.80 21.58
CA GLN B 21 -5.30 -17.44 21.09
C GLN B 21 -4.10 -16.82 20.37
N PHE B 22 -2.93 -16.99 20.96
CA PHE B 22 -1.69 -16.41 20.42
C PHE B 22 -1.42 -16.93 18.99
N TYR B 23 -1.63 -18.23 18.78
CA TYR B 23 -1.38 -18.81 17.46
C TYR B 23 -2.54 -18.63 16.49
N GLY B 24 -3.68 -18.17 17.00
CA GLY B 24 -4.83 -17.88 16.15
C GLY B 24 -4.70 -16.62 15.31
N TYR B 25 -3.68 -15.81 15.57
CA TYR B 25 -3.47 -14.60 14.79
C TYR B 25 -2.66 -14.87 13.55
N LEU B 26 -3.15 -14.39 12.42
CA LEU B 26 -2.33 -14.45 11.19
C LEU B 26 -1.00 -13.72 11.34
N SER B 27 -0.99 -12.63 12.12
CA SER B 27 0.28 -11.93 12.32
C SER B 27 1.34 -12.80 13.00
N GLN B 28 0.91 -13.69 13.90
CA GLN B 28 1.87 -14.58 14.57
C GLN B 28 2.39 -15.68 13.60
N GLN B 29 1.47 -16.27 12.83
CA GLN B 29 1.87 -17.25 11.79
C GLN B 29 2.84 -16.57 10.85
N GLN B 30 2.52 -15.33 10.52
CA GLN B 30 3.36 -14.53 9.64
C GLN B 30 4.74 -14.29 10.24
N ASN B 31 4.82 -14.02 11.53
CA ASN B 31 6.12 -13.85 12.20
C ASN B 31 7.04 -15.06 11.96
N MET B 32 6.48 -16.26 12.14
CA MET B 32 7.26 -17.47 11.96
C MET B 32 7.58 -17.72 10.47
N MET B 33 6.57 -17.55 9.62
CA MET B 33 6.77 -17.72 8.18
C MET B 33 7.90 -16.83 7.66
N GLN B 34 7.90 -15.58 8.12
N GLN B 34 7.94 -15.57 8.09
CA GLN B 34 8.86 -14.53 7.69
CA GLN B 34 8.93 -14.62 7.57
C GLN B 34 10.31 -14.78 8.12
C GLN B 34 10.33 -14.76 8.14
N ASP B 35 10.51 -15.66 9.11
CA ASP B 35 11.86 -16.02 9.51
C ASP B 35 12.37 -16.91 8.38
N TYR B 36 13.21 -16.32 7.53
CA TYR B 36 13.62 -16.98 6.29
C TYR B 36 14.54 -18.19 6.56
N VAL B 37 15.47 -18.02 7.49
CA VAL B 37 16.34 -19.13 7.91
C VAL B 37 15.51 -20.35 8.33
N ARG B 38 14.48 -20.13 9.15
CA ARG B 38 13.58 -21.20 9.61
C ARG B 38 12.80 -21.82 8.44
N THR B 39 12.02 -20.98 7.76
CA THR B 39 11.07 -21.46 6.78
C THR B 39 11.80 -22.01 5.57
N GLY B 40 12.85 -21.30 5.15
CA GLY B 40 13.70 -21.74 4.05
C GLY B 40 14.39 -23.06 4.35
N THR B 41 14.86 -23.23 5.59
CA THR B 41 15.54 -24.49 5.98
C THR B 41 14.57 -25.69 6.03
N TYR B 42 13.35 -25.45 6.51
CA TYR B 42 12.35 -26.52 6.52
C TYR B 42 12.08 -26.95 5.07
N GLN B 43 11.89 -25.97 4.21
CA GLN B 43 11.59 -26.25 2.81
C GLN B 43 12.69 -27.09 2.15
N ARG B 44 13.94 -26.69 2.36
CA ARG B 44 15.13 -27.38 1.85
C ARG B 44 15.25 -28.79 2.39
N ALA B 45 15.07 -28.93 3.70
CA ALA B 45 15.12 -30.24 4.34
C ALA B 45 14.10 -31.23 3.73
N ILE B 46 12.91 -30.74 3.43
CA ILE B 46 11.84 -31.58 2.88
C ILE B 46 12.10 -31.84 1.39
N LEU B 47 12.35 -30.77 0.61
CA LEU B 47 12.55 -30.94 -0.84
C LEU B 47 13.80 -31.73 -1.21
N GLN B 48 14.89 -31.51 -0.50
CA GLN B 48 16.12 -32.23 -0.79
C GLN B 48 16.07 -33.68 -0.35
N ASN B 49 15.12 -34.00 0.52
CA ASN B 49 14.88 -35.38 0.93
C ASN B 49 13.58 -35.91 0.32
N HIS B 50 13.42 -35.65 -0.98
CA HIS B 50 12.13 -35.88 -1.68
C HIS B 50 11.68 -37.34 -1.60
N THR B 51 12.62 -38.25 -1.48
CA THR B 51 12.26 -39.66 -1.42
C THR B 51 11.66 -40.02 -0.08
N ASP B 52 11.83 -39.16 0.92
CA ASP B 52 11.16 -39.40 2.20
C ASP B 52 9.68 -39.00 2.18
N PHE B 53 9.29 -38.31 1.11
CA PHE B 53 7.96 -37.75 0.99
C PHE B 53 7.17 -38.28 -0.22
N LYS B 54 7.87 -38.58 -1.30
CA LYS B 54 7.20 -39.03 -2.55
C LYS B 54 6.24 -40.20 -2.29
N ASP B 55 4.97 -39.97 -2.60
CA ASP B 55 3.88 -40.96 -2.43
C ASP B 55 3.68 -41.45 -1.00
N LYS B 56 4.15 -40.67 -0.03
CA LYS B 56 4.08 -41.06 1.37
C LYS B 56 2.90 -40.43 2.09
N ILE B 57 2.62 -40.95 3.27
CA ILE B 57 1.59 -40.41 4.15
C ILE B 57 2.27 -39.60 5.27
N VAL B 58 1.80 -38.37 5.46
CA VAL B 58 2.50 -37.40 6.33
C VAL B 58 1.52 -36.88 7.39
N LEU B 59 2.03 -36.67 8.62
CA LEU B 59 1.33 -35.91 9.65
C LEU B 59 2.11 -34.61 9.97
N ASP B 60 1.41 -33.47 9.90
CA ASP B 60 2.00 -32.16 10.22
C ASP B 60 1.40 -31.80 11.59
N VAL B 61 2.25 -31.81 12.62
CA VAL B 61 1.79 -31.58 14.00
C VAL B 61 1.81 -30.08 14.30
N GLY B 62 0.62 -29.50 14.44
CA GLY B 62 0.48 -28.03 14.64
C GLY B 62 0.75 -27.30 13.33
N CYS B 63 -0.11 -27.51 12.33
CA CYS B 63 0.17 -26.98 10.97
C CYS B 63 0.15 -25.44 10.81
N GLY B 64 -0.48 -24.73 11.75
CA GLY B 64 -0.57 -23.28 11.66
C GLY B 64 -1.19 -22.93 10.30
N SER B 65 -0.51 -22.10 9.51
CA SER B 65 -0.99 -21.68 8.19
C SER B 65 -1.12 -22.86 7.22
N GLY B 66 -0.40 -23.95 7.53
CA GLY B 66 -0.32 -25.11 6.64
C GLY B 66 0.99 -25.14 5.86
N ILE B 67 1.85 -24.14 6.08
CA ILE B 67 3.07 -23.98 5.30
C ILE B 67 3.94 -25.25 5.14
N LEU B 68 4.16 -26.01 6.22
CA LEU B 68 5.04 -27.17 6.11
C LEU B 68 4.35 -28.28 5.31
N SER B 69 3.03 -28.37 5.47
CA SER B 69 2.24 -29.33 4.69
C SER B 69 2.30 -29.06 3.20
N PHE B 70 2.26 -27.78 2.82
CA PHE B 70 2.51 -27.39 1.42
C PHE B 70 3.89 -27.82 0.93
N PHE B 71 4.92 -27.73 1.77
CA PHE B 71 6.24 -28.22 1.33
C PHE B 71 6.24 -29.73 1.15
N ALA B 72 5.58 -30.46 2.06
CA ALA B 72 5.44 -31.90 1.90
C ALA B 72 4.76 -32.23 0.57
N ALA B 73 3.78 -31.42 0.18
CA ALA B 73 3.07 -31.57 -1.10
C ALA B 73 3.97 -31.26 -2.29
N GLN B 74 4.79 -30.21 -2.16
CA GLN B 74 5.76 -29.87 -3.21
C GLN B 74 6.74 -31.03 -3.43
N ALA B 75 7.05 -31.76 -2.35
CA ALA B 75 7.90 -32.93 -2.44
C ALA B 75 7.19 -34.23 -2.86
N GLY B 76 5.89 -34.16 -3.13
CA GLY B 76 5.15 -35.30 -3.72
C GLY B 76 4.37 -36.21 -2.78
N ALA B 77 4.19 -35.80 -1.53
CA ALA B 77 3.48 -36.67 -0.60
C ALA B 77 2.09 -36.96 -1.16
N ARG B 78 1.62 -38.18 -0.94
CA ARG B 78 0.29 -38.57 -1.37
C ARG B 78 -0.81 -38.00 -0.48
N LYS B 79 -0.58 -38.02 0.83
CA LYS B 79 -1.61 -37.60 1.76
C LYS B 79 -0.95 -36.98 2.99
N ILE B 80 -1.43 -35.81 3.37
CA ILE B 80 -0.88 -35.07 4.51
C ILE B 80 -2.03 -34.75 5.44
N TYR B 81 -1.97 -35.25 6.66
CA TYR B 81 -2.93 -34.87 7.68
C TYR B 81 -2.33 -33.71 8.46
N ALA B 82 -2.98 -32.55 8.39
CA ALA B 82 -2.49 -31.31 9.04
C ALA B 82 -3.34 -30.97 10.25
N VAL B 83 -2.76 -31.16 11.43
CA VAL B 83 -3.52 -31.07 12.68
C VAL B 83 -3.17 -29.72 13.32
N GLU B 84 -4.20 -28.96 13.72
CA GLU B 84 -3.99 -27.59 14.26
C GLU B 84 -5.10 -27.28 15.27
N ALA B 85 -4.70 -26.93 16.49
CA ALA B 85 -5.65 -26.76 17.59
C ALA B 85 -6.24 -25.36 17.71
N SER B 86 -5.56 -24.34 17.21
CA SER B 86 -6.10 -22.97 17.26
C SER B 86 -7.09 -22.70 16.12
N THR B 87 -7.69 -21.52 16.14
CA THR B 87 -8.65 -21.12 15.11
C THR B 87 -7.94 -20.90 13.79
N MET B 88 -6.60 -20.98 13.76
CA MET B 88 -5.84 -20.97 12.50
C MET B 88 -6.21 -22.15 11.54
N ALA B 89 -6.76 -23.22 12.11
CA ALA B 89 -7.20 -24.37 11.31
C ALA B 89 -8.15 -23.94 10.16
N GLN B 90 -9.06 -23.00 10.40
CA GLN B 90 -10.00 -22.54 9.33
C GLN B 90 -9.25 -21.82 8.19
N HIS B 91 -8.20 -21.07 8.54
CA HIS B 91 -7.41 -20.37 7.53
C HIS B 91 -6.53 -21.32 6.71
N ALA B 92 -5.95 -22.33 7.37
CA ALA B 92 -5.23 -23.41 6.69
C ALA B 92 -6.14 -24.07 5.65
N GLU B 93 -7.37 -24.37 6.05
CA GLU B 93 -8.36 -24.97 5.16
C GLU B 93 -8.63 -24.10 3.91
N VAL B 94 -8.75 -22.79 4.11
CA VAL B 94 -8.97 -21.84 3.02
C VAL B 94 -7.81 -21.94 2.01
N LEU B 95 -6.59 -22.06 2.53
CA LEU B 95 -5.41 -22.18 1.69
C LEU B 95 -5.32 -23.52 0.95
N VAL B 96 -5.70 -24.61 1.62
CA VAL B 96 -5.66 -25.93 0.95
C VAL B 96 -6.61 -25.91 -0.25
N LYS B 97 -7.82 -25.36 -0.05
CA LYS B 97 -8.81 -25.19 -1.12
C LYS B 97 -8.32 -24.31 -2.23
N SER B 98 -7.83 -23.11 -1.90
CA SER B 98 -7.36 -22.18 -2.92
C SER B 98 -6.11 -22.65 -3.64
N ASN B 99 -5.30 -23.50 -3.01
CA ASN B 99 -4.14 -24.05 -3.69
C ASN B 99 -4.42 -25.37 -4.40
N ASN B 100 -5.70 -25.72 -4.51
CA ASN B 100 -6.16 -26.93 -5.23
C ASN B 100 -5.58 -28.24 -4.72
N LEU B 101 -5.53 -28.38 -3.40
CA LEU B 101 -4.89 -29.51 -2.77
C LEU B 101 -5.82 -30.31 -1.83
N THR B 102 -7.13 -30.13 -1.99
CA THR B 102 -8.11 -30.87 -1.20
C THR B 102 -7.94 -32.40 -1.26
N ASP B 103 -7.41 -32.93 -2.36
CA ASP B 103 -7.24 -34.38 -2.48
C ASP B 103 -6.02 -34.90 -1.73
N ARG B 104 -5.12 -34.00 -1.34
CA ARG B 104 -3.83 -34.40 -0.77
C ARG B 104 -3.51 -33.89 0.65
N ILE B 105 -4.14 -32.79 1.06
CA ILE B 105 -3.95 -32.24 2.42
C ILE B 105 -5.27 -32.18 3.12
N VAL B 106 -5.37 -32.81 4.28
CA VAL B 106 -6.60 -32.84 5.04
C VAL B 106 -6.33 -32.12 6.38
N VAL B 107 -6.99 -30.98 6.58
CA VAL B 107 -6.79 -30.21 7.82
C VAL B 107 -7.74 -30.78 8.86
N ILE B 108 -7.18 -31.20 10.00
CA ILE B 108 -7.97 -31.74 11.10
C ILE B 108 -7.87 -30.77 12.27
N PRO B 109 -8.96 -30.03 12.54
CA PRO B 109 -8.92 -29.07 13.64
C PRO B 109 -8.97 -29.77 14.99
N GLY B 110 -8.06 -29.38 15.88
CA GLY B 110 -8.04 -29.90 17.25
C GLY B 110 -6.63 -30.19 17.72
N LYS B 111 -6.53 -30.70 18.94
CA LYS B 111 -5.26 -31.07 19.54
C LYS B 111 -4.84 -32.43 19.06
N VAL B 112 -3.56 -32.57 18.72
CA VAL B 112 -3.01 -33.85 18.27
C VAL B 112 -3.22 -34.96 19.30
N GLU B 113 -3.41 -34.58 20.58
CA GLU B 113 -3.64 -35.53 21.65
C GLU B 113 -5.09 -35.99 21.66
N GLU B 114 -5.95 -35.33 20.89
CA GLU B 114 -7.39 -35.55 20.98
C GLU B 114 -8.05 -35.96 19.66
N VAL B 115 -7.45 -35.64 18.53
CA VAL B 115 -8.08 -35.92 17.22
C VAL B 115 -7.97 -37.41 16.84
N SER B 116 -8.60 -37.78 15.72
CA SER B 116 -8.49 -39.12 15.20
C SER B 116 -7.85 -39.06 13.82
N LEU B 117 -6.80 -39.84 13.57
CA LEU B 117 -6.29 -39.97 12.20
C LEU B 117 -6.87 -41.26 11.58
N PRO B 118 -7.19 -41.24 10.27
CA PRO B 118 -7.78 -42.47 9.75
C PRO B 118 -6.76 -43.57 9.43
N GLU B 119 -5.47 -43.23 9.37
CA GLU B 119 -4.42 -44.23 9.09
C GLU B 119 -3.11 -43.81 9.74
N GLN B 120 -2.16 -44.74 9.81
CA GLN B 120 -0.81 -44.46 10.29
C GLN B 120 -0.02 -43.75 9.20
N VAL B 121 1.04 -43.03 9.59
CA VAL B 121 1.78 -42.21 8.63
C VAL B 121 3.21 -42.71 8.49
N ASP B 122 3.82 -42.39 7.35
CA ASP B 122 5.23 -42.66 7.10
C ASP B 122 6.20 -41.70 7.80
N ILE B 123 5.80 -40.45 7.95
CA ILE B 123 6.70 -39.43 8.48
C ILE B 123 5.89 -38.36 9.21
N ILE B 124 6.44 -37.87 10.32
CA ILE B 124 5.83 -36.73 11.06
C ILE B 124 6.73 -35.52 10.85
N ILE B 125 6.13 -34.39 10.45
CA ILE B 125 6.84 -33.11 10.37
C ILE B 125 6.22 -32.14 11.39
N SER B 126 7.06 -31.27 11.92
CA SER B 126 6.59 -30.28 12.87
C SER B 126 7.63 -29.20 13.11
N GLU B 127 7.18 -28.03 13.54
CA GLU B 127 8.05 -27.04 14.13
C GLU B 127 7.50 -26.79 15.54
N PRO B 128 7.99 -27.55 16.52
CA PRO B 128 7.45 -27.51 17.87
C PRO B 128 8.39 -26.78 18.85
N MET B 129 9.42 -26.12 18.34
CA MET B 129 10.47 -25.55 19.18
C MET B 129 10.07 -24.21 19.81
N GLY B 130 10.14 -24.11 21.14
CA GLY B 130 9.97 -22.80 21.80
C GLY B 130 11.30 -22.08 21.93
N TYR B 131 11.29 -20.83 22.41
CA TYR B 131 12.55 -20.22 22.87
C TYR B 131 13.18 -21.14 23.94
N MET B 132 14.51 -21.18 23.96
CA MET B 132 15.30 -22.11 24.77
C MET B 132 14.94 -23.58 24.46
N LEU B 133 14.37 -23.81 23.28
CA LEU B 133 13.90 -25.14 22.78
C LEU B 133 12.65 -25.63 23.51
N PHE B 134 12.70 -25.69 24.84
CA PHE B 134 11.68 -26.36 25.64
C PHE B 134 10.45 -25.57 25.99
N ASN B 135 10.49 -24.24 25.87
CA ASN B 135 9.30 -23.48 26.19
C ASN B 135 8.15 -23.98 25.32
N GLU B 136 6.92 -23.92 25.84
CA GLU B 136 5.66 -24.34 25.16
C GLU B 136 5.24 -25.79 25.44
N ARG B 137 6.20 -26.67 25.72
CA ARG B 137 5.95 -28.09 25.92
C ARG B 137 5.28 -28.72 24.68
N MET B 138 5.47 -28.09 23.52
CA MET B 138 5.00 -28.67 22.27
C MET B 138 5.90 -29.84 21.80
N LEU B 139 7.15 -29.85 22.21
CA LEU B 139 7.96 -31.07 21.97
C LEU B 139 7.22 -32.34 22.46
N GLU B 140 6.48 -32.26 23.56
CA GLU B 140 5.73 -33.43 24.04
C GLU B 140 4.55 -33.79 23.14
N SER B 141 3.88 -32.81 22.56
CA SER B 141 2.88 -33.03 21.50
C SER B 141 3.44 -33.75 20.29
N TYR B 142 4.64 -33.37 19.90
CA TYR B 142 5.34 -33.93 18.75
C TYR B 142 5.69 -35.39 19.06
N LEU B 143 6.17 -35.63 20.29
CA LEU B 143 6.45 -37.01 20.71
C LEU B 143 5.19 -37.84 20.85
N HIS B 144 4.14 -37.25 21.42
CA HIS B 144 2.83 -37.88 21.54
C HIS B 144 2.32 -38.43 20.21
N ALA B 145 2.55 -37.64 19.17
CA ALA B 145 2.14 -37.92 17.81
C ALA B 145 2.71 -39.22 17.22
N LYS B 146 3.77 -39.76 17.83
CA LYS B 146 4.33 -41.03 17.37
C LYS B 146 3.36 -42.21 17.52
N LYS B 147 2.27 -42.03 18.27
CA LYS B 147 1.23 -43.06 18.29
C LYS B 147 0.64 -43.31 16.89
N TYR B 148 0.89 -42.39 15.95
CA TYR B 148 0.40 -42.47 14.59
C TYR B 148 1.44 -42.89 13.58
N LEU B 149 2.63 -43.16 14.07
CA LEU B 149 3.76 -43.35 13.17
C LEU B 149 3.90 -44.86 12.92
N LYS B 150 4.02 -45.23 11.64
CA LYS B 150 4.31 -46.61 11.25
C LYS B 150 5.65 -47.04 11.82
N PRO B 151 5.75 -48.32 12.25
CA PRO B 151 7.04 -48.75 12.75
C PRO B 151 8.06 -48.45 11.67
N SER B 152 9.25 -48.00 12.07
CA SER B 152 10.25 -47.51 11.12
C SER B 152 9.93 -46.18 10.41
N GLY B 153 8.87 -45.50 10.81
CA GLY B 153 8.61 -44.13 10.29
C GLY B 153 9.66 -43.10 10.73
N ASN B 154 9.67 -41.93 10.09
CA ASN B 154 10.67 -40.94 10.40
C ASN B 154 10.02 -39.69 11.03
N MET B 155 10.87 -38.81 11.55
CA MET B 155 10.41 -37.54 12.10
CA MET B 155 10.46 -37.56 12.22
C MET B 155 11.36 -36.46 11.68
N PHE B 156 10.79 -35.33 11.24
CA PHE B 156 11.48 -34.16 10.71
C PHE B 156 10.97 -32.94 11.53
N PRO B 157 11.76 -32.43 12.51
CA PRO B 157 13.15 -32.80 12.78
C PRO B 157 13.28 -34.11 13.54
N THR B 158 14.47 -34.69 13.45
CA THR B 158 14.77 -36.01 13.98
C THR B 158 15.39 -35.91 15.37
N ILE B 159 16.29 -34.95 15.56
CA ILE B 159 16.90 -34.74 16.86
C ILE B 159 16.99 -33.22 17.16
N GLY B 160 17.04 -32.88 18.44
CA GLY B 160 17.32 -31.51 18.88
C GLY B 160 18.44 -31.50 19.91
N ASP B 161 19.34 -30.52 19.77
CA ASP B 161 20.42 -30.31 20.70
C ASP B 161 20.25 -28.95 21.36
N VAL B 162 20.30 -28.90 22.69
CA VAL B 162 20.42 -27.62 23.40
C VAL B 162 21.86 -27.44 23.81
N HIS B 163 22.36 -26.21 23.65
CA HIS B 163 23.70 -25.88 24.08
C HIS B 163 23.62 -24.89 25.22
N LEU B 164 24.51 -25.09 26.21
CA LEU B 164 24.62 -24.21 27.41
C LEU B 164 26.09 -23.77 27.50
N ALA B 165 26.33 -22.49 27.79
CA ALA B 165 27.72 -22.04 28.02
C ALA B 165 27.73 -20.86 28.97
N PRO B 166 28.76 -20.79 29.83
CA PRO B 166 28.78 -19.69 30.77
C PRO B 166 29.15 -18.40 30.03
N PHE B 167 28.63 -17.27 30.51
CA PHE B 167 28.95 -15.97 29.91
C PHE B 167 29.32 -14.90 30.95
N THR B 168 30.04 -13.89 30.49
CA THR B 168 30.29 -12.71 31.25
C THR B 168 29.65 -11.53 30.53
N ASP B 169 28.88 -10.74 31.26
CA ASP B 169 28.23 -9.58 30.68
C ASP B 169 27.89 -8.64 31.82
N GLU B 170 28.90 -7.88 32.21
CA GLU B 170 28.77 -6.99 33.36
C GLU B 170 27.64 -5.98 33.15
N GLN B 171 27.48 -5.44 31.94
CA GLN B 171 26.44 -4.44 31.70
C GLN B 171 25.01 -4.98 31.84
N LEU B 172 24.81 -6.22 31.38
CA LEU B 172 23.50 -6.84 31.51
C LEU B 172 23.18 -7.08 32.96
N TYR B 173 24.20 -7.54 33.70
CA TYR B 173 24.04 -7.80 35.13
C TYR B 173 23.67 -6.52 35.89
N MET B 174 24.37 -5.42 35.59
N MET B 174 24.39 -5.43 35.58
CA MET B 174 24.19 -4.21 36.38
CA MET B 174 24.21 -4.16 36.29
C MET B 174 22.84 -3.54 36.06
C MET B 174 22.80 -3.63 36.08
N GLU B 175 22.36 -3.70 34.83
CA GLU B 175 21.03 -3.29 34.42
C GLU B 175 19.85 -3.77 35.33
N GLN B 176 19.95 -4.97 35.91
CA GLN B 176 18.95 -5.50 36.85
C GLN B 176 18.85 -4.67 38.12
N PHE B 177 20.00 -4.26 38.66
CA PHE B 177 19.98 -3.44 39.87
C PHE B 177 19.53 -2.03 39.58
N THR B 178 19.97 -1.50 38.45
CA THR B 178 19.53 -0.19 38.00
C THR B 178 18.02 -0.09 37.96
N LYS B 179 17.40 -1.11 37.37
CA LYS B 179 15.96 -1.13 37.27
C LYS B 179 15.35 -1.30 38.64
N ALA B 180 15.88 -2.20 39.45
CA ALA B 180 15.22 -2.46 40.73
C ALA B 180 15.40 -1.28 41.70
N ASN B 181 16.48 -0.51 41.52
CA ASN B 181 16.74 0.64 42.42
C ASN B 181 15.71 1.76 42.34
N PHE B 182 14.83 1.73 41.33
CA PHE B 182 13.57 2.50 41.42
C PHE B 182 12.93 2.43 42.81
N TRP B 183 12.92 1.24 43.38
CA TRP B 183 12.30 1.01 44.69
C TRP B 183 13.17 1.51 45.86
N TYR B 184 14.45 1.82 45.62
CA TYR B 184 15.29 2.27 46.73
C TYR B 184 15.22 3.79 46.86
N GLN B 185 14.04 4.30 47.22
CA GLN B 185 13.81 5.74 47.37
C GLN B 185 13.06 5.87 48.68
N PRO B 186 13.58 6.70 49.60
CA PRO B 186 12.91 6.82 50.90
C PRO B 186 11.71 7.74 50.86
N SER B 187 11.57 8.52 49.78
CA SER B 187 10.48 9.49 49.66
C SER B 187 10.03 9.67 48.21
N PHE B 188 9.46 8.62 47.64
CA PHE B 188 8.76 8.70 46.38
C PHE B 188 7.41 9.33 46.62
N HIS B 189 7.25 10.60 46.26
CA HIS B 189 6.01 11.30 46.59
C HIS B 189 5.66 11.15 48.10
N GLY B 190 6.69 11.06 48.94
CA GLY B 190 6.51 10.94 50.38
C GLY B 190 6.45 9.53 50.91
N VAL B 191 6.58 8.55 50.02
CA VAL B 191 6.49 7.14 50.41
C VAL B 191 7.86 6.49 50.35
N ASP B 192 8.22 5.75 51.39
CA ASP B 192 9.45 5.00 51.42
C ASP B 192 9.21 3.66 50.71
N LEU B 193 9.80 3.48 49.53
CA LEU B 193 9.58 2.27 48.72
C LEU B 193 10.61 1.19 49.00
N SER B 194 11.60 1.53 49.83
CA SER B 194 12.82 0.72 49.98
CA SER B 194 12.82 0.72 49.93
C SER B 194 12.62 -0.74 50.33
N ALA B 195 11.63 -1.02 51.18
CA ALA B 195 11.36 -2.38 51.62
C ALA B 195 11.09 -3.35 50.48
N LEU B 196 10.72 -2.83 49.31
CA LEU B 196 10.43 -3.70 48.15
C LEU B 196 11.61 -3.90 47.17
N ARG B 197 12.75 -3.24 47.46
CA ARG B 197 13.87 -3.33 46.51
C ARG B 197 14.35 -4.78 46.29
N GLY B 198 14.44 -5.56 47.37
CA GLY B 198 14.84 -6.99 47.28
C GLY B 198 13.89 -7.80 46.40
N ALA B 199 12.60 -7.66 46.63
CA ALA B 199 11.57 -8.32 45.82
C ALA B 199 11.70 -7.91 44.34
N ALA B 200 11.99 -6.64 44.07
CA ALA B 200 12.16 -6.20 42.68
C ALA B 200 13.38 -6.82 42.01
N VAL B 201 14.49 -6.88 42.73
CA VAL B 201 15.68 -7.59 42.24
C VAL B 201 15.34 -9.06 41.89
N ASP B 202 14.70 -9.75 42.83
CA ASP B 202 14.32 -11.16 42.63
C ASP B 202 13.45 -11.32 41.40
N GLU B 203 12.47 -10.43 41.24
CA GLU B 203 11.59 -10.46 40.05
C GLU B 203 12.37 -10.41 38.74
N TYR B 204 13.33 -9.48 38.63
CA TYR B 204 14.12 -9.39 37.40
C TYR B 204 15.02 -10.57 37.18
N PHE B 205 15.65 -11.06 38.24
CA PHE B 205 16.56 -12.21 38.06
C PHE B 205 15.82 -13.53 37.72
N ARG B 206 14.54 -13.64 38.10
CA ARG B 206 13.73 -14.83 37.74
C ARG B 206 13.34 -14.94 36.27
N GLN B 207 13.56 -13.88 35.50
CA GLN B 207 13.19 -13.82 34.07
C GLN B 207 14.38 -14.20 33.19
N PRO B 208 14.29 -15.34 32.44
CA PRO B 208 15.27 -15.54 31.40
C PRO B 208 15.23 -14.38 30.41
N VAL B 209 16.40 -14.01 29.88
CA VAL B 209 16.55 -12.86 29.00
C VAL B 209 16.58 -13.39 27.57
N VAL B 210 15.52 -13.12 26.81
CA VAL B 210 15.45 -13.51 25.38
C VAL B 210 16.00 -12.39 24.53
N ASP B 211 17.17 -12.63 23.95
CA ASP B 211 17.81 -11.67 23.09
C ASP B 211 19.08 -12.31 22.53
N THR B 212 19.63 -11.73 21.48
CA THR B 212 20.93 -12.20 20.96
C THR B 212 22.04 -11.46 21.67
N PHE B 213 23.28 -11.80 21.37
CA PHE B 213 24.45 -11.24 22.04
C PHE B 213 25.69 -11.54 21.20
N ASP B 214 26.79 -10.85 21.52
CA ASP B 214 28.07 -11.05 20.84
C ASP B 214 28.75 -12.28 21.42
N ILE B 215 29.30 -13.13 20.56
CA ILE B 215 29.91 -14.38 20.99
C ILE B 215 31.10 -14.19 21.94
N ARG B 216 31.65 -12.98 21.98
CA ARG B 216 32.78 -12.72 22.88
C ARG B 216 32.40 -12.76 24.38
N ILE B 217 31.11 -12.80 24.70
CA ILE B 217 30.72 -12.94 26.09
C ILE B 217 30.91 -14.36 26.62
N LEU B 218 31.08 -15.32 25.70
CA LEU B 218 31.10 -16.73 26.09
C LEU B 218 32.47 -17.13 26.61
N MET B 219 32.50 -17.86 27.72
CA MET B 219 33.72 -18.04 28.50
C MET B 219 34.24 -19.48 28.45
N ALA B 220 33.48 -20.40 27.83
CA ALA B 220 33.84 -21.81 27.72
C ALA B 220 33.06 -22.47 26.57
N LYS B 221 33.61 -23.58 26.08
CA LYS B 221 32.95 -24.43 25.10
C LYS B 221 31.63 -24.91 25.69
N SER B 222 30.59 -24.91 24.86
CA SER B 222 29.24 -25.25 25.31
C SER B 222 29.12 -26.74 25.63
N VAL B 223 28.18 -27.08 26.51
CA VAL B 223 27.82 -28.49 26.71
C VAL B 223 26.49 -28.68 25.98
N LYS B 224 26.24 -29.91 25.55
CA LYS B 224 25.14 -30.20 24.65
C LYS B 224 24.24 -31.23 25.32
N TYR B 225 22.94 -31.05 25.19
CA TYR B 225 21.99 -32.03 25.66
C TYR B 225 21.08 -32.34 24.49
N THR B 226 20.92 -33.63 24.19
CA THR B 226 20.26 -34.03 22.96
C THR B 226 18.96 -34.73 23.26
N VAL B 227 17.91 -34.35 22.53
CA VAL B 227 16.68 -35.10 22.57
C VAL B 227 16.58 -35.81 21.21
N ASN B 228 16.51 -37.15 21.23
CA ASN B 228 16.27 -37.90 20.01
C ASN B 228 14.77 -38.13 19.85
N PHE B 229 14.17 -37.48 18.84
CA PHE B 229 12.70 -37.48 18.73
C PHE B 229 12.16 -38.83 18.30
N LEU B 230 13.00 -39.60 17.62
CA LEU B 230 12.60 -40.98 17.24
C LEU B 230 12.49 -41.90 18.46
N GLU B 231 13.31 -41.66 19.47
CA GLU B 231 13.37 -42.57 20.60
C GLU B 231 12.72 -42.06 21.88
N ALA B 232 12.61 -40.75 22.05
CA ALA B 232 12.16 -40.18 23.33
C ALA B 232 10.69 -40.46 23.64
N LYS B 233 10.38 -40.58 24.92
CA LYS B 233 9.00 -40.66 25.32
C LYS B 233 8.64 -39.34 25.99
N GLU B 234 7.34 -39.02 25.98
CA GLU B 234 6.85 -37.78 26.56
C GLU B 234 7.35 -37.58 27.99
N GLY B 235 7.37 -38.65 28.78
CA GLY B 235 7.78 -38.58 30.17
C GLY B 235 9.22 -38.15 30.37
N ASP B 236 10.05 -38.37 29.35
CA ASP B 236 11.45 -37.95 29.36
C ASP B 236 11.62 -36.42 29.38
N LEU B 237 10.58 -35.70 29.01
CA LEU B 237 10.62 -34.24 28.98
C LEU B 237 10.03 -33.61 30.24
N HIS B 238 9.68 -34.41 31.23
CA HIS B 238 9.07 -33.86 32.45
C HIS B 238 10.12 -33.30 33.41
N ARG B 239 11.31 -33.89 33.39
CA ARG B 239 12.40 -33.54 34.29
C ARG B 239 13.64 -33.65 33.46
N ILE B 240 14.22 -32.52 33.10
CA ILE B 240 15.38 -32.51 32.21
C ILE B 240 16.59 -32.07 33.00
N GLU B 241 17.53 -32.97 33.20
CA GLU B 241 18.71 -32.70 34.03
C GLU B 241 19.94 -32.58 33.13
N ILE B 242 20.52 -31.38 33.11
CA ILE B 242 21.69 -31.12 32.27
C ILE B 242 22.91 -30.84 33.18
N PRO B 243 23.76 -31.86 33.41
CA PRO B 243 24.94 -31.58 34.22
C PRO B 243 25.96 -30.84 33.36
N PHE B 244 26.78 -30.04 34.00
CA PHE B 244 27.84 -29.39 33.25
C PHE B 244 29.14 -29.34 34.03
N LYS B 245 30.22 -29.33 33.27
CA LYS B 245 31.56 -29.28 33.79
C LYS B 245 32.37 -28.39 32.83
N PHE B 246 32.26 -27.07 32.97
CA PHE B 246 32.88 -26.19 32.00
C PHE B 246 34.34 -25.98 32.33
N HIS B 247 35.19 -26.14 31.33
CA HIS B 247 36.62 -25.78 31.49
C HIS B 247 36.83 -24.36 30.93
N MET B 248 37.09 -23.43 31.83
CA MET B 248 37.01 -22.00 31.50
C MET B 248 38.12 -21.61 30.52
N LEU B 249 37.75 -20.99 29.42
CA LEU B 249 38.73 -20.52 28.44
C LEU B 249 39.21 -19.12 28.79
N HIS B 250 38.44 -18.39 29.60
CA HIS B 250 38.78 -17.00 29.92
C HIS B 250 38.54 -16.75 31.38
N SER B 251 39.35 -15.86 31.96
CA SER B 251 39.17 -15.44 33.33
C SER B 251 38.19 -14.29 33.35
N GLY B 252 37.33 -14.25 34.36
CA GLY B 252 36.42 -13.15 34.51
C GLY B 252 35.29 -13.51 35.45
N LEU B 253 34.33 -12.61 35.57
CA LEU B 253 33.12 -12.87 36.36
C LEU B 253 32.05 -13.56 35.53
N VAL B 254 31.64 -14.77 35.93
CA VAL B 254 30.54 -15.47 35.26
C VAL B 254 29.21 -14.94 35.75
N HIS B 255 28.44 -14.34 34.86
CA HIS B 255 27.16 -13.75 35.24
C HIS B 255 25.97 -14.66 34.95
N GLY B 256 26.21 -15.80 34.31
CA GLY B 256 25.07 -16.72 34.05
C GLY B 256 25.37 -17.72 32.97
N LEU B 257 24.32 -18.43 32.51
CA LEU B 257 24.43 -19.39 31.39
C LEU B 257 23.64 -18.95 30.15
N ALA B 258 24.26 -19.11 28.98
CA ALA B 258 23.63 -18.81 27.71
C ALA B 258 23.15 -20.11 27.11
N PHE B 259 22.03 -20.04 26.41
CA PHE B 259 21.36 -21.20 25.81
C PHE B 259 21.04 -20.93 24.35
N TRP B 260 21.23 -21.94 23.50
CA TRP B 260 20.69 -21.91 22.14
C TRP B 260 20.42 -23.37 21.73
N PHE B 261 19.89 -23.57 20.55
CA PHE B 261 19.59 -24.92 20.11
C PHE B 261 19.72 -25.10 18.62
N ASP B 262 19.96 -26.35 18.20
CA ASP B 262 19.95 -26.74 16.79
C ASP B 262 18.98 -27.90 16.68
N VAL B 263 18.36 -28.06 15.51
CA VAL B 263 17.66 -29.33 15.20
C VAL B 263 18.20 -29.90 13.84
N ALA B 264 18.17 -31.22 13.70
CA ALA B 264 18.65 -31.87 12.46
C ALA B 264 17.49 -32.62 11.83
N PHE B 265 17.39 -32.51 10.51
CA PHE B 265 16.44 -33.33 9.74
C PHE B 265 17.26 -34.43 9.09
N ILE B 266 17.21 -35.64 9.64
CA ILE B 266 18.03 -36.74 9.15
C ILE B 266 17.24 -37.52 8.07
N GLY B 267 17.43 -37.17 6.80
CA GLY B 267 16.65 -37.78 5.71
C GLY B 267 17.44 -38.89 5.05
N SER B 268 16.78 -39.64 4.16
CA SER B 268 17.44 -40.69 3.35
C SER B 268 18.54 -40.15 2.44
N ILE B 269 18.31 -38.98 1.88
CA ILE B 269 19.28 -38.36 0.99
C ILE B 269 20.36 -37.57 1.74
N MET B 270 19.95 -36.73 2.70
CA MET B 270 20.93 -35.91 3.44
C MET B 270 20.41 -35.42 4.78
N THR B 271 21.34 -35.01 5.64
CA THR B 271 20.97 -34.37 6.90
C THR B 271 21.08 -32.85 6.72
N VAL B 272 20.02 -32.15 7.10
CA VAL B 272 19.99 -30.71 7.05
C VAL B 272 19.80 -30.18 8.48
N TRP B 273 20.57 -29.15 8.84
CA TRP B 273 20.51 -28.61 10.21
C TRP B 273 19.88 -27.23 10.19
N LEU B 274 19.11 -26.92 11.23
CA LEU B 274 18.59 -25.60 11.47
C LEU B 274 19.18 -25.15 12.79
N SER B 275 19.98 -24.09 12.76
CA SER B 275 20.68 -23.66 13.99
C SER B 275 20.22 -22.30 14.49
N THR B 276 20.11 -22.16 15.81
CA THR B 276 19.82 -20.85 16.41
C THR B 276 21.03 -20.33 17.20
N ALA B 277 22.20 -20.89 16.92
CA ALA B 277 23.41 -20.53 17.65
C ALA B 277 23.78 -19.07 17.42
N PRO B 278 24.49 -18.45 18.39
CA PRO B 278 24.88 -17.03 18.25
C PRO B 278 25.98 -16.81 17.20
N THR B 279 26.61 -17.90 16.75
CA THR B 279 27.53 -17.88 15.63
C THR B 279 26.84 -17.94 14.26
N GLU B 280 25.51 -18.02 14.22
CA GLU B 280 24.78 -18.18 12.97
C GLU B 280 23.86 -17.00 12.76
N PRO B 281 23.34 -16.79 11.54
CA PRO B 281 22.42 -15.65 11.36
C PRO B 281 21.27 -15.70 12.36
N LEU B 282 20.83 -14.52 12.80
CA LEU B 282 19.80 -14.39 13.80
C LEU B 282 18.49 -15.03 13.33
N THR B 283 17.76 -15.69 14.23
CA THR B 283 16.42 -16.21 13.92
C THR B 283 15.40 -15.57 14.88
N HIS B 284 14.11 -15.84 14.69
CA HIS B 284 13.09 -15.28 15.57
C HIS B 284 13.16 -15.90 16.97
N TRP B 285 13.95 -16.97 17.15
CA TRP B 285 14.19 -17.57 18.47
C TRP B 285 15.24 -16.81 19.31
N TYR B 286 16.05 -15.99 18.65
CA TYR B 286 17.16 -15.28 19.31
C TYR B 286 18.05 -16.27 20.09
N GLN B 287 18.44 -15.92 21.33
CA GLN B 287 19.08 -16.86 22.25
C GLN B 287 18.53 -16.53 23.63
N VAL B 288 18.86 -17.31 24.64
CA VAL B 288 18.31 -17.11 25.98
C VAL B 288 19.44 -17.12 27.01
N ARG B 289 19.45 -16.13 27.91
CA ARG B 289 20.45 -16.10 28.99
C ARG B 289 19.76 -16.13 30.34
N CYS B 290 20.25 -16.99 31.21
CA CYS B 290 19.78 -17.04 32.59
C CYS B 290 20.87 -16.48 33.48
N LEU B 291 20.55 -15.41 34.16
CA LEU B 291 21.53 -14.72 35.02
C LEU B 291 21.69 -15.41 36.37
N PHE B 292 22.86 -15.24 36.99
CA PHE B 292 23.02 -15.64 38.39
C PHE B 292 22.88 -14.36 39.21
N GLN B 293 22.05 -14.35 40.25
CA GLN B 293 21.95 -13.12 41.07
C GLN B 293 23.27 -12.88 41.81
N SER B 294 24.00 -13.96 42.08
CA SER B 294 25.38 -13.87 42.57
C SER B 294 26.39 -14.38 41.57
N PRO B 295 27.21 -13.48 41.00
CA PRO B 295 28.16 -13.88 39.97
C PRO B 295 29.33 -14.67 40.53
N LEU B 296 30.02 -15.43 39.68
CA LEU B 296 31.12 -16.27 40.13
C LEU B 296 32.43 -15.94 39.45
N PHE B 297 33.48 -15.76 40.25
CA PHE B 297 34.81 -15.52 39.71
C PHE B 297 35.49 -16.79 39.29
N ALA B 298 35.95 -16.82 38.05
CA ALA B 298 36.68 -17.98 37.61
C ALA B 298 37.88 -17.51 36.85
N LYS B 299 38.95 -18.27 36.92
CA LYS B 299 40.08 -17.94 36.07
C LYS B 299 40.21 -19.00 34.99
N ALA B 300 40.84 -18.64 33.86
CA ALA B 300 41.05 -19.59 32.78
C ALA B 300 41.71 -20.83 33.35
N GLY B 301 41.17 -21.98 32.99
CA GLY B 301 41.67 -23.25 33.51
C GLY B 301 40.87 -23.78 34.68
N ASP B 302 40.10 -22.94 35.38
CA ASP B 302 39.18 -23.41 36.44
C ASP B 302 38.05 -24.27 35.86
N THR B 303 37.36 -25.01 36.70
CA THR B 303 36.17 -25.77 36.26
C THR B 303 34.93 -25.19 36.93
N LEU B 304 33.90 -24.93 36.15
CA LEU B 304 32.63 -24.44 36.66
C LEU B 304 31.66 -25.61 36.48
N SER B 305 31.27 -26.22 37.60
CA SER B 305 30.46 -27.41 37.54
C SER B 305 29.10 -27.13 38.17
N GLY B 306 28.13 -27.94 37.78
CA GLY B 306 26.82 -27.82 38.38
C GLY B 306 25.83 -28.53 37.50
N THR B 307 24.56 -28.12 37.65
CA THR B 307 23.45 -28.74 36.97
C THR B 307 22.45 -27.64 36.58
N CYS B 308 21.87 -27.78 35.40
CA CYS B 308 20.68 -27.04 35.02
C CYS B 308 19.53 -28.05 35.00
N LEU B 309 18.56 -27.86 35.89
CA LEU B 309 17.41 -28.74 36.00
C LEU B 309 16.16 -28.01 35.55
N LEU B 310 15.45 -28.58 34.57
CA LEU B 310 14.22 -28.00 34.09
C LEU B 310 13.10 -28.94 34.48
N ILE B 311 12.11 -28.41 35.19
CA ILE B 311 11.01 -29.21 35.65
C ILE B 311 9.76 -28.70 34.99
N ALA B 312 9.07 -29.56 34.22
CA ALA B 312 7.87 -29.15 33.54
C ALA B 312 6.77 -28.69 34.49
N ASN B 313 5.99 -27.72 34.05
CA ASN B 313 4.87 -27.22 34.81
C ASN B 313 3.61 -27.19 33.94
N LYS B 314 2.47 -26.95 34.58
CA LYS B 314 1.18 -26.98 33.88
C LYS B 314 0.88 -25.68 33.12
N ARG B 315 1.84 -24.76 33.08
CA ARG B 315 1.69 -23.54 32.30
C ARG B 315 2.46 -23.63 30.98
N GLN B 316 2.62 -24.87 30.47
CA GLN B 316 3.25 -25.12 29.16
C GLN B 316 4.71 -24.70 29.12
N SER B 317 5.37 -24.82 30.26
CA SER B 317 6.75 -24.41 30.29
C SER B 317 7.51 -25.15 31.40
N TYR B 318 8.62 -24.59 31.84
CA TYR B 318 9.47 -25.22 32.83
C TYR B 318 9.90 -24.26 33.94
N ASP B 319 10.06 -24.79 35.14
CA ASP B 319 10.78 -24.10 36.19
C ASP B 319 12.25 -24.49 36.03
N ILE B 320 13.13 -23.49 36.00
CA ILE B 320 14.55 -23.72 35.75
C ILE B 320 15.28 -23.53 37.06
N SER B 321 16.12 -24.50 37.40
CA SER B 321 16.97 -24.35 38.54
C SER B 321 18.41 -24.53 38.04
N ILE B 322 19.25 -23.51 38.25
CA ILE B 322 20.67 -23.60 37.88
C ILE B 322 21.51 -23.46 39.14
N VAL B 323 22.37 -24.46 39.41
CA VAL B 323 23.30 -24.42 40.54
C VAL B 323 24.67 -24.58 39.92
N ALA B 324 25.62 -23.75 40.32
CA ALA B 324 26.95 -23.82 39.75
C ALA B 324 27.99 -23.50 40.82
N GLN B 325 29.17 -24.07 40.65
CA GLN B 325 30.27 -23.73 41.53
C GLN B 325 31.58 -23.74 40.76
N VAL B 326 32.51 -22.95 41.26
CA VAL B 326 33.86 -22.97 40.74
C VAL B 326 34.61 -23.98 41.60
N ASP B 327 35.09 -25.05 40.98
CA ASP B 327 35.63 -26.18 41.74
C ASP B 327 36.86 -25.80 42.53
N GLN B 328 37.66 -24.89 41.98
CA GLN B 328 38.92 -24.49 42.61
C GLN B 328 38.70 -23.64 43.86
N THR B 329 37.58 -22.94 43.95
CA THR B 329 37.34 -22.08 45.10
C THR B 329 36.17 -22.50 45.97
N GLY B 330 35.26 -23.29 45.42
CA GLY B 330 34.05 -23.63 46.14
C GLY B 330 33.00 -22.53 46.18
N SER B 331 33.22 -21.36 45.58
CA SER B 331 32.17 -20.36 45.60
C SER B 331 31.03 -20.85 44.70
N LYS B 332 29.81 -20.62 45.16
CA LYS B 332 28.63 -21.33 44.66
C LYS B 332 27.55 -20.29 44.31
N SER B 333 26.75 -20.58 43.28
CA SER B 333 25.58 -19.75 42.98
C SER B 333 24.36 -20.59 42.61
N SER B 334 23.20 -20.23 43.17
N SER B 334 23.18 -20.04 42.90
CA SER B 334 21.93 -21.01 43.07
CA SER B 334 21.86 -20.57 42.51
C SER B 334 20.80 -20.09 42.56
C SER B 334 21.17 -19.57 41.57
N ASN B 335 20.04 -20.53 41.55
N ASN B 335 20.21 -20.03 40.78
CA ASN B 335 19.19 -19.63 40.79
CA ASN B 335 19.10 -19.17 40.38
C ASN B 335 17.88 -20.30 40.36
C ASN B 335 17.93 -20.06 40.05
N LEU B 336 16.76 -19.56 40.41
CA LEU B 336 15.46 -20.13 40.01
C LEU B 336 14.84 -19.21 39.02
N LEU B 337 14.42 -19.74 37.87
CA LEU B 337 13.84 -18.90 36.82
C LEU B 337 12.52 -19.50 36.29
N ASP B 338 11.63 -18.62 35.83
CA ASP B 338 10.32 -19.00 35.34
C ASP B 338 10.32 -18.80 33.82
N LEU B 339 10.55 -19.91 33.10
CA LEU B 339 10.71 -19.83 31.65
C LEU B 339 9.51 -19.21 30.91
N LYS B 340 8.29 -19.39 31.45
CA LYS B 340 7.06 -18.94 30.76
C LYS B 340 6.99 -17.42 30.72
N ASN B 341 7.67 -16.76 31.68
CA ASN B 341 7.63 -15.31 31.82
C ASN B 341 8.99 -14.66 31.75
N PRO B 342 9.60 -14.66 30.55
CA PRO B 342 10.92 -14.11 30.44
C PRO B 342 10.91 -12.60 30.19
N PHE B 343 12.10 -12.04 30.08
CA PHE B 343 12.24 -10.67 29.68
C PHE B 343 12.52 -10.69 28.19
N PHE B 344 11.57 -10.17 27.39
CA PHE B 344 11.77 -10.15 25.94
C PHE B 344 12.63 -8.96 25.54
N ARG B 345 13.91 -9.00 25.92
CA ARG B 345 14.79 -7.83 25.87
C ARG B 345 14.99 -7.32 24.46
N TYR B 346 14.92 -8.21 23.47
CA TYR B 346 15.06 -7.79 22.07
C TYR B 346 14.05 -6.73 21.62
N THR B 347 12.91 -6.58 22.31
CA THR B 347 11.89 -5.62 21.86
C THR B 347 12.19 -4.11 22.06
N ARG C 4 -2.29 -4.57 -51.04
CA ARG C 4 -1.69 -4.85 -49.70
C ARG C 4 -0.19 -5.14 -49.73
N SER C 5 0.51 -4.68 -48.68
CA SER C 5 1.97 -4.81 -48.55
C SER C 5 2.33 -5.51 -47.24
N VAL C 6 3.62 -5.82 -47.08
CA VAL C 6 4.15 -6.39 -45.83
C VAL C 6 3.77 -5.52 -44.62
N PHE C 7 3.82 -4.21 -44.79
CA PHE C 7 3.45 -3.28 -43.73
C PHE C 7 1.96 -3.38 -43.38
N SER C 8 1.09 -3.23 -44.36
CA SER C 8 -0.35 -3.15 -44.08
C SER C 8 -0.85 -4.49 -43.56
N GLU C 9 -0.14 -5.55 -43.93
CA GLU C 9 -0.49 -6.90 -43.53
C GLU C 9 -0.29 -7.12 -42.04
N ARG C 10 0.74 -6.48 -41.48
CA ARG C 10 1.11 -6.66 -40.07
C ARG C 10 0.53 -5.54 -39.20
N THR C 11 -0.19 -4.59 -39.80
CA THR C 11 -0.47 -3.32 -39.10
C THR C 11 -1.95 -2.90 -39.14
N GLU C 12 -2.55 -2.75 -37.95
CA GLU C 12 -3.88 -2.16 -37.83
C GLU C 12 -3.92 -0.73 -38.39
N GLU C 13 -4.92 -0.47 -39.22
CA GLU C 13 -5.13 0.85 -39.83
C GLU C 13 -5.11 1.97 -38.78
N SER C 14 -5.90 1.80 -37.72
CA SER C 14 -5.99 2.79 -36.66
C SER C 14 -4.63 3.08 -36.01
N SER C 15 -3.83 2.04 -35.80
CA SER C 15 -2.48 2.21 -35.29
C SER C 15 -1.60 3.02 -36.28
N ALA C 16 -1.60 2.64 -37.55
CA ALA C 16 -0.76 3.29 -38.57
C ALA C 16 -1.07 4.79 -38.66
N VAL C 17 -2.35 5.11 -38.69
CA VAL C 17 -2.80 6.50 -38.82
C VAL C 17 -2.23 7.34 -37.69
N GLN C 18 -2.47 6.92 -36.44
CA GLN C 18 -1.91 7.62 -35.27
C GLN C 18 -0.40 7.70 -35.29
N TYR C 19 0.26 6.59 -35.69
CA TYR C 19 1.74 6.51 -35.74
C TYR C 19 2.36 7.58 -36.66
N PHE C 20 1.92 7.58 -37.93
CA PHE C 20 2.46 8.55 -38.87
C PHE C 20 2.04 9.98 -38.59
N GLN C 21 0.88 10.14 -37.96
CA GLN C 21 0.47 11.47 -37.53
C GLN C 21 1.40 12.00 -36.44
N PHE C 22 1.73 11.16 -35.48
CA PHE C 22 2.70 11.50 -34.43
C PHE C 22 3.98 12.04 -35.04
N TYR C 23 4.52 11.34 -36.02
CA TYR C 23 5.76 11.73 -36.65
C TYR C 23 5.63 12.90 -37.65
N GLY C 24 4.39 13.20 -38.07
CA GLY C 24 4.16 14.33 -38.98
C GLY C 24 4.31 15.70 -38.33
N TYR C 25 4.42 15.76 -37.01
CA TYR C 25 4.62 17.05 -36.32
C TYR C 25 6.09 17.45 -36.27
N LEU C 26 6.37 18.70 -36.63
CA LEU C 26 7.74 19.22 -36.53
C LEU C 26 8.25 19.17 -35.10
N SER C 27 7.33 19.29 -34.14
CA SER C 27 7.74 19.30 -32.73
C SER C 27 8.30 17.93 -32.33
N GLN C 28 7.75 16.84 -32.86
CA GLN C 28 8.27 15.52 -32.62
C GLN C 28 9.65 15.28 -33.25
N GLN C 29 9.86 15.80 -34.47
CA GLN C 29 11.15 15.65 -35.10
C GLN C 29 12.16 16.46 -34.31
N GLN C 30 11.75 17.65 -33.89
CA GLN C 30 12.58 18.48 -33.02
C GLN C 30 12.97 17.74 -31.72
N ASN C 31 12.01 17.06 -31.11
CA ASN C 31 12.27 16.31 -29.88
C ASN C 31 13.45 15.33 -30.07
N MET C 32 13.43 14.57 -31.15
CA MET C 32 14.49 13.61 -31.44
C MET C 32 15.79 14.30 -31.83
N MET C 33 15.71 15.31 -32.71
CA MET C 33 16.89 16.03 -33.16
C MET C 33 17.68 16.64 -31.99
N GLN C 34 16.92 17.18 -31.02
CA GLN C 34 17.50 17.91 -29.89
C GLN C 34 18.17 17.01 -28.90
N ASP C 35 17.96 15.70 -29.01
CA ASP C 35 18.66 14.75 -28.15
C ASP C 35 20.09 14.75 -28.66
N TYR C 36 20.97 15.52 -28.00
CA TYR C 36 22.33 15.72 -28.50
C TYR C 36 23.17 14.45 -28.47
N VAL C 37 23.00 13.63 -27.42
CA VAL C 37 23.66 12.32 -27.37
C VAL C 37 23.27 11.51 -28.62
N ARG C 38 21.97 11.43 -28.91
CA ARG C 38 21.47 10.68 -30.08
C ARG C 38 22.03 11.27 -31.37
N THR C 39 21.73 12.54 -31.62
CA THR C 39 22.00 13.12 -32.95
C THR C 39 23.50 13.29 -33.14
N GLY C 40 24.20 13.71 -32.08
CA GLY C 40 25.67 13.87 -32.13
C GLY C 40 26.42 12.55 -32.35
N THR C 41 25.92 11.46 -31.77
CA THR C 41 26.54 10.15 -31.91
C THR C 41 26.29 9.61 -33.34
N TYR C 42 25.07 9.76 -33.86
CA TYR C 42 24.82 9.44 -35.29
C TYR C 42 25.76 10.19 -36.21
N GLN C 43 25.93 11.51 -35.98
CA GLN C 43 26.86 12.29 -36.81
C GLN C 43 28.31 11.79 -36.73
N ARG C 44 28.77 11.52 -35.52
CA ARG C 44 30.12 11.02 -35.31
C ARG C 44 30.30 9.65 -35.96
N ALA C 45 29.29 8.79 -35.87
CA ALA C 45 29.40 7.45 -36.43
C ALA C 45 29.55 7.52 -37.94
N ILE C 46 28.77 8.41 -38.55
CA ILE C 46 28.79 8.58 -40.01
C ILE C 46 30.07 9.29 -40.48
N LEU C 47 30.38 10.44 -39.90
CA LEU C 47 31.56 11.22 -40.34
C LEU C 47 32.90 10.54 -40.03
N GLN C 48 33.01 9.88 -38.87
CA GLN C 48 34.27 9.22 -38.54
C GLN C 48 34.50 7.99 -39.43
N ASN C 49 33.41 7.46 -39.97
CA ASN C 49 33.43 6.35 -40.92
C ASN C 49 33.13 6.82 -42.33
N HIS C 50 33.77 7.93 -42.72
CA HIS C 50 33.47 8.59 -43.99
C HIS C 50 33.76 7.70 -45.20
N THR C 51 34.68 6.74 -45.03
CA THR C 51 35.04 5.79 -46.09
C THR C 51 33.87 4.86 -46.42
N ASP C 52 32.97 4.65 -45.48
CA ASP C 52 31.79 3.84 -45.77
C ASP C 52 30.72 4.65 -46.49
N PHE C 53 30.97 5.95 -46.69
CA PHE C 53 30.04 6.84 -47.38
C PHE C 53 30.57 7.49 -48.64
N LYS C 54 31.88 7.71 -48.69
CA LYS C 54 32.50 8.41 -49.82
C LYS C 54 32.09 7.78 -51.15
N ASP C 55 31.40 8.56 -52.00
CA ASP C 55 30.87 8.12 -53.29
C ASP C 55 29.92 6.92 -53.34
N LYS C 56 29.26 6.62 -52.21
CA LYS C 56 28.36 5.47 -52.12
C LYS C 56 26.88 5.83 -52.31
N ILE C 57 26.07 4.80 -52.52
CA ILE C 57 24.63 4.94 -52.62
C ILE C 57 24.06 4.55 -51.26
N VAL C 58 23.24 5.44 -50.70
CA VAL C 58 22.74 5.30 -49.33
C VAL C 58 21.22 5.18 -49.34
N LEU C 59 20.67 4.38 -48.44
CA LEU C 59 19.22 4.41 -48.14
C LEU C 59 19.00 4.86 -46.68
N ASP C 60 18.19 5.91 -46.48
CA ASP C 60 17.80 6.34 -45.13
C ASP C 60 16.37 5.90 -44.93
N VAL C 61 16.20 4.92 -44.05
CA VAL C 61 14.88 4.37 -43.77
C VAL C 61 14.22 5.24 -42.71
N GLY C 62 13.20 5.98 -43.12
CA GLY C 62 12.46 6.88 -42.19
C GLY C 62 13.24 8.13 -41.90
N CYS C 63 13.47 8.95 -42.93
CA CYS C 63 14.38 10.06 -42.82
C CYS C 63 13.86 11.20 -41.93
N GLY C 64 12.55 11.23 -41.66
CA GLY C 64 11.97 12.34 -40.86
C GLY C 64 12.33 13.67 -41.47
N SER C 65 13.03 14.52 -40.72
CA SER C 65 13.50 15.81 -41.23
C SER C 65 14.57 15.71 -42.33
N GLY C 66 15.18 14.53 -42.46
CA GLY C 66 16.29 14.28 -43.37
C GLY C 66 17.64 14.36 -42.70
N ILE C 67 17.68 14.60 -41.39
CA ILE C 67 18.94 14.91 -40.70
C ILE C 67 20.09 13.89 -40.99
N LEU C 68 19.76 12.60 -40.97
CA LEU C 68 20.79 11.54 -41.14
C LEU C 68 21.26 11.51 -42.58
N SER C 69 20.35 11.79 -43.52
CA SER C 69 20.74 11.91 -44.92
C SER C 69 21.71 13.06 -45.12
N PHE C 70 21.48 14.20 -44.43
CA PHE C 70 22.45 15.29 -44.46
C PHE C 70 23.81 14.85 -43.95
N PHE C 71 23.84 13.98 -42.94
CA PHE C 71 25.14 13.53 -42.41
C PHE C 71 25.86 12.64 -43.44
N ALA C 72 25.11 11.77 -44.08
CA ALA C 72 25.62 10.96 -45.22
C ALA C 72 26.22 11.83 -46.33
N ALA C 73 25.54 12.93 -46.69
CA ALA C 73 26.05 13.87 -47.68
C ALA C 73 27.32 14.56 -47.21
N GLN C 74 27.34 14.96 -45.95
CA GLN C 74 28.56 15.55 -45.39
C GLN C 74 29.77 14.59 -45.50
N ALA C 75 29.55 13.30 -45.30
CA ALA C 75 30.64 12.32 -45.35
C ALA C 75 31.01 11.89 -46.77
N GLY C 76 30.30 12.42 -47.77
CA GLY C 76 30.69 12.23 -49.18
C GLY C 76 29.82 11.29 -50.02
N ALA C 77 28.63 10.94 -49.54
CA ALA C 77 27.77 10.04 -50.31
C ALA C 77 27.44 10.65 -51.67
N ARG C 78 27.37 9.79 -52.68
CA ARG C 78 27.02 10.23 -54.04
C ARG C 78 25.51 10.44 -54.18
N LYS C 79 24.71 9.51 -53.65
CA LYS C 79 23.27 9.62 -53.71
C LYS C 79 22.64 8.94 -52.50
N ILE C 80 21.65 9.61 -51.93
CA ILE C 80 20.95 9.14 -50.74
C ILE C 80 19.45 9.09 -51.00
N TYR C 81 18.87 7.90 -50.96
CA TYR C 81 17.43 7.78 -51.06
C TYR C 81 16.89 7.88 -49.63
N ALA C 82 16.08 8.91 -49.39
CA ALA C 82 15.58 9.22 -48.06
C ALA C 82 14.10 8.89 -48.02
N VAL C 83 13.76 7.74 -47.45
CA VAL C 83 12.37 7.25 -47.50
C VAL C 83 11.61 7.69 -46.25
N GLU C 84 10.44 8.29 -46.43
CA GLU C 84 9.65 8.79 -45.29
C GLU C 84 8.16 8.66 -45.57
N ALA C 85 7.46 7.93 -44.69
CA ALA C 85 6.03 7.65 -44.86
C ALA C 85 5.07 8.72 -44.34
N SER C 86 5.50 9.57 -43.40
CA SER C 86 4.59 10.58 -42.85
C SER C 86 4.58 11.80 -43.75
N THR C 87 3.79 12.82 -43.40
CA THR C 87 3.79 14.08 -44.13
C THR C 87 5.09 14.87 -43.94
N MET C 88 5.93 14.43 -42.99
CA MET C 88 7.23 15.05 -42.81
C MET C 88 8.10 14.98 -44.07
N ALA C 89 7.77 14.05 -44.97
CA ALA C 89 8.48 13.92 -46.24
C ALA C 89 8.52 15.25 -46.99
N GLN C 90 7.42 16.00 -46.89
CA GLN C 90 7.32 17.30 -47.56
C GLN C 90 8.33 18.32 -46.99
N HIS C 91 8.46 18.33 -45.66
CA HIS C 91 9.40 19.24 -45.02
C HIS C 91 10.86 18.88 -45.28
N ALA C 92 11.15 17.58 -45.32
CA ALA C 92 12.48 17.10 -45.71
C ALA C 92 12.86 17.63 -47.12
N GLU C 93 11.92 17.55 -48.06
CA GLU C 93 12.20 18.03 -49.41
C GLU C 93 12.51 19.52 -49.37
N VAL C 94 11.73 20.27 -48.60
CA VAL C 94 12.00 21.70 -48.41
C VAL C 94 13.46 21.94 -47.94
N LEU C 95 13.92 21.18 -46.94
CA LEU C 95 15.30 21.34 -46.47
C LEU C 95 16.37 20.93 -47.48
N VAL C 96 16.10 19.89 -48.26
CA VAL C 96 17.08 19.48 -49.27
C VAL C 96 17.33 20.62 -50.27
N LYS C 97 16.25 21.25 -50.70
CA LYS C 97 16.33 22.43 -51.60
C LYS C 97 17.03 23.66 -50.99
N SER C 98 16.62 24.07 -49.78
CA SER C 98 17.24 25.23 -49.13
C SER C 98 18.70 24.96 -48.80
N ASN C 99 19.06 23.69 -48.66
CA ASN C 99 20.46 23.34 -48.40
C ASN C 99 21.27 23.01 -49.66
N ASN C 100 20.65 23.20 -50.83
CA ASN C 100 21.31 23.00 -52.12
C ASN C 100 21.93 21.62 -52.25
N LEU C 101 21.15 20.59 -51.92
CA LEU C 101 21.65 19.23 -51.93
C LEU C 101 20.77 18.35 -52.80
N THR C 102 20.06 19.00 -53.73
CA THR C 102 19.17 18.34 -54.69
C THR C 102 19.93 17.30 -55.51
N ASP C 103 21.22 17.54 -55.71
CA ASP C 103 22.06 16.61 -56.48
C ASP C 103 22.47 15.34 -55.69
N ARG C 104 22.07 15.24 -54.42
CA ARG C 104 22.62 14.21 -53.55
C ARG C 104 21.63 13.52 -52.61
N ILE C 105 20.60 14.25 -52.18
CA ILE C 105 19.54 13.62 -51.38
C ILE C 105 18.26 13.62 -52.17
N VAL C 106 17.69 12.43 -52.33
CA VAL C 106 16.44 12.25 -53.05
C VAL C 106 15.39 11.69 -52.09
N VAL C 107 14.45 12.55 -51.72
CA VAL C 107 13.39 12.15 -50.82
C VAL C 107 12.46 11.28 -51.62
N ILE C 108 11.99 10.18 -51.03
CA ILE C 108 11.05 9.24 -51.60
C ILE C 108 9.91 9.10 -50.59
N PRO C 109 8.76 9.78 -50.85
CA PRO C 109 7.59 9.71 -49.98
C PRO C 109 7.03 8.33 -50.04
N GLY C 110 6.66 7.77 -48.88
CA GLY C 110 6.04 6.46 -48.81
C GLY C 110 6.65 5.52 -47.76
N LYS C 111 6.05 4.33 -47.65
CA LYS C 111 6.53 3.30 -46.73
C LYS C 111 7.68 2.53 -47.39
N VAL C 112 8.76 2.32 -46.65
CA VAL C 112 9.89 1.55 -47.18
C VAL C 112 9.47 0.17 -47.70
N GLU C 113 8.35 -0.36 -47.22
CA GLU C 113 7.84 -1.63 -47.72
C GLU C 113 7.06 -1.50 -49.05
N GLU C 114 6.76 -0.28 -49.46
CA GLU C 114 5.84 -0.06 -50.59
C GLU C 114 6.43 0.71 -51.76
N VAL C 115 7.51 1.46 -51.51
CA VAL C 115 8.14 2.30 -52.54
C VAL C 115 9.02 1.50 -53.51
N SER C 116 9.39 2.10 -54.63
CA SER C 116 10.39 1.51 -55.53
C SER C 116 11.64 2.38 -55.55
N LEU C 117 12.79 1.73 -55.42
CA LEU C 117 14.07 2.42 -55.56
C LEU C 117 14.69 2.02 -56.87
N PRO C 118 15.34 2.98 -57.56
CA PRO C 118 15.89 2.68 -58.88
C PRO C 118 17.13 1.79 -58.88
N GLU C 119 17.79 1.61 -57.73
CA GLU C 119 19.03 0.82 -57.66
C GLU C 119 19.24 0.23 -56.25
N GLN C 120 20.17 -0.72 -56.14
CA GLN C 120 20.59 -1.26 -54.84
C GLN C 120 21.57 -0.28 -54.18
N VAL C 121 21.70 -0.37 -52.86
CA VAL C 121 22.49 0.62 -52.12
C VAL C 121 23.68 -0.03 -51.41
N ASP C 122 24.68 0.77 -51.11
CA ASP C 122 25.88 0.29 -50.46
C ASP C 122 25.72 0.19 -48.95
N ILE C 123 24.87 1.04 -48.41
CA ILE C 123 24.73 1.20 -46.96
C ILE C 123 23.32 1.73 -46.66
N ILE C 124 22.71 1.19 -45.61
CA ILE C 124 21.44 1.67 -45.09
C ILE C 124 21.69 2.31 -43.74
N ILE C 125 21.11 3.49 -43.56
CA ILE C 125 21.16 4.18 -42.29
C ILE C 125 19.73 4.34 -41.79
N SER C 126 19.57 4.34 -40.46
CA SER C 126 18.26 4.60 -39.91
C SER C 126 18.32 4.86 -38.41
N GLU C 127 17.31 5.53 -37.89
CA GLU C 127 17.06 5.48 -36.45
C GLU C 127 15.69 4.88 -36.20
N PRO C 128 15.64 3.53 -36.11
CA PRO C 128 14.38 2.83 -35.95
C PRO C 128 14.06 2.39 -34.52
N MET C 129 14.87 2.79 -33.54
CA MET C 129 14.72 2.25 -32.17
C MET C 129 13.57 2.90 -31.40
N GLY C 130 12.66 2.08 -30.88
CA GLY C 130 11.59 2.59 -30.02
C GLY C 130 12.04 2.56 -28.56
N TYR C 131 11.20 3.06 -27.65
CA TYR C 131 11.51 2.80 -26.24
C TYR C 131 11.56 1.27 -26.06
N MET C 132 12.41 0.82 -25.14
CA MET C 132 12.67 -0.61 -24.92
C MET C 132 13.21 -1.27 -26.19
N LEU C 133 13.83 -0.46 -27.05
CA LEU C 133 14.31 -0.88 -28.38
C LEU C 133 13.20 -1.29 -29.34
N PHE C 134 12.35 -2.21 -28.91
CA PHE C 134 11.41 -2.90 -29.79
C PHE C 134 10.09 -2.21 -30.12
N ASN C 135 9.65 -1.28 -29.27
CA ASN C 135 8.40 -0.58 -29.57
C ASN C 135 8.44 0.01 -30.98
N GLU C 136 7.29 0.05 -31.64
CA GLU C 136 7.08 0.68 -32.99
C GLU C 136 7.20 -0.32 -34.13
N ARG C 137 7.94 -1.42 -33.89
CA ARG C 137 8.21 -2.45 -34.92
C ARG C 137 8.92 -1.88 -36.15
N MET C 138 9.61 -0.76 -35.96
CA MET C 138 10.34 -0.14 -37.05
C MET C 138 11.62 -0.90 -37.35
N LEU C 139 12.11 -1.64 -36.36
CA LEU C 139 13.26 -2.50 -36.60
C LEU C 139 12.96 -3.41 -37.81
N GLU C 140 11.74 -3.91 -37.92
CA GLU C 140 11.33 -4.78 -39.02
C GLU C 140 11.27 -4.08 -40.38
N SER C 141 10.95 -2.78 -40.38
CA SER C 141 11.05 -1.97 -41.61
C SER C 141 12.51 -1.83 -41.99
N TYR C 142 13.36 -1.54 -40.99
CA TYR C 142 14.81 -1.48 -41.19
C TYR C 142 15.38 -2.79 -41.81
N LEU C 143 15.02 -3.93 -41.24
CA LEU C 143 15.44 -5.23 -41.81
C LEU C 143 14.84 -5.47 -43.20
N HIS C 144 13.55 -5.16 -43.36
CA HIS C 144 12.89 -5.28 -44.68
C HIS C 144 13.67 -4.55 -45.78
N ALA C 145 14.20 -3.37 -45.45
CA ALA C 145 14.93 -2.54 -46.40
C ALA C 145 16.18 -3.21 -46.98
N LYS C 146 16.60 -4.32 -46.34
CA LYS C 146 17.74 -5.10 -46.84
C LYS C 146 17.52 -5.70 -48.23
N LYS C 147 16.28 -5.78 -48.67
CA LYS C 147 16.01 -6.19 -50.06
C LYS C 147 16.72 -5.28 -51.07
N TYR C 148 17.05 -4.06 -50.63
CA TYR C 148 17.79 -3.12 -51.45
C TYR C 148 19.30 -3.09 -51.23
N LEU C 149 19.78 -3.89 -50.29
CA LEU C 149 21.18 -3.80 -49.90
C LEU C 149 22.00 -4.73 -50.77
N LYS C 150 23.08 -4.19 -51.35
CA LYS C 150 24.03 -4.98 -52.15
C LYS C 150 24.72 -6.03 -51.27
N PRO C 151 25.25 -7.10 -51.89
CA PRO C 151 26.10 -8.04 -51.15
C PRO C 151 27.21 -7.34 -50.33
N SER C 152 27.33 -7.76 -49.07
CA SER C 152 28.32 -7.22 -48.15
C SER C 152 28.13 -5.71 -47.86
N GLY C 153 26.96 -5.17 -48.18
CA GLY C 153 26.64 -3.80 -47.80
C GLY C 153 26.52 -3.64 -46.28
N ASN C 154 26.70 -2.43 -45.77
N ASN C 154 26.63 -2.39 -45.82
CA ASN C 154 26.67 -2.28 -44.33
CA ASN C 154 26.62 -2.03 -44.39
C ASN C 154 25.39 -1.63 -43.86
C ASN C 154 25.23 -1.68 -43.84
N MET C 155 25.11 -1.77 -42.56
N MET C 155 25.06 -1.83 -42.52
CA MET C 155 23.95 -1.14 -41.96
CA MET C 155 23.88 -1.32 -41.81
C MET C 155 24.38 -0.38 -40.73
C MET C 155 24.36 -0.41 -40.67
N PHE C 156 23.85 0.83 -40.60
CA PHE C 156 24.18 1.77 -39.53
C PHE C 156 22.87 2.21 -38.87
N PRO C 157 22.53 1.66 -37.67
CA PRO C 157 23.34 0.79 -36.81
C PRO C 157 23.48 -0.65 -37.28
N THR C 158 24.52 -1.30 -36.80
CA THR C 158 24.91 -2.63 -37.25
C THR C 158 24.34 -3.70 -36.34
N ILE C 159 24.43 -3.47 -35.03
CA ILE C 159 23.83 -4.38 -34.06
C ILE C 159 23.07 -3.60 -32.99
N GLY C 160 22.12 -4.26 -32.33
CA GLY C 160 21.42 -3.68 -31.18
C GLY C 160 21.49 -4.67 -30.03
N ASP C 161 21.87 -4.19 -28.84
CA ASP C 161 21.91 -5.00 -27.61
C ASP C 161 20.80 -4.56 -26.66
N VAL C 162 19.88 -5.45 -26.31
CA VAL C 162 18.93 -5.16 -25.22
C VAL C 162 19.48 -5.74 -23.92
N HIS C 163 19.43 -4.96 -22.84
CA HIS C 163 19.89 -5.39 -21.52
C HIS C 163 18.70 -5.46 -20.58
N LEU C 164 18.63 -6.54 -19.80
CA LEU C 164 17.65 -6.61 -18.73
C LEU C 164 18.27 -6.99 -17.39
N ALA C 165 17.71 -6.39 -16.32
CA ALA C 165 18.20 -6.61 -14.96
C ALA C 165 17.07 -6.47 -13.94
N PRO C 166 17.08 -7.32 -12.90
CA PRO C 166 16.06 -7.17 -11.85
C PRO C 166 16.33 -5.92 -11.03
N PHE C 167 15.27 -5.26 -10.57
CA PHE C 167 15.43 -4.05 -9.76
C PHE C 167 14.55 -4.11 -8.53
N THR C 168 14.89 -3.27 -7.56
CA THR C 168 14.05 -3.05 -6.39
C THR C 168 13.65 -1.58 -6.33
N ASP C 169 12.37 -1.30 -6.12
CA ASP C 169 11.90 0.08 -6.06
C ASP C 169 10.51 0.07 -5.47
N GLU C 170 10.47 0.10 -4.15
CA GLU C 170 9.19 -0.03 -3.48
C GLU C 170 8.32 1.22 -3.66
N GLN C 171 8.96 2.39 -3.79
CA GLN C 171 8.27 3.65 -4.10
C GLN C 171 7.49 3.57 -5.41
N LEU C 172 8.13 3.05 -6.47
CA LEU C 172 7.46 2.90 -7.76
C LEU C 172 6.34 1.89 -7.65
N TYR C 173 6.62 0.76 -7.03
CA TYR C 173 5.62 -0.28 -6.82
C TYR C 173 4.38 0.28 -6.13
N MET C 174 4.59 1.02 -5.04
CA MET C 174 3.46 1.57 -4.26
C MET C 174 2.72 2.71 -4.97
N GLU C 175 3.45 3.50 -5.76
CA GLU C 175 2.86 4.51 -6.63
C GLU C 175 1.80 3.89 -7.57
N GLN C 176 2.15 2.79 -8.24
CA GLN C 176 1.23 2.11 -9.14
C GLN C 176 0.12 1.37 -8.39
N PHE C 177 0.50 0.73 -7.28
CA PHE C 177 -0.47 0.02 -6.46
C PHE C 177 -1.55 0.96 -5.92
N THR C 178 -1.12 2.13 -5.47
CA THR C 178 -2.00 3.14 -4.89
C THR C 178 -3.00 3.66 -5.91
N LYS C 179 -2.57 3.87 -7.16
CA LYS C 179 -3.49 4.25 -8.24
C LYS C 179 -4.51 3.16 -8.47
N ALA C 180 -4.05 1.90 -8.56
CA ALA C 180 -4.96 0.76 -8.75
C ALA C 180 -5.94 0.65 -7.60
N ASN C 181 -5.47 0.98 -6.39
CA ASN C 181 -6.31 0.83 -5.19
C ASN C 181 -7.48 1.82 -5.04
N PHE C 182 -7.56 2.83 -5.91
CA PHE C 182 -8.81 3.58 -6.10
C PHE C 182 -10.00 2.64 -6.30
N TRP C 183 -9.77 1.54 -7.00
CA TRP C 183 -10.83 0.59 -7.33
C TRP C 183 -11.03 -0.43 -6.21
N TYR C 184 -10.42 -0.17 -5.06
CA TYR C 184 -10.59 -1.02 -3.88
C TYR C 184 -11.68 -0.44 -2.94
N GLN C 185 -12.04 0.83 -3.15
CA GLN C 185 -13.04 1.53 -2.30
C GLN C 185 -14.42 0.86 -2.34
N PRO C 186 -14.99 0.53 -1.17
CA PRO C 186 -16.31 -0.07 -1.19
C PRO C 186 -17.43 0.96 -1.12
N SER C 187 -17.08 2.25 -1.06
CA SER C 187 -18.09 3.30 -0.93
C SER C 187 -17.66 4.65 -1.55
N PHE C 188 -17.17 4.60 -2.78
CA PHE C 188 -16.90 5.81 -3.57
C PHE C 188 -18.24 6.47 -3.93
N HIS C 189 -18.49 7.62 -3.32
CA HIS C 189 -19.81 8.28 -3.41
C HIS C 189 -20.94 7.27 -3.13
N GLY C 190 -20.71 6.39 -2.15
CA GLY C 190 -21.71 5.35 -1.83
C GLY C 190 -21.68 4.13 -2.71
N VAL C 191 -20.73 4.04 -3.65
CA VAL C 191 -20.71 2.92 -4.61
C VAL C 191 -19.55 1.97 -4.35
N ASP C 192 -19.82 0.67 -4.37
CA ASP C 192 -18.76 -0.33 -4.17
C ASP C 192 -18.05 -0.65 -5.49
N LEU C 193 -16.80 -0.23 -5.59
CA LEU C 193 -15.98 -0.47 -6.79
C LEU C 193 -15.15 -1.74 -6.69
N SER C 194 -15.13 -2.33 -5.47
CA SER C 194 -14.12 -3.32 -5.09
C SER C 194 -14.06 -4.57 -5.96
N ALA C 195 -15.18 -4.94 -6.60
CA ALA C 195 -15.18 -6.04 -7.58
C ALA C 195 -14.16 -5.82 -8.70
N LEU C 196 -13.87 -4.56 -9.01
CA LEU C 196 -12.96 -4.23 -10.12
C LEU C 196 -11.48 -4.07 -9.69
N ARG C 197 -11.19 -4.36 -8.42
CA ARG C 197 -9.82 -4.21 -7.90
C ARG C 197 -8.82 -5.05 -8.70
N GLY C 198 -9.16 -6.30 -8.95
CA GLY C 198 -8.27 -7.21 -9.71
C GLY C 198 -8.00 -6.67 -11.10
N ALA C 199 -9.09 -6.27 -11.79
CA ALA C 199 -8.98 -5.76 -13.15
C ALA C 199 -8.14 -4.47 -13.21
N ALA C 200 -8.25 -3.63 -12.17
CA ALA C 200 -7.48 -2.40 -12.10
C ALA C 200 -5.98 -2.63 -11.92
N VAL C 201 -5.64 -3.52 -10.99
CA VAL C 201 -4.26 -3.87 -10.75
C VAL C 201 -3.67 -4.41 -12.05
N ASP C 202 -4.40 -5.31 -12.71
CA ASP C 202 -3.97 -5.86 -14.01
C ASP C 202 -3.72 -4.76 -15.02
N GLU C 203 -4.60 -3.76 -15.04
CA GLU C 203 -4.45 -2.70 -16.03
C GLU C 203 -3.22 -1.86 -15.76
N TYR C 204 -3.07 -1.39 -14.53
CA TYR C 204 -1.95 -0.53 -14.20
C TYR C 204 -0.61 -1.26 -14.29
N PHE C 205 -0.57 -2.51 -13.87
CA PHE C 205 0.65 -3.30 -13.96
C PHE C 205 1.00 -3.79 -15.36
N ARG C 206 0.05 -3.73 -16.30
CA ARG C 206 0.36 -3.95 -17.73
C ARG C 206 1.21 -2.85 -18.37
N GLN C 207 1.30 -1.70 -17.73
CA GLN C 207 2.01 -0.56 -18.33
C GLN C 207 3.48 -0.58 -18.00
N PRO C 208 4.34 -0.77 -19.02
CA PRO C 208 5.75 -0.55 -18.79
C PRO C 208 5.95 0.88 -18.33
N VAL C 209 7.01 1.12 -17.53
CA VAL C 209 7.24 2.43 -16.98
C VAL C 209 8.45 3.06 -17.65
N VAL C 210 8.22 4.16 -18.35
CA VAL C 210 9.29 4.84 -19.07
C VAL C 210 9.80 6.01 -18.24
N ASP C 211 11.04 5.88 -17.78
CA ASP C 211 11.71 6.92 -17.00
C ASP C 211 13.11 6.44 -16.62
N THR C 212 13.89 7.31 -16.00
CA THR C 212 15.23 6.94 -15.58
C THR C 212 15.26 6.64 -14.08
N PHE C 213 16.40 6.16 -13.59
CA PHE C 213 16.49 5.74 -12.19
C PHE C 213 17.95 5.70 -11.76
N ASP C 214 18.18 5.61 -10.46
CA ASP C 214 19.52 5.39 -9.91
C ASP C 214 19.94 3.94 -10.15
N ILE C 215 21.17 3.72 -10.57
CA ILE C 215 21.67 2.36 -10.82
C ILE C 215 21.71 1.48 -9.56
N ARG C 216 21.59 2.12 -8.40
CA ARG C 216 21.61 1.42 -7.12
C ARG C 216 20.38 0.55 -6.95
N ILE C 217 19.36 0.74 -7.79
CA ILE C 217 18.16 -0.11 -7.74
C ILE C 217 18.36 -1.48 -8.36
N LEU C 218 19.41 -1.61 -9.17
CA LEU C 218 19.65 -2.88 -9.85
C LEU C 218 20.25 -3.94 -8.91
N MET C 219 19.73 -5.16 -8.99
CA MET C 219 20.05 -6.20 -8.03
C MET C 219 20.97 -7.31 -8.56
N ALA C 220 21.18 -7.32 -9.88
CA ALA C 220 22.10 -8.27 -10.48
C ALA C 220 22.71 -7.66 -11.73
N LYS C 221 23.70 -8.34 -12.26
CA LYS C 221 24.31 -7.98 -13.55
C LYS C 221 23.27 -8.24 -14.65
N SER C 222 23.19 -7.32 -15.61
CA SER C 222 22.24 -7.45 -16.72
C SER C 222 22.55 -8.66 -17.60
N VAL C 223 21.50 -9.22 -18.18
CA VAL C 223 21.59 -10.23 -19.24
C VAL C 223 21.49 -9.42 -20.56
N LYS C 224 22.29 -9.80 -21.55
CA LYS C 224 22.30 -9.13 -22.86
C LYS C 224 21.66 -10.02 -23.93
N TYR C 225 20.81 -9.42 -24.76
CA TYR C 225 20.27 -10.09 -25.94
C TYR C 225 20.60 -9.25 -27.18
N THR C 226 21.22 -9.85 -28.19
CA THR C 226 21.74 -9.10 -29.34
C THR C 226 20.97 -9.35 -30.63
N VAL C 227 20.56 -8.26 -31.28
CA VAL C 227 20.04 -8.35 -32.65
C VAL C 227 21.10 -7.87 -33.63
N ASN C 228 21.61 -8.78 -34.45
CA ASN C 228 22.58 -8.41 -35.48
C ASN C 228 21.81 -7.98 -36.73
N PHE C 229 21.81 -6.68 -37.03
CA PHE C 229 20.98 -6.18 -38.14
C PHE C 229 21.43 -6.70 -39.52
N LEU C 230 22.72 -7.01 -39.64
CA LEU C 230 23.25 -7.57 -40.89
C LEU C 230 22.70 -8.97 -41.20
N GLU C 231 22.34 -9.73 -40.18
CA GLU C 231 21.97 -11.13 -40.31
C GLU C 231 20.49 -11.39 -40.12
N ALA C 232 19.87 -10.62 -39.23
CA ALA C 232 18.47 -10.87 -38.87
C ALA C 232 17.48 -10.80 -40.05
N LYS C 233 16.54 -11.74 -40.08
CA LYS C 233 15.38 -11.64 -40.95
C LYS C 233 14.27 -10.89 -40.22
N GLU C 234 13.46 -10.13 -40.95
CA GLU C 234 12.31 -9.47 -40.34
C GLU C 234 11.39 -10.43 -39.56
N GLY C 235 11.31 -11.70 -39.99
CA GLY C 235 10.55 -12.71 -39.26
C GLY C 235 11.11 -13.03 -37.87
N ASP C 236 12.41 -12.81 -37.66
CA ASP C 236 13.06 -13.08 -36.37
C ASP C 236 12.60 -12.13 -35.27
N LEU C 237 11.86 -11.09 -35.64
CA LEU C 237 11.38 -10.14 -34.63
C LEU C 237 9.93 -10.35 -34.27
N HIS C 238 9.33 -11.42 -34.77
CA HIS C 238 7.92 -11.64 -34.53
C HIS C 238 7.72 -12.20 -33.13
N ARG C 239 8.67 -13.00 -32.68
CA ARG C 239 8.61 -13.68 -31.40
C ARG C 239 10.01 -13.74 -30.84
N ILE C 240 10.29 -12.89 -29.85
CA ILE C 240 11.64 -12.72 -29.37
C ILE C 240 11.71 -13.37 -28.00
N GLU C 241 12.54 -14.40 -27.86
CA GLU C 241 12.66 -15.16 -26.60
C GLU C 241 13.97 -14.86 -25.88
N ILE C 242 13.86 -14.25 -24.70
CA ILE C 242 15.03 -13.90 -23.92
C ILE C 242 15.03 -14.68 -22.59
N PRO C 243 15.71 -15.86 -22.58
CA PRO C 243 15.91 -16.54 -21.30
C PRO C 243 16.87 -15.75 -20.39
N PHE C 244 16.72 -15.92 -19.08
CA PHE C 244 17.62 -15.26 -18.13
C PHE C 244 17.84 -16.11 -16.90
N LYS C 245 19.01 -15.94 -16.30
CA LYS C 245 19.33 -16.50 -14.99
C LYS C 245 20.20 -15.46 -14.31
N PHE C 246 19.62 -14.69 -13.40
CA PHE C 246 20.38 -13.67 -12.71
C PHE C 246 20.98 -14.25 -11.43
N HIS C 247 22.27 -14.01 -11.22
CA HIS C 247 22.88 -14.28 -9.93
C HIS C 247 22.73 -13.05 -9.03
N MET C 248 21.84 -13.14 -8.04
CA MET C 248 21.51 -11.98 -7.22
C MET C 248 22.70 -11.49 -6.40
N LEU C 249 22.93 -10.19 -6.46
CA LEU C 249 24.04 -9.54 -5.78
C LEU C 249 23.58 -8.95 -4.45
N HIS C 250 22.28 -8.70 -4.31
CA HIS C 250 21.74 -8.07 -3.12
C HIS C 250 20.47 -8.82 -2.70
N SER C 251 20.21 -8.87 -1.40
CA SER C 251 18.96 -9.43 -0.87
C SER C 251 17.88 -8.35 -0.93
N GLY C 252 16.64 -8.75 -1.17
CA GLY C 252 15.54 -7.79 -1.14
C GLY C 252 14.39 -8.20 -2.03
N LEU C 253 13.42 -7.31 -2.19
CA LEU C 253 12.27 -7.57 -3.02
C LEU C 253 12.57 -7.14 -4.45
N VAL C 254 12.26 -8.03 -5.39
CA VAL C 254 12.42 -7.77 -6.81
C VAL C 254 11.06 -7.31 -7.32
N HIS C 255 10.97 -6.01 -7.64
CA HIS C 255 9.71 -5.43 -8.13
C HIS C 255 9.48 -5.58 -9.63
N GLY C 256 10.51 -6.02 -10.36
CA GLY C 256 10.37 -6.26 -11.80
C GLY C 256 11.70 -6.27 -12.50
N LEU C 257 11.69 -6.06 -13.82
CA LEU C 257 12.90 -6.06 -14.64
C LEU C 257 13.07 -4.69 -15.34
N ALA C 258 14.27 -4.16 -15.31
CA ALA C 258 14.61 -2.91 -16.01
C ALA C 258 15.27 -3.26 -17.34
N PHE C 259 14.97 -2.46 -18.35
CA PHE C 259 15.44 -2.65 -19.72
C PHE C 259 16.10 -1.39 -20.21
N TRP C 260 17.19 -1.57 -20.93
CA TRP C 260 17.77 -0.51 -21.74
C TRP C 260 18.41 -1.16 -22.96
N PHE C 261 19.06 -0.34 -23.79
CA PHE C 261 19.64 -0.84 -25.02
C PHE C 261 20.76 0.06 -25.52
N ASP C 262 21.71 -0.56 -26.25
CA ASP C 262 22.79 0.15 -26.91
C ASP C 262 22.71 -0.26 -28.37
N VAL C 263 23.17 0.60 -29.27
CA VAL C 263 23.39 0.15 -30.65
C VAL C 263 24.82 0.48 -31.00
N ALA C 264 25.38 -0.29 -31.94
CA ALA C 264 26.73 -0.06 -32.42
C ALA C 264 26.75 0.15 -33.93
N PHE C 265 27.57 1.11 -34.35
CA PHE C 265 27.81 1.37 -35.76
C PHE C 265 29.18 0.79 -36.08
N ILE C 266 29.20 -0.34 -36.76
CA ILE C 266 30.46 -1.01 -37.03
C ILE C 266 30.97 -0.63 -38.43
N GLY C 267 31.74 0.45 -38.47
CA GLY C 267 32.24 1.02 -39.73
C GLY C 267 33.65 0.53 -40.03
N SER C 268 34.15 0.85 -41.22
CA SER C 268 35.52 0.46 -41.64
C SER C 268 36.63 1.13 -40.84
N ILE C 269 36.34 2.28 -40.24
CA ILE C 269 37.37 3.05 -39.50
C ILE C 269 37.23 2.81 -37.99
N MET C 270 36.01 2.89 -37.47
CA MET C 270 35.81 2.58 -36.07
C MET C 270 34.39 2.16 -35.75
N THR C 271 34.26 1.51 -34.61
CA THR C 271 32.98 1.13 -34.09
C THR C 271 32.55 2.22 -33.14
N VAL C 272 31.36 2.76 -33.36
CA VAL C 272 30.83 3.82 -32.50
C VAL C 272 29.57 3.28 -31.83
N TRP C 273 29.47 3.50 -30.52
CA TRP C 273 28.33 3.04 -29.74
C TRP C 273 27.41 4.20 -29.33
N LEU C 274 26.11 3.95 -29.40
CA LEU C 274 25.11 4.82 -28.81
C LEU C 274 24.44 4.01 -27.69
N SER C 275 24.55 4.51 -26.46
CA SER C 275 24.03 3.79 -25.28
C SER C 275 22.85 4.53 -24.62
N THR C 276 21.81 3.79 -24.26
CA THR C 276 20.74 4.32 -23.41
C THR C 276 20.79 3.72 -21.99
N ALA C 277 21.95 3.19 -21.61
CA ALA C 277 22.11 2.60 -20.27
C ALA C 277 21.97 3.65 -19.15
N PRO C 278 21.46 3.23 -17.99
CA PRO C 278 21.36 4.16 -16.86
C PRO C 278 22.72 4.57 -16.22
N THR C 279 23.81 4.00 -16.72
CA THR C 279 25.14 4.40 -16.30
C THR C 279 25.69 5.45 -17.27
N GLU C 280 24.86 5.84 -18.24
CA GLU C 280 25.30 6.73 -19.30
C GLU C 280 24.43 8.00 -19.29
N PRO C 281 24.91 9.08 -19.90
CA PRO C 281 24.09 10.30 -19.91
C PRO C 281 22.67 10.01 -20.43
N LEU C 282 21.67 10.67 -19.85
CA LEU C 282 20.27 10.44 -20.22
C LEU C 282 19.98 10.78 -21.69
N THR C 283 19.13 9.98 -22.32
CA THR C 283 18.70 10.23 -23.70
C THR C 283 17.18 10.30 -23.67
N HIS C 284 16.58 10.70 -24.79
CA HIS C 284 15.12 10.79 -24.87
C HIS C 284 14.44 9.42 -24.77
N TRP C 285 15.22 8.36 -24.89
CA TRP C 285 14.71 7.03 -24.64
C TRP C 285 14.54 6.68 -23.15
N TYR C 286 15.21 7.41 -22.25
CA TYR C 286 15.19 7.04 -20.82
C TYR C 286 15.54 5.56 -20.63
N GLN C 287 14.80 4.87 -19.75
CA GLN C 287 14.90 3.42 -19.59
C GLN C 287 13.48 2.91 -19.38
N VAL C 288 13.30 1.59 -19.40
CA VAL C 288 11.98 1.00 -19.31
C VAL C 288 11.93 -0.06 -18.18
N ARG C 289 10.94 0.07 -17.30
CA ARG C 289 10.73 -0.95 -16.29
C ARG C 289 9.39 -1.65 -16.39
N CYS C 290 9.44 -2.97 -16.32
CA CYS C 290 8.27 -3.80 -16.25
C CYS C 290 8.11 -4.30 -14.81
N LEU C 291 7.04 -3.85 -14.15
CA LEU C 291 6.75 -4.25 -12.76
C LEU C 291 6.08 -5.60 -12.67
N PHE C 292 6.33 -6.29 -11.56
CA PHE C 292 5.62 -7.49 -11.18
C PHE C 292 4.49 -7.07 -10.23
N GLN C 293 3.29 -7.58 -10.47
CA GLN C 293 2.15 -7.34 -9.57
C GLN C 293 2.45 -7.78 -8.15
N SER C 294 3.13 -8.91 -8.03
CA SER C 294 3.64 -9.33 -6.73
C SER C 294 5.13 -9.60 -6.79
N PRO C 295 5.88 -8.76 -6.09
CA PRO C 295 7.32 -8.80 -6.03
C PRO C 295 7.81 -10.15 -5.48
N LEU C 296 9.02 -10.53 -5.84
CA LEU C 296 9.61 -11.78 -5.39
C LEU C 296 10.72 -11.45 -4.40
N PHE C 297 10.71 -12.13 -3.24
CA PHE C 297 11.82 -12.02 -2.31
C PHE C 297 13.01 -12.87 -2.73
N ALA C 298 14.17 -12.26 -2.82
CA ALA C 298 15.38 -13.00 -3.11
C ALA C 298 16.48 -12.64 -2.13
N LYS C 299 17.36 -13.60 -1.89
CA LYS C 299 18.59 -13.37 -1.11
C LYS C 299 19.81 -13.25 -2.02
N ALA C 300 20.76 -12.41 -1.64
CA ALA C 300 22.07 -12.38 -2.31
C ALA C 300 22.58 -13.81 -2.49
N GLY C 301 23.06 -14.15 -3.70
CA GLY C 301 23.50 -15.52 -3.99
C GLY C 301 22.45 -16.43 -4.62
N ASP C 302 21.18 -16.06 -4.50
CA ASP C 302 20.10 -16.82 -5.16
C ASP C 302 20.19 -16.59 -6.68
N THR C 303 19.54 -17.45 -7.43
CA THR C 303 19.41 -17.27 -8.88
C THR C 303 17.94 -17.01 -9.20
N LEU C 304 17.69 -15.95 -9.96
CA LEU C 304 16.35 -15.67 -10.44
C LEU C 304 16.29 -16.00 -11.91
N SER C 305 15.44 -16.96 -12.27
CA SER C 305 15.49 -17.50 -13.62
C SER C 305 14.14 -17.38 -14.29
N GLY C 306 14.14 -17.36 -15.62
CA GLY C 306 12.88 -17.33 -16.33
C GLY C 306 13.07 -16.85 -17.76
N THR C 307 11.98 -16.35 -18.33
CA THR C 307 11.96 -15.98 -19.74
C THR C 307 11.21 -14.70 -19.93
N CYS C 308 11.79 -13.81 -20.73
CA CYS C 308 11.08 -12.65 -21.24
C CYS C 308 10.74 -12.94 -22.71
N LEU C 309 9.44 -13.11 -23.00
CA LEU C 309 8.98 -13.39 -24.34
C LEU C 309 8.22 -12.19 -24.93
N LEU C 310 8.68 -11.71 -26.09
CA LEU C 310 8.04 -10.58 -26.78
C LEU C 310 7.33 -11.08 -28.03
N ILE C 311 5.99 -10.99 -28.03
CA ILE C 311 5.18 -11.42 -29.17
C ILE C 311 4.69 -10.18 -29.90
N ALA C 312 5.15 -9.99 -31.14
CA ALA C 312 4.75 -8.81 -31.93
C ALA C 312 3.25 -8.77 -32.19
N ASN C 313 2.66 -7.57 -32.12
CA ASN C 313 1.22 -7.43 -32.39
C ASN C 313 0.95 -6.45 -33.54
N LYS C 314 -0.31 -6.30 -33.92
CA LYS C 314 -0.68 -5.48 -35.10
C LYS C 314 -0.83 -4.01 -34.77
N ARG C 315 -0.43 -3.64 -33.55
CA ARG C 315 -0.46 -2.24 -33.14
C ARG C 315 0.95 -1.68 -33.01
N GLN C 316 1.83 -2.22 -33.84
CA GLN C 316 3.20 -1.74 -34.00
C GLN C 316 3.96 -1.86 -32.71
N SER C 317 3.66 -2.93 -31.96
CA SER C 317 4.33 -3.15 -30.70
C SER C 317 4.35 -4.63 -30.33
N TYR C 318 4.54 -4.90 -29.04
CA TYR C 318 4.71 -6.25 -28.55
C TYR C 318 3.89 -6.48 -27.29
N ASP C 319 3.38 -7.70 -27.19
CA ASP C 319 2.86 -8.27 -25.94
C ASP C 319 4.05 -8.88 -25.19
N ILE C 320 4.32 -8.36 -24.00
CA ILE C 320 5.46 -8.84 -23.25
C ILE C 320 4.97 -9.84 -22.21
N SER C 321 5.55 -11.04 -22.20
CA SER C 321 5.32 -11.91 -21.06
C SER C 321 6.64 -12.12 -20.34
N ILE C 322 6.60 -11.98 -19.01
CA ILE C 322 7.76 -12.23 -18.16
C ILE C 322 7.33 -13.25 -17.11
N VAL C 323 7.98 -14.42 -17.15
CA VAL C 323 7.83 -15.43 -16.09
C VAL C 323 9.19 -15.52 -15.39
N ALA C 324 9.18 -15.35 -14.07
CA ALA C 324 10.42 -15.38 -13.31
C ALA C 324 10.22 -16.22 -12.06
N GLN C 325 11.29 -16.90 -11.62
CA GLN C 325 11.20 -17.60 -10.33
C GLN C 325 12.48 -17.48 -9.56
N VAL C 326 12.36 -17.54 -8.23
CA VAL C 326 13.53 -17.67 -7.37
C VAL C 326 13.80 -19.17 -7.22
N ASP C 327 14.89 -19.66 -7.83
CA ASP C 327 15.13 -21.11 -7.88
C ASP C 327 15.15 -21.75 -6.50
N GLN C 328 15.70 -21.02 -5.53
CA GLN C 328 15.92 -21.53 -4.17
C GLN C 328 14.64 -21.80 -3.38
N THR C 329 13.54 -21.09 -3.69
CA THR C 329 12.31 -21.18 -2.90
C THR C 329 11.13 -21.63 -3.73
N GLY C 330 11.30 -21.69 -5.06
CA GLY C 330 10.18 -21.96 -5.98
C GLY C 330 9.15 -20.83 -6.06
N SER C 331 9.50 -19.64 -5.56
CA SER C 331 8.60 -18.51 -5.63
C SER C 331 8.55 -17.94 -7.07
N LYS C 332 7.34 -17.86 -7.64
CA LYS C 332 7.16 -17.59 -9.07
C LYS C 332 6.32 -16.33 -9.32
N SER C 333 6.64 -15.61 -10.41
CA SER C 333 5.85 -14.45 -10.82
C SER C 333 5.61 -14.53 -12.34
N SER C 334 4.34 -14.41 -12.76
CA SER C 334 3.94 -14.46 -14.19
C SER C 334 3.30 -13.12 -14.51
N ASN C 335 3.75 -12.48 -15.59
CA ASN C 335 3.32 -11.10 -15.91
C ASN C 335 3.08 -10.91 -17.41
N LEU C 336 2.13 -10.04 -17.76
CA LEU C 336 1.81 -9.74 -19.17
C LEU C 336 1.70 -8.23 -19.30
N LEU C 337 2.53 -7.63 -20.16
CA LEU C 337 2.57 -6.18 -20.31
C LEU C 337 2.29 -5.75 -21.75
N ASP C 338 1.67 -4.58 -21.89
CA ASP C 338 1.32 -3.99 -23.18
C ASP C 338 2.31 -2.85 -23.46
N LEU C 339 3.34 -3.13 -24.27
CA LEU C 339 4.41 -2.18 -24.53
C LEU C 339 3.89 -0.91 -25.21
N LYS C 340 2.83 -1.05 -26.00
CA LYS C 340 2.24 0.06 -26.75
C LYS C 340 1.68 1.15 -25.84
N ASN C 341 1.30 0.79 -24.61
CA ASN C 341 0.63 1.74 -23.71
C ASN C 341 1.31 1.90 -22.34
N PRO C 342 2.47 2.58 -22.33
CA PRO C 342 3.27 2.68 -21.12
C PRO C 342 2.83 3.82 -20.24
N PHE C 343 3.35 3.85 -19.01
CA PHE C 343 3.27 5.00 -18.13
C PHE C 343 4.51 5.85 -18.44
N PHE C 344 4.29 7.07 -18.92
CA PHE C 344 5.40 8.00 -19.22
C PHE C 344 5.73 8.78 -17.96
N ARG C 345 6.28 8.07 -16.98
CA ARG C 345 6.56 8.63 -15.66
C ARG C 345 7.51 9.83 -15.65
N TYR C 346 8.39 9.95 -16.65
CA TYR C 346 9.40 11.01 -16.64
C TYR C 346 8.82 12.44 -16.70
N THR C 347 7.59 12.58 -17.17
CA THR C 347 6.99 13.91 -17.46
C THR C 347 6.59 14.69 -16.19
N SER D 5 -25.15 3.47 -39.65
CA SER D 5 -25.90 4.26 -38.63
C SER D 5 -25.46 5.71 -38.65
N VAL D 6 -26.19 6.56 -37.91
CA VAL D 6 -25.88 8.00 -37.78
C VAL D 6 -24.46 8.20 -37.21
N PHE D 7 -24.02 7.31 -36.32
CA PHE D 7 -22.65 7.42 -35.79
C PHE D 7 -21.58 7.16 -36.85
N SER D 8 -21.65 5.99 -37.51
CA SER D 8 -20.62 5.65 -38.48
C SER D 8 -20.65 6.60 -39.65
N GLU D 9 -21.83 7.08 -40.00
CA GLU D 9 -22.01 8.03 -41.11
C GLU D 9 -21.16 9.29 -40.88
N ARG D 10 -21.19 9.79 -39.64
CA ARG D 10 -20.53 11.03 -39.28
C ARG D 10 -19.08 10.84 -38.78
N THR D 11 -18.59 9.59 -38.69
CA THR D 11 -17.32 9.33 -37.98
C THR D 11 -16.35 8.43 -38.73
N GLU D 12 -15.12 8.90 -38.90
CA GLU D 12 -14.06 8.07 -39.47
C GLU D 12 -13.76 6.90 -38.53
N GLU D 13 -13.71 5.69 -39.08
CA GLU D 13 -13.53 4.51 -38.25
C GLU D 13 -12.24 4.58 -37.42
N SER D 14 -11.14 5.04 -37.99
CA SER D 14 -9.90 5.12 -37.21
C SER D 14 -10.05 6.04 -35.99
N SER D 15 -10.70 7.19 -36.16
CA SER D 15 -11.01 8.08 -35.05
C SER D 15 -11.82 7.36 -33.97
N ALA D 16 -12.84 6.61 -34.38
CA ALA D 16 -13.73 5.93 -33.46
C ALA D 16 -13.02 4.83 -32.68
N VAL D 17 -12.14 4.09 -33.35
CA VAL D 17 -11.40 3.02 -32.71
C VAL D 17 -10.56 3.63 -31.58
N GLN D 18 -9.79 4.66 -31.92
CA GLN D 18 -8.98 5.39 -30.94
C GLN D 18 -9.80 5.98 -29.79
N TYR D 19 -10.95 6.58 -30.11
CA TYR D 19 -11.83 7.21 -29.12
C TYR D 19 -12.30 6.21 -28.05
N PHE D 20 -12.84 5.07 -28.48
CA PHE D 20 -13.34 4.11 -27.53
C PHE D 20 -12.23 3.34 -26.81
N GLN D 21 -11.11 3.13 -27.48
CA GLN D 21 -9.93 2.60 -26.79
C GLN D 21 -9.57 3.47 -25.60
N PHE D 22 -9.57 4.78 -25.79
CA PHE D 22 -9.31 5.77 -24.72
C PHE D 22 -10.18 5.54 -23.47
N TYR D 23 -11.48 5.40 -23.69
CA TYR D 23 -12.45 5.26 -22.61
C TYR D 23 -12.57 3.83 -22.05
N GLY D 24 -11.92 2.87 -22.71
CA GLY D 24 -11.95 1.49 -22.24
C GLY D 24 -10.98 1.23 -21.09
N TYR D 25 -10.20 2.24 -20.71
CA TYR D 25 -9.24 2.13 -19.62
C TYR D 25 -9.87 2.55 -18.29
N LEU D 26 -9.75 1.68 -17.29
CA LEU D 26 -10.20 2.02 -15.93
C LEU D 26 -9.54 3.31 -15.45
N SER D 27 -8.28 3.52 -15.82
CA SER D 27 -7.58 4.74 -15.38
C SER D 27 -8.21 6.02 -15.94
N GLN D 28 -8.80 5.96 -17.14
CA GLN D 28 -9.46 7.13 -17.72
C GLN D 28 -10.79 7.42 -17.00
N GLN D 29 -11.59 6.37 -16.77
CA GLN D 29 -12.82 6.49 -16.00
C GLN D 29 -12.49 7.04 -14.60
N GLN D 30 -11.42 6.53 -14.00
CA GLN D 30 -10.93 6.99 -12.71
C GLN D 30 -10.59 8.47 -12.76
N ASN D 31 -9.89 8.92 -13.82
CA ASN D 31 -9.58 10.34 -13.97
C ASN D 31 -10.84 11.24 -13.87
N MET D 32 -11.89 10.81 -14.56
CA MET D 32 -13.13 11.57 -14.55
C MET D 32 -13.84 11.42 -13.19
N MET D 33 -13.82 10.20 -12.64
CA MET D 33 -14.47 9.97 -11.36
C MET D 33 -13.84 10.81 -10.25
N GLN D 34 -12.52 10.88 -10.21
CA GLN D 34 -11.88 11.58 -9.10
C GLN D 34 -11.87 13.10 -9.25
N ASP D 35 -12.47 13.63 -10.34
CA ASP D 35 -12.75 15.06 -10.40
C ASP D 35 -13.95 15.28 -9.47
N TYR D 36 -13.65 15.73 -8.25
CA TYR D 36 -14.68 15.80 -7.21
C TYR D 36 -15.81 16.80 -7.54
N VAL D 37 -15.40 17.97 -7.99
CA VAL D 37 -16.35 18.98 -8.49
C VAL D 37 -17.35 18.37 -9.48
N ARG D 38 -16.83 17.64 -10.46
CA ARG D 38 -17.68 17.01 -11.51
C ARG D 38 -18.60 15.94 -10.90
N THR D 39 -17.99 14.95 -10.27
CA THR D 39 -18.71 13.78 -9.81
C THR D 39 -19.68 14.15 -8.69
N GLY D 40 -19.18 14.97 -7.77
CA GLY D 40 -19.95 15.50 -6.62
C GLY D 40 -21.14 16.35 -7.04
N THR D 41 -20.94 17.18 -8.06
CA THR D 41 -22.04 18.02 -8.57
C THR D 41 -23.12 17.17 -9.25
N TYR D 42 -22.71 16.20 -10.08
CA TYR D 42 -23.67 15.28 -10.70
C TYR D 42 -24.49 14.51 -9.65
N GLN D 43 -23.82 13.98 -8.63
CA GLN D 43 -24.51 13.25 -7.56
C GLN D 43 -25.52 14.16 -6.88
N ARG D 44 -25.12 15.37 -6.53
CA ARG D 44 -26.02 16.23 -5.76
C ARG D 44 -27.17 16.77 -6.61
N ALA D 45 -26.90 17.04 -7.90
CA ALA D 45 -27.98 17.36 -8.85
C ALA D 45 -29.04 16.25 -8.92
N ILE D 46 -28.61 15.00 -8.96
CA ILE D 46 -29.52 13.85 -9.07
C ILE D 46 -30.26 13.65 -7.74
N LEU D 47 -29.50 13.61 -6.64
CA LEU D 47 -30.07 13.42 -5.30
C LEU D 47 -30.97 14.54 -4.85
N GLN D 48 -30.57 15.79 -5.06
CA GLN D 48 -31.39 16.93 -4.61
C GLN D 48 -32.68 17.09 -5.42
N ASN D 49 -32.71 16.50 -6.62
CA ASN D 49 -33.90 16.47 -7.44
C ASN D 49 -34.49 15.06 -7.48
N HIS D 50 -34.63 14.47 -6.28
CA HIS D 50 -35.00 13.05 -6.12
C HIS D 50 -36.36 12.70 -6.74
N THR D 51 -37.31 13.63 -6.73
CA THR D 51 -38.62 13.37 -7.34
C THR D 51 -38.54 13.19 -8.86
N ASP D 52 -37.48 13.69 -9.49
CA ASP D 52 -37.27 13.50 -10.94
C ASP D 52 -36.78 12.08 -11.27
N PHE D 53 -36.36 11.33 -10.24
CA PHE D 53 -35.84 9.99 -10.41
C PHE D 53 -36.64 8.92 -9.68
N LYS D 54 -37.19 9.25 -8.50
CA LYS D 54 -37.90 8.25 -7.70
C LYS D 54 -38.93 7.49 -8.54
N ASP D 55 -38.73 6.18 -8.67
CA ASP D 55 -39.60 5.30 -9.48
C ASP D 55 -39.74 5.64 -10.96
N LYS D 56 -38.72 6.28 -11.52
CA LYS D 56 -38.72 6.66 -12.92
C LYS D 56 -37.90 5.70 -13.78
N ILE D 57 -38.00 5.87 -15.09
CA ILE D 57 -37.17 5.14 -16.05
C ILE D 57 -36.08 6.10 -16.57
N VAL D 58 -34.83 5.67 -16.45
CA VAL D 58 -33.69 6.53 -16.76
C VAL D 58 -32.84 5.91 -17.87
N LEU D 59 -32.30 6.78 -18.72
CA LEU D 59 -31.30 6.39 -19.71
C LEU D 59 -29.99 7.11 -19.40
N ASP D 60 -28.89 6.35 -19.35
CA ASP D 60 -27.56 6.91 -19.09
C ASP D 60 -26.75 6.73 -20.38
N VAL D 61 -26.46 7.85 -21.03
CA VAL D 61 -25.83 7.83 -22.34
C VAL D 61 -24.32 7.81 -22.12
N GLY D 62 -23.69 6.66 -22.39
CA GLY D 62 -22.23 6.54 -22.22
C GLY D 62 -21.87 6.36 -20.74
N CYS D 63 -22.38 5.29 -20.13
CA CYS D 63 -22.31 5.13 -18.68
C CYS D 63 -20.87 5.05 -18.11
N GLY D 64 -19.91 4.69 -18.95
CA GLY D 64 -18.55 4.50 -18.45
C GLY D 64 -18.59 3.45 -17.35
N SER D 65 -18.05 3.81 -16.18
CA SER D 65 -18.02 2.95 -14.99
C SER D 65 -19.42 2.57 -14.49
N GLY D 66 -20.39 3.41 -14.82
CA GLY D 66 -21.76 3.19 -14.40
C GLY D 66 -22.13 4.18 -13.33
N ILE D 67 -21.17 5.03 -12.94
CA ILE D 67 -21.29 5.91 -11.77
C ILE D 67 -22.60 6.73 -11.75
N LEU D 68 -22.98 7.31 -12.89
CA LEU D 68 -24.16 8.18 -12.92
C LEU D 68 -25.44 7.35 -12.74
N SER D 69 -25.45 6.15 -13.32
CA SER D 69 -26.54 5.21 -13.10
C SER D 69 -26.68 4.76 -11.63
N PHE D 70 -25.58 4.61 -10.91
CA PHE D 70 -25.66 4.36 -9.46
C PHE D 70 -26.27 5.55 -8.69
N PHE D 71 -25.93 6.76 -9.12
CA PHE D 71 -26.52 7.94 -8.50
C PHE D 71 -28.03 7.94 -8.75
N ALA D 72 -28.44 7.59 -9.98
CA ALA D 72 -29.86 7.45 -10.31
C ALA D 72 -30.54 6.38 -9.43
N ALA D 73 -29.83 5.28 -9.20
CA ALA D 73 -30.33 4.22 -8.34
C ALA D 73 -30.44 4.71 -6.88
N GLN D 74 -29.46 5.49 -6.42
CA GLN D 74 -29.53 6.11 -5.10
C GLN D 74 -30.76 7.01 -4.96
N ALA D 75 -31.14 7.66 -6.05
CA ALA D 75 -32.26 8.60 -6.02
C ALA D 75 -33.59 7.89 -6.22
N GLY D 76 -33.55 6.56 -6.28
CA GLY D 76 -34.78 5.77 -6.29
C GLY D 76 -35.37 5.39 -7.63
N ALA D 77 -34.63 5.60 -8.72
CA ALA D 77 -35.08 5.21 -10.06
C ALA D 77 -35.47 3.75 -10.14
N ARG D 78 -36.56 3.48 -10.87
CA ARG D 78 -37.12 2.14 -11.02
C ARG D 78 -36.31 1.29 -12.02
N LYS D 79 -35.92 1.90 -13.12
CA LYS D 79 -35.18 1.19 -14.17
C LYS D 79 -34.22 2.16 -14.85
N ILE D 80 -32.96 1.74 -14.97
CA ILE D 80 -31.91 2.56 -15.58
C ILE D 80 -31.20 1.79 -16.69
N TYR D 81 -31.36 2.27 -17.93
CA TYR D 81 -30.63 1.76 -19.08
C TYR D 81 -29.27 2.48 -19.21
N ALA D 82 -28.21 1.70 -19.04
CA ALA D 82 -26.85 2.24 -19.07
C ALA D 82 -26.18 1.78 -20.36
N VAL D 83 -26.10 2.69 -21.31
CA VAL D 83 -25.53 2.41 -22.64
C VAL D 83 -24.07 2.87 -22.70
N GLU D 84 -23.21 1.97 -23.16
CA GLU D 84 -21.75 2.20 -23.21
C GLU D 84 -21.13 1.48 -24.40
N ALA D 85 -20.43 2.22 -25.26
CA ALA D 85 -19.86 1.69 -26.50
C ALA D 85 -18.46 1.07 -26.36
N SER D 86 -17.68 1.50 -25.37
CA SER D 86 -16.33 0.94 -25.17
C SER D 86 -16.39 -0.37 -24.38
N THR D 87 -15.26 -1.04 -24.29
CA THR D 87 -15.15 -2.28 -23.53
C THR D 87 -15.36 -2.02 -22.01
N MET D 88 -15.54 -0.76 -21.62
CA MET D 88 -15.86 -0.42 -20.22
C MET D 88 -17.18 -1.02 -19.81
N ALA D 89 -18.06 -1.25 -20.79
CA ALA D 89 -19.37 -1.87 -20.54
C ALA D 89 -19.28 -3.15 -19.70
N GLN D 90 -18.23 -3.94 -19.92
CA GLN D 90 -18.08 -5.20 -19.21
C GLN D 90 -17.79 -4.92 -17.73
N HIS D 91 -17.03 -3.87 -17.47
CA HIS D 91 -16.71 -3.50 -16.10
C HIS D 91 -17.92 -2.95 -15.38
N ALA D 92 -18.72 -2.13 -16.07
CA ALA D 92 -19.94 -1.58 -15.49
C ALA D 92 -20.91 -2.72 -15.15
N GLU D 93 -20.98 -3.72 -16.02
CA GLU D 93 -21.76 -4.94 -15.77
C GLU D 93 -21.37 -5.60 -14.43
N VAL D 94 -20.06 -5.72 -14.20
CA VAL D 94 -19.50 -6.30 -12.97
C VAL D 94 -19.94 -5.49 -11.74
N LEU D 95 -19.90 -4.17 -11.86
CA LEU D 95 -20.31 -3.30 -10.77
C LEU D 95 -21.79 -3.39 -10.42
N VAL D 96 -22.65 -3.54 -11.44
CA VAL D 96 -24.10 -3.63 -11.24
C VAL D 96 -24.43 -4.90 -10.43
N LYS D 97 -23.84 -6.03 -10.82
CA LYS D 97 -24.04 -7.30 -10.09
C LYS D 97 -23.51 -7.18 -8.67
N SER D 98 -22.26 -6.72 -8.55
CA SER D 98 -21.58 -6.61 -7.27
C SER D 98 -22.27 -5.64 -6.32
N ASN D 99 -22.96 -4.65 -6.88
CA ASN D 99 -23.74 -3.71 -6.05
C ASN D 99 -25.21 -4.15 -5.94
N ASN D 100 -25.50 -5.38 -6.39
CA ASN D 100 -26.81 -5.99 -6.26
C ASN D 100 -27.92 -5.14 -6.88
N LEU D 101 -27.69 -4.70 -8.10
CA LEU D 101 -28.63 -3.80 -8.77
C LEU D 101 -29.09 -4.31 -10.12
N THR D 102 -28.89 -5.61 -10.36
CA THR D 102 -29.23 -6.23 -11.64
C THR D 102 -30.71 -6.07 -12.01
N ASP D 103 -31.57 -6.01 -11.00
CA ASP D 103 -33.02 -5.81 -11.21
C ASP D 103 -33.37 -4.36 -11.63
N ARG D 104 -32.42 -3.44 -11.50
CA ARG D 104 -32.71 -2.02 -11.70
C ARG D 104 -31.80 -1.30 -12.71
N ILE D 105 -30.58 -1.81 -12.92
CA ILE D 105 -29.68 -1.24 -13.92
C ILE D 105 -29.40 -2.28 -14.99
N VAL D 106 -29.72 -1.96 -16.24
CA VAL D 106 -29.42 -2.82 -17.38
C VAL D 106 -28.32 -2.18 -18.22
N VAL D 107 -27.17 -2.84 -18.28
CA VAL D 107 -26.07 -2.37 -19.09
C VAL D 107 -26.27 -2.84 -20.51
N ILE D 108 -26.27 -1.90 -21.45
CA ILE D 108 -26.36 -2.24 -22.86
C ILE D 108 -25.05 -1.87 -23.57
N PRO D 109 -24.26 -2.87 -23.98
CA PRO D 109 -23.03 -2.57 -24.71
C PRO D 109 -23.37 -2.10 -26.13
N GLY D 110 -22.71 -1.03 -26.57
CA GLY D 110 -22.90 -0.54 -27.93
C GLY D 110 -23.13 0.96 -27.97
N LYS D 111 -23.23 1.49 -29.18
CA LYS D 111 -23.40 2.92 -29.39
C LYS D 111 -24.87 3.28 -29.23
N VAL D 112 -25.14 4.42 -28.61
CA VAL D 112 -26.52 4.83 -28.35
C VAL D 112 -27.31 5.01 -29.64
N GLU D 113 -26.62 5.32 -30.74
CA GLU D 113 -27.31 5.47 -32.00
C GLU D 113 -27.49 4.14 -32.74
N GLU D 114 -27.01 3.05 -32.14
CA GLU D 114 -27.12 1.71 -32.77
C GLU D 114 -27.88 0.65 -31.96
N VAL D 115 -27.96 0.79 -30.64
CA VAL D 115 -28.66 -0.21 -29.83
C VAL D 115 -30.16 0.09 -29.80
N SER D 116 -30.97 -0.83 -29.32
CA SER D 116 -32.38 -0.51 -29.06
C SER D 116 -32.68 -0.52 -27.56
N LEU D 117 -33.49 0.44 -27.13
CA LEU D 117 -34.02 0.41 -25.79
C LEU D 117 -35.37 -0.29 -25.84
N PRO D 118 -35.70 -1.10 -24.82
CA PRO D 118 -37.00 -1.77 -24.80
C PRO D 118 -38.19 -0.83 -24.54
N GLU D 119 -37.93 0.34 -23.95
CA GLU D 119 -39.00 1.30 -23.66
C GLU D 119 -38.50 2.74 -23.64
N GLN D 120 -39.45 3.68 -23.65
CA GLN D 120 -39.15 5.10 -23.51
C GLN D 120 -38.84 5.44 -22.06
N VAL D 121 -38.12 6.55 -21.86
CA VAL D 121 -37.60 6.93 -20.55
C VAL D 121 -38.14 8.29 -20.13
N ASP D 122 -38.12 8.54 -18.82
CA ASP D 122 -38.56 9.80 -18.23
C ASP D 122 -37.46 10.85 -18.27
N ILE D 123 -36.23 10.41 -18.14
CA ILE D 123 -35.10 11.32 -18.00
C ILE D 123 -33.85 10.67 -18.58
N ILE D 124 -33.06 11.47 -19.27
CA ILE D 124 -31.77 11.03 -19.82
C ILE D 124 -30.69 11.76 -19.05
N ILE D 125 -29.69 10.99 -18.59
CA ILE D 125 -28.54 11.57 -17.91
C ILE D 125 -27.30 11.21 -18.69
N SER D 126 -26.33 12.13 -18.69
CA SER D 126 -25.08 11.91 -19.41
C SER D 126 -24.04 12.89 -18.96
N GLU D 127 -22.78 12.49 -19.06
CA GLU D 127 -21.69 13.45 -18.99
C GLU D 127 -21.00 13.39 -20.35
N PRO D 128 -21.50 14.20 -21.31
CA PRO D 128 -21.00 14.18 -22.69
C PRO D 128 -20.05 15.33 -23.07
N MET D 129 -19.62 16.14 -22.11
CA MET D 129 -18.83 17.35 -22.44
C MET D 129 -17.35 17.05 -22.71
N GLY D 130 -16.83 17.55 -23.84
CA GLY D 130 -15.40 17.49 -24.12
C GLY D 130 -14.70 18.74 -23.62
N TYR D 131 -13.37 18.83 -23.74
CA TYR D 131 -12.72 20.12 -23.51
C TYR D 131 -13.30 21.14 -24.51
N MET D 132 -13.31 22.41 -24.10
CA MET D 132 -14.00 23.48 -24.82
C MET D 132 -15.46 23.14 -25.11
N LEU D 133 -16.05 22.34 -24.22
CA LEU D 133 -17.41 21.83 -24.36
C LEU D 133 -17.65 20.89 -25.53
N PHE D 134 -17.32 21.34 -26.75
CA PHE D 134 -17.72 20.67 -27.97
C PHE D 134 -16.82 19.52 -28.50
N ASN D 135 -15.57 19.43 -28.05
CA ASN D 135 -14.75 18.29 -28.50
C ASN D 135 -15.44 16.97 -28.22
N GLU D 136 -15.13 15.96 -29.05
CA GLU D 136 -15.67 14.57 -28.99
C GLU D 136 -16.96 14.38 -29.80
N ARG D 137 -17.72 15.47 -29.98
CA ARG D 137 -19.03 15.39 -30.63
C ARG D 137 -20.00 14.44 -29.89
N MET D 138 -19.75 14.24 -28.60
CA MET D 138 -20.68 13.40 -27.83
C MET D 138 -21.98 14.15 -27.44
N LEU D 139 -21.96 15.48 -27.47
CA LEU D 139 -23.21 16.25 -27.31
C LEU D 139 -24.29 15.79 -28.31
N GLU D 140 -23.87 15.40 -29.52
CA GLU D 140 -24.82 14.93 -30.52
C GLU D 140 -25.37 13.52 -30.24
N SER D 141 -24.59 12.68 -29.57
CA SER D 141 -25.08 11.36 -29.16
C SER D 141 -26.12 11.56 -28.08
N TYR D 142 -25.88 12.55 -27.23
CA TYR D 142 -26.78 12.93 -26.14
C TYR D 142 -28.10 13.43 -26.71
N LEU D 143 -28.02 14.35 -27.67
CA LEU D 143 -29.23 14.82 -28.40
C LEU D 143 -29.94 13.71 -29.17
N HIS D 144 -29.17 12.86 -29.84
CA HIS D 144 -29.71 11.73 -30.59
C HIS D 144 -30.58 10.81 -29.71
N ALA D 145 -30.16 10.65 -28.46
CA ALA D 145 -30.85 9.84 -27.45
C ALA D 145 -32.27 10.32 -27.13
N LYS D 146 -32.58 11.58 -27.41
CA LYS D 146 -33.96 12.10 -27.28
C LYS D 146 -35.04 11.29 -28.02
N LYS D 147 -34.62 10.51 -29.01
CA LYS D 147 -35.56 9.59 -29.69
C LYS D 147 -36.24 8.62 -28.71
N TYR D 148 -35.58 8.38 -27.57
CA TYR D 148 -36.08 7.47 -26.54
C TYR D 148 -36.78 8.21 -25.38
N LEU D 149 -36.82 9.54 -25.46
CA LEU D 149 -37.34 10.35 -24.37
C LEU D 149 -38.86 10.54 -24.49
N LYS D 150 -39.60 10.21 -23.44
CA LYS D 150 -41.05 10.49 -23.38
C LYS D 150 -41.31 12.00 -23.58
N PRO D 151 -42.45 12.37 -24.20
CA PRO D 151 -42.86 13.78 -24.20
C PRO D 151 -42.79 14.40 -22.80
N SER D 152 -42.33 15.65 -22.72
CA SER D 152 -42.17 16.32 -21.43
C SER D 152 -41.13 15.69 -20.49
N GLY D 153 -40.49 14.60 -20.94
CA GLY D 153 -39.33 14.04 -20.25
C GLY D 153 -38.20 15.06 -20.11
N ASN D 154 -37.20 14.76 -19.29
CA ASN D 154 -36.17 15.73 -18.99
C ASN D 154 -34.77 15.23 -19.37
N MET D 155 -33.80 16.16 -19.37
N MET D 155 -33.80 16.13 -19.34
CA MET D 155 -32.38 15.93 -19.70
CA MET D 155 -32.40 15.78 -19.57
C MET D 155 -31.51 16.48 -18.57
C MET D 155 -31.52 16.45 -18.56
N PHE D 156 -30.55 15.68 -18.11
CA PHE D 156 -29.60 16.08 -17.04
C PHE D 156 -28.18 15.80 -17.54
N PRO D 157 -27.44 16.85 -17.96
CA PRO D 157 -27.79 18.26 -17.82
C PRO D 157 -28.80 18.76 -18.86
N THR D 158 -29.43 19.89 -18.54
CA THR D 158 -30.56 20.41 -19.32
C THR D 158 -30.06 21.41 -20.38
N ILE D 159 -29.13 22.28 -19.97
CA ILE D 159 -28.53 23.27 -20.86
C ILE D 159 -27.00 23.32 -20.67
N GLY D 160 -26.29 23.68 -21.73
CA GLY D 160 -24.85 23.94 -21.66
C GLY D 160 -24.54 25.32 -22.21
N ASP D 161 -23.79 26.11 -21.46
CA ASP D 161 -23.33 27.43 -21.88
C ASP D 161 -21.85 27.40 -22.17
N VAL D 162 -21.45 27.76 -23.38
CA VAL D 162 -20.03 28.01 -23.64
C VAL D 162 -19.78 29.50 -23.45
N HIS D 163 -18.66 29.84 -22.82
CA HIS D 163 -18.24 31.22 -22.65
C HIS D 163 -16.96 31.52 -23.41
N LEU D 164 -16.95 32.66 -24.10
CA LEU D 164 -15.75 33.12 -24.81
C LEU D 164 -15.34 34.49 -24.27
N ALA D 165 -14.04 34.71 -24.07
CA ALA D 165 -13.56 36.03 -23.63
C ALA D 165 -12.18 36.35 -24.19
N PRO D 166 -11.94 37.64 -24.53
CA PRO D 166 -10.64 37.99 -25.05
C PRO D 166 -9.62 38.00 -23.91
N PHE D 167 -8.37 37.65 -24.20
CA PHE D 167 -7.33 37.64 -23.17
C PHE D 167 -6.05 38.28 -23.64
N THR D 168 -5.25 38.73 -22.69
CA THR D 168 -3.91 39.25 -22.97
C THR D 168 -2.92 38.32 -22.26
N ASP D 169 -1.91 37.84 -22.97
CA ASP D 169 -0.93 36.93 -22.39
C ASP D 169 0.30 36.94 -23.28
N GLU D 170 1.08 38.00 -23.09
CA GLU D 170 2.23 38.30 -23.91
C GLU D 170 3.20 37.13 -23.91
N GLN D 171 3.43 36.56 -22.74
CA GLN D 171 4.36 35.44 -22.60
C GLN D 171 3.93 34.20 -23.35
N LEU D 172 2.62 33.91 -23.32
CA LEU D 172 2.11 32.77 -24.08
C LEU D 172 2.25 33.00 -25.59
N TYR D 173 1.97 34.23 -26.04
CA TYR D 173 2.14 34.57 -27.46
C TYR D 173 3.61 34.40 -27.90
N MET D 174 4.54 34.96 -27.14
CA MET D 174 5.97 34.97 -27.52
C MET D 174 6.59 33.55 -27.49
N GLU D 175 6.12 32.74 -26.55
CA GLU D 175 6.52 31.33 -26.44
C GLU D 175 6.33 30.49 -27.75
N GLN D 176 5.33 30.82 -28.56
CA GLN D 176 5.12 30.12 -29.84
C GLN D 176 6.33 30.31 -30.77
N PHE D 177 6.82 31.55 -30.83
CA PHE D 177 7.97 31.91 -31.66
C PHE D 177 9.27 31.43 -31.04
N THR D 178 9.34 31.51 -29.72
CA THR D 178 10.47 30.93 -28.98
C THR D 178 10.67 29.46 -29.36
N LYS D 179 9.59 28.70 -29.31
CA LYS D 179 9.64 27.27 -29.64
C LYS D 179 9.96 27.03 -31.11
N ALA D 180 9.30 27.77 -31.99
CA ALA D 180 9.51 27.66 -33.43
C ALA D 180 10.93 28.03 -33.84
N ASN D 181 11.56 28.94 -33.08
CA ASN D 181 12.93 29.37 -33.36
C ASN D 181 14.01 28.30 -33.28
N PHE D 182 13.68 27.11 -32.78
CA PHE D 182 14.57 25.94 -32.89
C PHE D 182 15.00 25.78 -34.35
N TRP D 183 14.03 25.89 -35.26
CA TRP D 183 14.31 25.72 -36.67
C TRP D 183 15.09 26.87 -37.27
N TYR D 184 15.22 27.99 -36.55
CA TYR D 184 15.90 29.16 -37.12
C TYR D 184 17.38 29.14 -36.75
N GLN D 185 18.07 28.14 -37.28
CA GLN D 185 19.50 28.05 -37.16
C GLN D 185 20.12 27.57 -38.46
N PRO D 186 21.22 28.22 -38.85
CA PRO D 186 21.81 28.00 -40.17
C PRO D 186 22.77 26.82 -40.16
N SER D 187 23.19 26.37 -38.97
CA SER D 187 24.05 25.21 -38.91
C SER D 187 23.72 24.34 -37.70
N PHE D 188 22.60 23.63 -37.78
CA PHE D 188 22.25 22.58 -36.84
C PHE D 188 23.00 21.32 -37.27
N HIS D 189 24.11 21.04 -36.59
CA HIS D 189 25.00 19.92 -37.00
C HIS D 189 25.42 20.06 -38.48
N GLY D 190 25.60 21.30 -38.96
CA GLY D 190 25.85 21.52 -40.38
C GLY D 190 24.64 21.73 -41.28
N VAL D 191 23.43 21.63 -40.76
CA VAL D 191 22.22 21.71 -41.60
C VAL D 191 21.49 23.05 -41.36
N ASP D 192 21.12 23.73 -42.44
CA ASP D 192 20.36 24.99 -42.34
C ASP D 192 18.89 24.67 -42.22
N LEU D 193 18.35 24.83 -41.01
CA LEU D 193 16.96 24.49 -40.69
C LEU D 193 15.97 25.61 -40.96
N SER D 194 16.46 26.82 -41.23
N SER D 194 16.46 26.82 -41.23
CA SER D 194 15.64 28.04 -41.23
CA SER D 194 15.65 28.05 -41.25
C SER D 194 14.41 28.00 -42.14
C SER D 194 14.41 27.98 -42.13
N ALA D 195 14.50 27.24 -43.23
CA ALA D 195 13.39 27.12 -44.18
C ALA D 195 12.12 26.56 -43.55
N LEU D 196 12.25 25.82 -42.44
CA LEU D 196 11.07 25.27 -41.77
C LEU D 196 10.50 26.11 -40.61
N ARG D 197 11.12 27.24 -40.27
CA ARG D 197 10.65 28.03 -39.14
C ARG D 197 9.16 28.42 -39.29
N GLY D 198 8.83 28.94 -40.47
CA GLY D 198 7.45 29.34 -40.77
C GLY D 198 6.45 28.23 -40.51
N ALA D 199 6.78 27.01 -40.95
CA ALA D 199 5.89 25.87 -40.83
C ALA D 199 5.73 25.49 -39.37
N ALA D 200 6.79 25.69 -38.57
CA ALA D 200 6.74 25.38 -37.15
C ALA D 200 5.82 26.37 -36.43
N VAL D 201 5.97 27.67 -36.76
CA VAL D 201 5.05 28.69 -36.20
C VAL D 201 3.60 28.30 -36.53
N ASP D 202 3.32 27.98 -37.80
CA ASP D 202 1.94 27.60 -38.21
C ASP D 202 1.42 26.41 -37.40
N GLU D 203 2.27 25.38 -37.26
CA GLU D 203 1.91 24.19 -36.46
C GLU D 203 1.44 24.54 -35.02
N TYR D 204 2.21 25.35 -34.32
CA TYR D 204 1.85 25.74 -32.94
C TYR D 204 0.55 26.57 -32.88
N PHE D 205 0.40 27.51 -33.81
CA PHE D 205 -0.81 28.35 -33.83
C PHE D 205 -2.11 27.61 -34.13
N ARG D 206 -2.03 26.49 -34.85
CA ARG D 206 -3.19 25.65 -35.15
C ARG D 206 -3.73 24.90 -33.94
N GLN D 207 -2.99 24.90 -32.83
CA GLN D 207 -3.32 24.08 -31.66
C GLN D 207 -3.99 24.92 -30.57
N PRO D 208 -5.28 24.65 -30.27
CA PRO D 208 -5.79 25.32 -29.07
C PRO D 208 -4.96 24.89 -27.84
N VAL D 209 -4.81 25.77 -26.88
CA VAL D 209 -4.00 25.49 -25.70
C VAL D 209 -4.91 25.08 -24.53
N VAL D 210 -4.81 23.82 -24.12
CA VAL D 210 -5.60 23.30 -23.00
C VAL D 210 -4.76 23.47 -21.73
N ASP D 211 -5.18 24.41 -20.90
CA ASP D 211 -4.48 24.75 -19.67
C ASP D 211 -5.34 25.75 -18.91
N THR D 212 -5.09 25.86 -17.62
CA THR D 212 -5.79 26.88 -16.86
C THR D 212 -4.98 28.19 -16.95
N PHE D 213 -5.46 29.26 -16.32
CA PHE D 213 -4.77 30.53 -16.37
C PHE D 213 -5.29 31.44 -15.26
N ASP D 214 -4.58 32.53 -15.00
CA ASP D 214 -5.01 33.52 -14.01
C ASP D 214 -6.12 34.39 -14.61
N ILE D 215 -7.19 34.66 -13.86
CA ILE D 215 -8.31 35.45 -14.40
C ILE D 215 -7.90 36.86 -14.80
N ARG D 216 -6.73 37.30 -14.38
CA ARG D 216 -6.25 38.65 -14.73
C ARG D 216 -5.88 38.84 -16.19
N ILE D 217 -5.75 37.74 -16.94
CA ILE D 217 -5.52 37.82 -18.38
C ILE D 217 -6.79 38.27 -19.14
N LEU D 218 -7.97 38.13 -18.52
CA LEU D 218 -9.24 38.38 -19.22
C LEU D 218 -9.50 39.88 -19.37
N MET D 219 -9.93 40.30 -20.55
CA MET D 219 -10.00 41.73 -20.90
C MET D 219 -11.42 42.26 -21.08
N ALA D 220 -12.40 41.36 -21.01
CA ALA D 220 -13.81 41.72 -21.16
C ALA D 220 -14.66 40.64 -20.56
N LYS D 221 -15.88 41.00 -20.17
CA LYS D 221 -16.88 40.00 -19.76
C LYS D 221 -17.13 39.01 -20.91
N SER D 222 -17.30 37.73 -20.57
CA SER D 222 -17.52 36.68 -21.57
C SER D 222 -18.85 36.85 -22.31
N VAL D 223 -18.89 36.34 -23.52
CA VAL D 223 -20.14 36.22 -24.23
C VAL D 223 -20.49 34.74 -24.13
N LYS D 224 -21.77 34.42 -23.94
CA LYS D 224 -22.15 33.01 -23.87
C LYS D 224 -23.07 32.56 -24.99
N TYR D 225 -22.86 31.31 -25.40
CA TYR D 225 -23.68 30.67 -26.39
C TYR D 225 -24.26 29.43 -25.71
N THR D 226 -25.58 29.33 -25.74
CA THR D 226 -26.30 28.28 -25.02
C THR D 226 -26.81 27.24 -25.95
N VAL D 227 -26.60 25.98 -25.57
CA VAL D 227 -27.24 24.87 -26.23
C VAL D 227 -28.29 24.41 -25.23
N ASN D 228 -29.55 24.45 -25.61
CA ASN D 228 -30.61 23.88 -24.78
C ASN D 228 -30.78 22.42 -25.15
N PHE D 229 -30.42 21.52 -24.25
CA PHE D 229 -30.42 20.10 -24.61
C PHE D 229 -31.83 19.55 -24.79
N LEU D 230 -32.80 20.14 -24.10
CA LEU D 230 -34.20 19.72 -24.27
C LEU D 230 -34.78 20.11 -25.64
N GLU D 231 -34.32 21.22 -26.20
CA GLU D 231 -34.86 21.75 -27.46
C GLU D 231 -34.03 21.49 -28.72
N ALA D 232 -32.72 21.39 -28.56
CA ALA D 232 -31.81 21.30 -29.70
C ALA D 232 -31.94 20.00 -30.50
N LYS D 233 -31.62 20.08 -31.79
CA LYS D 233 -31.53 18.92 -32.69
C LYS D 233 -30.06 18.62 -32.93
N GLU D 234 -29.73 17.39 -33.31
CA GLU D 234 -28.35 17.01 -33.64
C GLU D 234 -27.77 18.01 -34.62
N GLY D 235 -28.53 18.30 -35.69
CA GLY D 235 -28.10 19.20 -36.76
C GLY D 235 -27.69 20.58 -36.29
N ASP D 236 -28.25 21.03 -35.17
CA ASP D 236 -27.83 22.29 -34.52
C ASP D 236 -26.35 22.36 -34.17
N LEU D 237 -25.71 21.20 -34.05
CA LEU D 237 -24.29 21.14 -33.62
C LEU D 237 -23.29 20.90 -34.76
N HIS D 238 -23.78 20.89 -35.99
CA HIS D 238 -22.91 20.70 -37.16
C HIS D 238 -22.11 21.94 -37.54
N ARG D 239 -22.71 23.11 -37.32
CA ARG D 239 -22.08 24.39 -37.62
C ARG D 239 -22.53 25.27 -36.49
N ILE D 240 -21.59 25.67 -35.64
CA ILE D 240 -21.94 26.45 -34.46
C ILE D 240 -21.33 27.83 -34.65
N GLU D 241 -22.21 28.80 -34.90
CA GLU D 241 -21.75 30.15 -35.16
C GLU D 241 -21.91 30.97 -33.90
N ILE D 242 -20.80 31.46 -33.36
CA ILE D 242 -20.80 32.21 -32.12
C ILE D 242 -20.35 33.63 -32.40
N PRO D 243 -21.31 34.55 -32.59
CA PRO D 243 -20.91 35.93 -32.78
C PRO D 243 -20.57 36.52 -31.42
N PHE D 244 -19.66 37.47 -31.40
CA PHE D 244 -19.33 38.18 -30.18
C PHE D 244 -19.13 39.64 -30.48
N LYS D 245 -19.41 40.46 -29.47
CA LYS D 245 -19.03 41.85 -29.47
C LYS D 245 -18.61 42.12 -28.03
N PHE D 246 -17.31 42.13 -27.77
CA PHE D 246 -16.81 42.39 -26.41
C PHE D 246 -16.68 43.87 -26.17
N HIS D 247 -17.20 44.31 -25.04
CA HIS D 247 -17.02 45.66 -24.57
C HIS D 247 -15.80 45.63 -23.66
N MET D 248 -14.68 46.15 -24.17
CA MET D 248 -13.37 45.96 -23.52
C MET D 248 -13.33 46.68 -22.18
N LEU D 249 -12.90 45.96 -21.16
CA LEU D 249 -12.84 46.50 -19.79
C LEU D 249 -11.42 46.93 -19.45
N HIS D 250 -10.46 46.52 -20.27
CA HIS D 250 -9.07 46.91 -20.11
C HIS D 250 -8.42 47.18 -21.45
N SER D 251 -7.44 48.08 -21.44
CA SER D 251 -6.69 48.38 -22.64
C SER D 251 -5.47 47.49 -22.70
N GLY D 252 -5.10 47.03 -23.90
CA GLY D 252 -3.90 46.19 -24.03
C GLY D 252 -3.93 45.43 -25.35
N LEU D 253 -2.94 44.58 -25.58
CA LEU D 253 -2.92 43.74 -26.77
C LEU D 253 -3.70 42.45 -26.52
N VAL D 254 -4.75 42.23 -27.31
CA VAL D 254 -5.51 41.00 -27.28
C VAL D 254 -4.78 39.92 -28.07
N HIS D 255 -4.43 38.83 -27.40
CA HIS D 255 -3.68 37.74 -28.02
C HIS D 255 -4.56 36.58 -28.48
N GLY D 256 -5.80 36.55 -28.02
CA GLY D 256 -6.73 35.48 -28.44
C GLY D 256 -7.99 35.41 -27.62
N LEU D 257 -8.70 34.29 -27.74
CA LEU D 257 -9.95 34.05 -27.04
C LEU D 257 -9.81 32.89 -26.06
N ALA D 258 -10.31 33.11 -24.84
CA ALA D 258 -10.36 32.05 -23.82
C ALA D 258 -11.76 31.45 -23.80
N PHE D 259 -11.83 30.15 -23.56
CA PHE D 259 -13.08 29.41 -23.59
C PHE D 259 -13.26 28.59 -22.32
N TRP D 260 -14.47 28.62 -21.76
CA TRP D 260 -14.87 27.66 -20.72
C TRP D 260 -16.35 27.36 -20.88
N PHE D 261 -16.92 26.49 -20.03
CA PHE D 261 -18.34 26.18 -20.13
C PHE D 261 -18.95 25.83 -18.79
N ASP D 262 -20.26 26.02 -18.70
CA ASP D 262 -21.08 25.58 -17.56
C ASP D 262 -22.18 24.70 -18.10
N VAL D 263 -22.67 23.77 -17.27
CA VAL D 263 -23.91 23.04 -17.56
C VAL D 263 -24.84 23.19 -16.35
N ALA D 264 -26.15 23.13 -16.61
CA ALA D 264 -27.14 23.26 -15.54
C ALA D 264 -28.10 22.10 -15.57
N PHE D 265 -28.38 21.58 -14.38
CA PHE D 265 -29.35 20.52 -14.21
C PHE D 265 -30.59 21.18 -13.67
N ILE D 266 -31.59 21.34 -14.53
CA ILE D 266 -32.82 22.05 -14.17
C ILE D 266 -33.84 21.01 -13.73
N GLY D 267 -33.88 20.75 -12.43
CA GLY D 267 -34.80 19.75 -11.87
C GLY D 267 -36.06 20.39 -11.33
N SER D 268 -37.02 19.57 -10.91
CA SER D 268 -38.29 20.06 -10.36
C SER D 268 -38.12 20.69 -8.99
N ILE D 269 -37.08 20.28 -8.26
CA ILE D 269 -36.84 20.81 -6.91
C ILE D 269 -35.89 22.00 -6.99
N MET D 270 -34.79 21.86 -7.73
CA MET D 270 -33.83 22.95 -7.84
C MET D 270 -32.96 22.83 -9.08
N THR D 271 -32.26 23.93 -9.36
CA THR D 271 -31.28 23.98 -10.44
C THR D 271 -29.88 23.96 -9.86
N VAL D 272 -29.05 23.04 -10.36
CA VAL D 272 -27.68 22.88 -9.87
C VAL D 272 -26.71 23.17 -11.04
N TRP D 273 -25.72 24.00 -10.80
CA TRP D 273 -24.74 24.33 -11.83
C TRP D 273 -23.42 23.58 -11.66
N LEU D 274 -22.87 23.11 -12.76
CA LEU D 274 -21.47 22.68 -12.79
C LEU D 274 -20.69 23.59 -13.72
N SER D 275 -19.73 24.31 -13.15
CA SER D 275 -18.96 25.29 -13.91
C SER D 275 -17.49 24.90 -14.06
N THR D 276 -16.92 25.14 -15.25
CA THR D 276 -15.49 25.00 -15.48
C THR D 276 -14.81 26.35 -15.68
N ALA D 277 -15.45 27.41 -15.18
CA ALA D 277 -14.91 28.77 -15.28
C ALA D 277 -13.58 28.93 -14.54
N PRO D 278 -12.70 29.85 -15.03
CA PRO D 278 -11.41 30.10 -14.39
C PRO D 278 -11.55 30.82 -13.04
N THR D 279 -12.76 31.28 -12.73
CA THR D 279 -13.07 31.88 -11.42
C THR D 279 -13.54 30.80 -10.43
N GLU D 280 -13.67 29.55 -10.91
CA GLU D 280 -14.12 28.43 -10.06
C GLU D 280 -12.96 27.47 -9.82
N PRO D 281 -13.05 26.63 -8.76
CA PRO D 281 -12.03 25.59 -8.59
C PRO D 281 -11.72 24.83 -9.89
N LEU D 282 -10.46 24.52 -10.12
CA LEU D 282 -10.03 23.76 -11.30
C LEU D 282 -10.77 22.43 -11.46
N THR D 283 -11.10 22.08 -12.71
CA THR D 283 -11.62 20.75 -13.04
C THR D 283 -10.70 20.07 -14.04
N HIS D 284 -10.94 18.79 -14.27
CA HIS D 284 -10.17 18.04 -15.27
C HIS D 284 -10.30 18.62 -16.70
N TRP D 285 -11.32 19.46 -16.93
CA TRP D 285 -11.47 20.19 -18.25
C TRP D 285 -10.53 21.39 -18.42
N TYR D 286 -9.92 21.85 -17.32
CA TYR D 286 -9.11 23.07 -17.35
C TYR D 286 -9.94 24.15 -18.09
N GLN D 287 -9.28 24.91 -18.95
CA GLN D 287 -9.94 25.86 -19.87
C GLN D 287 -9.20 25.81 -21.22
N VAL D 288 -9.70 26.52 -22.22
CA VAL D 288 -9.07 26.42 -23.55
C VAL D 288 -8.77 27.84 -24.08
N ARG D 289 -7.60 28.00 -24.69
CA ARG D 289 -7.28 29.26 -25.34
C ARG D 289 -6.84 29.08 -26.79
N CYS D 290 -7.41 29.91 -27.66
CA CYS D 290 -7.05 29.93 -29.08
C CYS D 290 -6.42 31.28 -29.35
N LEU D 291 -5.18 31.26 -29.84
CA LEU D 291 -4.48 32.48 -30.15
C LEU D 291 -4.93 33.09 -31.48
N PHE D 292 -4.85 34.42 -31.57
CA PHE D 292 -4.94 35.07 -32.88
C PHE D 292 -3.57 35.00 -33.52
N GLN D 293 -3.53 35.05 -34.85
CA GLN D 293 -2.25 35.08 -35.55
C GLN D 293 -1.44 36.35 -35.25
N SER D 294 -2.15 37.46 -35.05
CA SER D 294 -1.52 38.73 -34.68
C SER D 294 -2.37 39.35 -33.61
N PRO D 295 -1.74 39.98 -32.62
CA PRO D 295 -2.44 40.63 -31.52
C PRO D 295 -3.16 41.91 -32.00
N LEU D 296 -4.23 42.27 -31.31
CA LEU D 296 -4.99 43.47 -31.65
C LEU D 296 -4.95 44.43 -30.48
N PHE D 297 -4.52 45.67 -30.72
CA PHE D 297 -4.57 46.68 -29.67
C PHE D 297 -6.00 47.17 -29.45
N ALA D 298 -6.47 47.05 -28.21
CA ALA D 298 -7.83 47.50 -27.87
C ALA D 298 -7.78 48.38 -26.63
N LYS D 299 -8.51 49.50 -26.66
CA LYS D 299 -8.64 50.36 -25.48
C LYS D 299 -9.87 49.92 -24.71
N ALA D 300 -9.90 50.14 -23.40
CA ALA D 300 -11.12 49.91 -22.63
C ALA D 300 -12.17 50.84 -23.21
N GLY D 301 -13.41 50.37 -23.29
CA GLY D 301 -14.44 51.09 -24.01
C GLY D 301 -14.57 50.75 -25.49
N ASP D 302 -13.49 50.28 -26.13
CA ASP D 302 -13.57 49.75 -27.52
C ASP D 302 -14.47 48.52 -27.58
N THR D 303 -14.95 48.19 -28.76
CA THR D 303 -15.67 46.93 -28.95
C THR D 303 -14.81 46.06 -29.84
N LEU D 304 -14.73 44.77 -29.48
CA LEU D 304 -14.01 43.80 -30.31
C LEU D 304 -15.05 42.83 -30.84
N SER D 305 -15.31 42.91 -32.15
CA SER D 305 -16.37 42.09 -32.74
C SER D 305 -15.87 41.02 -33.75
N GLY D 306 -16.66 39.99 -33.95
CA GLY D 306 -16.30 38.94 -34.88
C GLY D 306 -17.10 37.71 -34.59
N THR D 307 -16.56 36.58 -35.01
CA THR D 307 -17.27 35.32 -35.03
C THR D 307 -16.30 34.20 -34.68
N CYS D 308 -16.74 33.26 -33.83
CA CYS D 308 -16.03 31.98 -33.66
C CYS D 308 -16.92 30.96 -34.32
N LEU D 309 -16.46 30.39 -35.43
CA LEU D 309 -17.27 29.42 -36.16
C LEU D 309 -16.72 27.99 -35.97
N LEU D 310 -17.57 27.08 -35.48
CA LEU D 310 -17.15 25.71 -35.27
C LEU D 310 -17.82 24.81 -36.27
N ILE D 311 -17.00 24.18 -37.10
CA ILE D 311 -17.48 23.32 -38.16
C ILE D 311 -17.14 21.87 -37.80
N ALA D 312 -18.16 21.06 -37.57
CA ALA D 312 -17.95 19.67 -37.18
C ALA D 312 -17.20 18.92 -38.29
N ASN D 313 -16.34 18.01 -37.86
CA ASN D 313 -15.57 17.17 -38.77
C ASN D 313 -15.77 15.69 -38.41
N LYS D 314 -15.31 14.81 -39.28
CA LYS D 314 -15.54 13.39 -39.08
C LYS D 314 -14.50 12.76 -38.11
N ARG D 315 -13.67 13.59 -37.50
CA ARG D 315 -12.75 13.15 -36.44
C ARG D 315 -13.28 13.43 -35.03
N GLN D 316 -14.61 13.44 -34.90
CA GLN D 316 -15.30 13.65 -33.59
C GLN D 316 -14.89 14.97 -32.96
N SER D 317 -14.71 15.98 -33.79
CA SER D 317 -14.35 17.28 -33.28
C SER D 317 -14.74 18.40 -34.25
N TYR D 318 -14.06 19.53 -34.15
CA TYR D 318 -14.43 20.75 -34.88
C TYR D 318 -13.21 21.46 -35.40
N ASP D 319 -13.37 22.04 -36.59
CA ASP D 319 -12.44 23.02 -37.08
C ASP D 319 -12.93 24.36 -36.60
N ILE D 320 -12.02 25.11 -36.00
CA ILE D 320 -12.36 26.37 -35.36
C ILE D 320 -11.87 27.51 -36.25
N SER D 321 -12.79 28.40 -36.63
CA SER D 321 -12.39 29.59 -37.34
C SER D 321 -12.77 30.79 -36.50
N ILE D 322 -11.79 31.64 -36.22
CA ILE D 322 -12.00 32.82 -35.40
C ILE D 322 -11.60 34.04 -36.20
N VAL D 323 -12.52 35.00 -36.30
CA VAL D 323 -12.22 36.27 -36.92
C VAL D 323 -12.62 37.34 -35.91
N ALA D 324 -11.76 38.34 -35.75
CA ALA D 324 -12.04 39.40 -34.78
C ALA D 324 -11.50 40.69 -35.32
N GLN D 325 -12.15 41.78 -34.93
CA GLN D 325 -11.62 43.11 -35.21
C GLN D 325 -12.02 44.12 -34.15
N VAL D 326 -11.17 45.11 -33.98
CA VAL D 326 -11.41 46.21 -33.06
C VAL D 326 -12.19 47.24 -33.85
N ASP D 327 -13.48 47.38 -33.54
CA ASP D 327 -14.37 48.16 -34.40
C ASP D 327 -13.93 49.60 -34.61
N GLN D 328 -13.30 50.20 -33.60
CA GLN D 328 -12.91 51.62 -33.65
C GLN D 328 -11.67 51.87 -34.50
N THR D 329 -10.89 50.83 -34.80
CA THR D 329 -9.65 51.01 -35.56
C THR D 329 -9.63 50.26 -36.88
N GLY D 330 -10.51 49.28 -37.05
CA GLY D 330 -10.49 48.42 -38.23
C GLY D 330 -9.42 47.34 -38.21
N SER D 331 -8.56 47.39 -37.20
CA SER D 331 -7.51 46.39 -37.02
C SER D 331 -8.13 44.99 -36.80
N LYS D 332 -7.70 44.01 -37.61
CA LYS D 332 -8.34 42.70 -37.59
C LYS D 332 -7.39 41.49 -37.57
N SER D 333 -7.84 40.38 -37.00
CA SER D 333 -7.03 39.15 -37.07
C SER D 333 -7.91 37.92 -37.08
N SER D 334 -7.30 36.78 -37.33
CA SER D 334 -8.04 35.54 -37.36
C SER D 334 -7.10 34.38 -37.04
N ASN D 335 -7.67 33.18 -37.03
CA ASN D 335 -6.90 31.97 -36.95
C ASN D 335 -7.80 30.83 -37.32
N LEU D 336 -7.18 29.70 -37.65
CA LEU D 336 -7.87 28.46 -37.92
C LEU D 336 -7.24 27.43 -37.01
N LEU D 337 -8.06 26.70 -36.24
CA LEU D 337 -7.47 25.76 -35.27
C LEU D 337 -8.09 24.39 -35.40
N ASP D 338 -7.31 23.37 -35.08
CA ASP D 338 -7.76 21.98 -35.12
C ASP D 338 -8.01 21.51 -33.65
N LEU D 339 -9.28 21.54 -33.24
CA LEU D 339 -9.65 21.23 -31.87
C LEU D 339 -9.24 19.82 -31.41
N LYS D 340 -9.30 18.85 -32.34
CA LYS D 340 -8.97 17.44 -32.06
C LYS D 340 -7.51 17.26 -31.68
N ASN D 341 -6.66 18.19 -32.14
CA ASN D 341 -5.21 18.10 -31.91
C ASN D 341 -4.60 19.31 -31.21
N PRO D 342 -4.97 19.52 -29.93
CA PRO D 342 -4.58 20.69 -29.18
C PRO D 342 -3.22 20.49 -28.49
N PHE D 343 -2.71 21.55 -27.88
CA PHE D 343 -1.52 21.47 -27.04
C PHE D 343 -1.99 21.33 -25.58
N PHE D 344 -1.76 20.16 -25.01
CA PHE D 344 -2.18 19.89 -23.64
C PHE D 344 -1.12 20.48 -22.70
N ARG D 345 -1.15 21.81 -22.58
CA ARG D 345 -0.07 22.54 -21.92
C ARG D 345 0.02 22.22 -20.44
N TYR D 346 -1.10 21.90 -19.81
CA TYR D 346 -1.10 21.61 -18.37
C TYR D 346 -0.17 20.44 -17.97
N THR D 347 0.16 19.56 -18.92
CA THR D 347 1.05 18.40 -18.66
C THR D 347 2.51 18.78 -18.42
#